data_5Z8F
#
_entry.id   5Z8F
#
loop_
_entity.id
_entity.type
_entity.pdbx_description
1 polymer 'G-quadruplex DNA (26-MER)'
2 non-polymer 4-[1-(2,5,8-triazonia-1$l^4-platinabicyclo[3.3.0]octan-1-yl)pyridin-1-ium-4-yl]-N,N-bis[4-[1-(2,5,8-triazonia-1$l^4-platinabicyclo[3.3.0]octan-1-yl)pyridin-1-ium-4-yl]phenyl]aniline
#
_entity_poly.entity_id   1
_entity_poly.type   'polydeoxyribonucleotide'
_entity_poly.pdbx_seq_one_letter_code
;(DA)(DA)(DA)(DG)(DG)(DG)(DT)(DT)(DA)(DG)(DG)(DG)(DT)(DT)(DA)(DG)(DG)(DG)(DT)(DT)
(DA)(DG)(DG)(DG)(DA)(DA)
;
_entity_poly.pdbx_strand_id   A,B
#
loop_
_chem_comp.id
_chem_comp.type
_chem_comp.name
_chem_comp.formula
9F0 non-polymer 4-[1-(2,5,8-triazonia-1$l^4-platinabicyclo[3.3.0]octan-1-yl)pyridin-1-ium-4-yl]-N,N-bis[4-[1-(2,5,8-triazonia-1$l^4-platinabicyclo[3.3.0]octan-1-yl)pyridin-1-ium-4-yl]phenyl]aniline 'C45 H63 N13 Pt3 12'
DA DNA linking 2'-DEOXYADENOSINE-5'-MONOPHOSPHATE 'C10 H14 N5 O6 P'
DG DNA linking 2'-DEOXYGUANOSINE-5'-MONOPHOSPHATE 'C10 H14 N5 O7 P'
DT DNA linking THYMIDINE-5'-MONOPHOSPHATE 'C10 H15 N2 O8 P'
#
# COMPACT_ATOMS: atom_id res chain seq x y z
C2 9F0 C . -12.44 10.48 18.92
C3 9F0 C . -13.10 12.46 17.55
C4 9F0 C . -10.91 12.43 18.74
C5 9F0 C . -12.63 13.20 16.45
C7 9F0 C . -14.90 13.74 15.83
C8 9F0 C . -15.38 13.00 16.92
C10 9F0 C . -9.71 11.79 18.43
C12 9F0 C . -8.47 13.65 19.37
C14 9F0 C . -10.90 13.68 19.37
C21 9F0 C . -13.27 6.54 20.43
C22 9F0 C . -7.18 14.30 19.70
C23 9F0 C . -16.85 13.69 14.28
C24 9F0 C . -17.73 14.33 13.42
C27 9F0 C . -15.76 15.80 14.68
C28 9F0 C . -6.17 13.58 20.32
N30 9F0 C . -4.77 15.52 20.31
C32 9F0 C . -6.96 15.64 19.38
C34 9F0 C . -12.65 4.65 21.78
N41 9F0 C . -13.11 1.29 20.56
C50 9F0 C . -13.11 -0.23 20.81
C51 9F0 C . -13.37 -0.54 22.31
N49 9F0 C . -14.53 0.28 22.80
C52 9F0 C . -14.71 0.48 24.28
C53 9F0 C . -15.63 1.70 24.55
N42 9F0 C . -15.22 2.91 23.68
PT2 9F0 C . -14.16 2.12 22.10
N35 9F0 C . -13.79 4.00 21.39
C36 9F0 C . -14.66 4.59 20.53
C37 9F0 C . -14.43 5.87 20.04
C33 9F0 C . -12.38 5.93 21.30
C17 9F0 C . -12.99 7.91 19.91
C18 9F0 C . -12.34 8.85 20.72
C19 9F0 C . -12.07 10.14 20.23
C16 9F0 C . -13.35 8.26 18.60
C15 9F0 C . -13.09 9.53 18.12
N1 9F0 C . -12.16 11.80 18.41
C13 9F0 C . -9.68 14.29 19.68
C11 9F0 C . -8.49 12.41 18.74
C31 9F0 C . -5.75 16.24 19.69
C29 9F0 C . -4.96 14.20 20.63
PT1 9F0 C . -2.98 16.42 20.76
N47 9F0 C . -2.19 15.76 18.99
C60 9F0 C . -0.76 16.36 18.94
C61 9F0 C . -0.64 17.60 19.86
N46 9F0 C . -1.24 17.30 21.20
C59 9F0 C . -1.64 18.44 22.09
C58 9F0 C . -2.64 17.95 23.16
N48 9F0 C . -3.75 17.09 22.54
C9 9F0 C . -14.47 12.36 17.78
C6 9F0 C . -13.53 13.85 15.60
C20 9F0 C . -15.85 14.43 14.92
C26 9F0 C . -16.66 16.41 13.82
N25 9F0 C . -17.63 15.68 13.20
PT3 9F0 C . -18.93 16.61 11.92
N43 9F0 C . -19.17 14.87 10.86
C57 9F0 C . -20.19 15.19 9.76
C56 9F0 C . -21.08 16.39 10.16
N45 9F0 C . -20.21 17.51 10.67
C55 9F0 C . -20.85 18.60 11.51
C54 9F0 C . -19.65 19.34 12.19
N44 9F0 C . -18.75 18.36 12.94
H5 9F0 C . -11.56 13.28 16.27
H8 9F0 C . -16.45 12.93 17.10
H10 9F0 C . -9.72 10.82 17.94
H14 9F0 C . -11.84 14.18 19.61
H23 9F0 C . -16.94 12.62 14.45
H24 9F0 C . -18.52 13.76 12.92
H27 9F0 C . -14.98 16.38 15.18
H28 9F0 C . -6.33 12.53 20.57
H32 9F0 C . -7.75 16.22 18.89
H34 9F0 C . -11.96 4.17 22.47
H9X 9F0 C . -12.17 1.65 20.56
H50 9F0 C . -12.15 -0.64 20.52
H9L 9F0 C . -13.90 -0.69 20.21
H51 9F0 C . -12.48 -0.28 22.89
H9M 9F0 C . -13.59 -1.60 22.44
H9N 9F0 C . -15.15 -0.41 24.73
H52 9F0 C . -13.74 0.66 24.74
H9O 9F0 C . -16.65 1.42 24.33
H53 9F0 C . -15.55 1.98 25.60
H9Y 9F0 C . -16.04 3.38 23.34
H36 9F0 C . -15.57 4.06 20.23
H37 9F0 C . -15.13 6.33 19.36
H33 9F0 C . -11.47 6.45 21.61
H18 9F0 C . -12.05 8.59 21.74
H19 9F0 C . -11.56 10.86 20.86
H16 9F0 C . -13.87 7.53 17.97
H15 9F0 C . -13.38 9.80 17.11
H13 9F0 C . -9.67 15.26 20.16
H11 9F0 C . -7.55 11.91 18.51
H31 9F0 C . -5.59 17.29 19.45
H29 9F0 C . -4.17 13.63 21.11
H91 9F0 C . -2.15 14.77 18.96
H9V 9F0 C . -0.05 15.60 19.27
H60 9F0 C . -0.53 16.64 17.91
H9W 9F0 C . 0.42 17.85 19.98
H61 9F0 C . -1.17 18.44 19.40
H59 9F0 C . -2.09 19.22 21.50
H9U 9F0 C . -0.74 18.83 22.59
H58 9F0 C . -3.09 18.82 23.65
H9T 9F0 C . -2.11 17.36 23.91
H48 9F0 C . -4.57 17.64 22.37
H9 9F0 C . -14.85 11.78 18.62
H6 9F0 C . -13.16 14.43 14.76
H26 9F0 C . -16.58 17.48 13.64
H43 9F0 C . -19.52 14.14 11.46
H9S 9F0 C . -19.66 15.43 8.83
H57 9F0 C . -20.82 14.31 9.59
H9R 9F0 C . -21.65 16.73 9.29
H56 9F0 C . -21.78 16.09 10.95
H9Q 9F0 C . -21.41 19.29 10.88
H55 9F0 C . -21.49 18.17 12.27
H54 9F0 C . -20.04 20.08 12.89
H9P 9F0 C . -19.07 19.85 11.42
H44 9F0 C . -19.06 18.25 13.89
H41 9F0 C . -13.55 1.50 19.68
H42 9F0 C . -14.64 3.54 24.20
H9Z 9F0 C . -18.30 14.59 10.46
H90 9F0 C . -17.80 18.67 12.92
H45 9F0 C . -19.70 17.93 9.91
H46 9F0 C . -0.66 16.66 21.71
H47 9F0 C . -2.73 16.11 18.21
H92 9F0 C . -3.98 16.32 23.13
H49 9F0 C . -15.39 -0.07 22.41
C2 9F0 D . -5.81 4.37 5.40
C3 9F0 D . -8.07 3.32 5.29
C4 9F0 D . -6.16 2.09 6.32
C5 9F0 D . -8.68 2.21 4.70
C7 9F0 D . -10.77 3.44 4.58
C8 9F0 D . -10.15 4.55 5.18
C10 9F0 D . -4.93 1.55 5.97
C12 9F0 D . -5.19 -0.18 7.63
C14 9F0 D . -6.91 1.49 7.34
C21 9F0 D . -3.26 7.71 4.62
C22 9F0 D . -4.68 -1.39 8.33
C23 9F0 D . -12.57 3.88 2.92
C24 9F0 D . -13.92 3.93 2.58
C27 9F0 D . -13.18 3.21 5.14
C28 9F0 D . -3.42 -1.37 8.92
N30 9F0 D . -3.73 -3.64 9.61
C32 9F0 D . -5.45 -2.55 8.37
C34 9F0 D . -1.15 8.83 4.87
N41 9F0 D . 1.13 10.21 3.17
C50 9F0 D . 2.28 11.13 2.72
C51 9F0 D . 1.76 12.53 2.32
N49 9F0 D . 0.81 13.03 3.38
C52 9F0 D . -0.14 14.15 3.03
C53 9F0 D . -1.31 14.18 4.05
N42 9F0 D . -1.87 12.76 4.30
PT2 9F0 D . -0.38 11.47 3.75
N35 9F0 D . -1.61 9.86 4.11
C36 9F0 D . -2.88 9.85 3.60
C37 9F0 D . -3.71 8.77 3.85
C33 9F0 D . -1.97 7.74 5.14
C17 9F0 D . -4.14 6.55 4.88
C18 9F0 D . -4.21 6.00 6.18
C19 9F0 D . -5.05 4.92 6.43
C16 9F0 D . -4.91 6.00 3.85
C15 9F0 D . -5.74 4.91 4.10
N1 9F0 D . -6.68 3.26 5.66
C13 9F0 D . -6.42 0.36 7.99
C11 9F0 D . -4.44 0.42 6.62
C31 9F0 D . -4.96 -3.67 9.02
C29 9F0 D . -2.96 -2.51 9.57
PT1 9F0 D . -3.03 -5.31 10.57
N47 9F0 D . -4.83 -5.55 11.51
C60 9F0 D . -4.68 -6.85 12.35
C61 9F0 D . -3.56 -7.76 11.76
N46 9F0 D . -2.33 -6.94 11.49
C59 9F0 D . -1.29 -7.48 10.55
C58 9F0 D . -0.38 -6.34 10.06
N48 9F0 D . -1.21 -5.11 9.63
C9 9F0 D . -8.80 4.49 5.53
C6 9F0 D . -10.03 2.28 4.34
C20 9F0 D . -12.21 3.51 4.21
C26 9F0 D . -14.53 3.26 4.78
N25 9F0 D . -14.88 3.62 3.51
PT3 9F0 D . -16.86 3.72 3.00
N43 9F0 D . -17.16 5.24 4.34
C57 9F0 D . -18.65 5.61 4.21
C56 9F0 D . -19.20 5.22 2.81
N45 9F0 D . -18.79 3.80 2.49
C55 9F0 D . -18.82 3.35 1.04
C54 9F0 D . -18.01 2.02 1.02
N44 9F0 D . -16.61 2.23 1.64
H5 9F0 D . -8.11 1.31 4.51
H8 9F0 D . -10.72 5.45 5.36
H10 9F0 D . -4.34 2.03 5.17
H14 9F0 D . -7.88 1.89 7.63
H23 9F0 D . -11.82 4.12 2.17
H24 9F0 D . -14.21 4.22 1.57
H27 9F0 D . -12.91 2.92 6.15
H28 9F0 D . -2.81 -0.47 8.88
H32 9F0 D . -6.43 -2.57 7.91
H34 9F0 D . -0.14 8.85 5.29
H9X 9F0 D . 0.83 9.64 2.41
H50 9F0 D . 2.78 10.68 1.86
H9L 9F0 D . 2.99 11.23 3.54
H51 9F0 D . 1.22 12.46 1.37
H9M 9F0 D . 2.59 13.22 2.22
H9N 9F0 D . 0.39 15.10 3.06
H52 9F0 D . -0.54 13.98 2.03
H9O 9F0 D . -0.95 14.60 5.00
H53 9F0 D . -2.10 14.82 3.67
H9Y 9F0 D . -2.09 12.65 5.27
H36 9F0 D . -3.23 10.69 3.00
H37 9F0 D . -4.72 8.76 3.43
H33 9F0 D . -1.61 6.91 5.75
H18 9F0 D . -3.61 6.42 6.98
H19 9F0 D . -5.10 4.49 7.43
H16 9F0 D . -4.85 6.42 2.85
H15 9F0 D . -6.33 4.48 3.30
H13 9F0 D . -7.01 -0.11 8.78
H11 9F0 D . -3.46 0.01 6.34
H31 9F0 D . -5.56 -4.58 9.06
H29 9F0 D . -1.99 -2.50 10.05
H91 9F0 D . -5.01 -4.78 12.11
H9V 9F0 D . -4.43 -6.59 13.37
H60 9F0 D . -5.63 -7.39 12.33
H9W 9F0 D . -3.33 -8.55 12.47
H61 9F0 D . -3.91 -8.20 10.82
H59 9F0 D . -1.78 -7.95 9.70
H9U 9F0 D . -0.68 -8.23 11.07
H58 9F0 D . 0.20 -6.68 9.20
H9T 9F0 D . 0.31 -6.05 10.85
H48 9F0 D . -1.33 -5.10 8.64
H9 9F0 D . -8.32 5.35 5.99
H6 9F0 D . -10.52 1.42 3.88
H26 9F0 D . -15.30 3.03 5.51
H43 9F0 D . -16.59 6.02 4.12
H9S 9F0 D . -19.22 5.08 4.98
H57 9F0 D . -18.77 6.69 4.35
H9R 9F0 D . -20.29 5.30 2.81
H56 9F0 D . -18.79 5.89 2.06
H9Q 9F0 D . -19.85 3.16 0.73
H55 9F0 D . -18.35 4.10 0.41
H54 9F0 D . -17.90 1.68 -0.01
H9P 9F0 D . -18.54 1.27 1.60
H44 9F0 D . -15.96 2.50 0.93
H41 9F0 D . 1.42 9.64 3.94
H42 9F0 D . -2.68 12.61 3.74
H9Z 9F0 D . -16.96 4.91 5.27
H90 9F0 D . -16.31 1.39 2.09
H45 9F0 D . -19.32 3.17 3.05
H46 9F0 D . -1.91 -6.69 12.36
H47 9F0 D . -5.56 -5.65 10.84
H92 9F0 D . -0.76 -4.26 9.92
H49 9F0 D . 1.32 13.27 4.20
C2 9F0 E . 12.59 -10.84 -18.82
C3 9F0 E . 14.56 -9.31 -18.74
C4 9F0 E . 12.47 -8.59 -19.87
C5 9F0 E . 14.88 -8.07 -18.19
C7 9F0 E . 17.18 -8.77 -17.94
C8 9F0 E . 16.86 -10.01 -18.50
C10 9F0 E . 11.23 -8.13 -19.40
C12 9F0 E . 11.05 -6.64 -21.29
C14 9F0 E . 12.99 -8.06 -21.06
C21 9F0 E . 10.76 -14.59 -17.80
C22 9F0 E . 10.29 -5.60 -22.05
C23 9F0 E . 19.15 -9.21 -16.49
C24 9F0 E . 20.45 -8.94 -16.08
C27 9F0 E . 19.30 -7.47 -18.13
C28 9F0 E . 9.03 -5.89 -22.54
N30 9F0 E . 8.89 -3.68 -23.45
C32 9F0 E . 10.86 -4.34 -22.26
C34 9F0 E . 8.83 -16.01 -17.73
N41 9F0 E . 8.17 -18.06 -14.85
C50 9F0 E . 7.38 -19.20 -14.17
C51 9F0 E . 6.81 -20.18 -15.22
N49 9F0 E . 7.88 -20.55 -16.21
C52 9F0 E . 7.47 -21.13 -17.54
C53 9F0 E . 8.64 -20.98 -18.55
N42 9F0 E . 9.25 -19.56 -18.50
PT2 9F0 E . 8.73 -18.80 -16.68
N35 9F0 E . 9.59 -17.01 -17.16
C36 9F0 E . 10.92 -16.80 -16.90
C37 9F0 E . 11.52 -15.60 -17.22
C33 9F0 E . 9.42 -14.79 -18.06
C17 9F0 E . 11.40 -13.28 -18.15
C18 9F0 E . 11.20 -12.73 -19.42
C19 9F0 E . 11.80 -11.50 -19.75
C16 9F0 E . 12.19 -12.62 -17.22
C15 9F0 E . 12.79 -11.40 -17.54
N1 9F0 E . 13.21 -9.58 -19.15
C13 9F0 E . 12.29 -7.09 -21.77
C11 9F0 E . 10.53 -7.16 -20.11
C31 9F0 E . 10.14 -3.39 -22.96
C29 9F0 E . 8.34 -4.91 -23.25
PT1 9F0 E . 7.85 -2.26 -24.50
N47 9F0 E . 7.06 -1.53 -22.75
C60 9F0 E . 6.19 -0.32 -23.17
C61 9F0 E . 6.64 0.24 -24.54
N46 9F0 E . 6.83 -0.88 -25.52
C59 9F0 E . 7.66 -0.64 -26.75
C58 9F0 E . 8.11 -1.99 -27.35
N48 9F0 E . 8.63 -2.96 -26.26
C9 9F0 E . 15.56 -10.29 -18.90
C6 9F0 E . 16.19 -7.80 -17.79
C20 9F0 E . 18.57 -8.48 -17.52
C26 9F0 E . 20.61 -7.21 -17.72
N25 9F0 E . 21.16 -7.94 -16.70
PT3 9F0 E . 23.09 -7.54 -16.10
N43 9F0 E . 23.08 -9.21 -14.91
C57 9F0 E . 24.49 -9.26 -14.27
C56 9F0 E . 25.52 -8.49 -15.13
N45 9F0 E . 24.96 -7.14 -15.50
C55 9F0 E . 25.57 -6.39 -16.67
C54 9F0 E . 24.53 -5.28 -17.02
N44 9F0 E . 23.14 -5.88 -17.26
H5 9F0 E . 14.12 -7.31 -18.06
H8 9F0 E . 17.64 -10.78 -18.62
H10 9F0 E . 10.82 -8.54 -18.48
H14 9F0 E . 13.95 -8.42 -21.43
H23 9F0 E . 18.58 -10.01 -16.00
H24 9F0 E . 20.91 -9.51 -15.28
H27 9F0 E . 18.85 -6.87 -18.94
H28 9F0 E . 8.59 -6.85 -22.37
H32 9F0 E . 11.85 -4.12 -21.86
H34 9F0 E . 7.77 -16.19 -17.93
H9X 9F0 E . 7.59 -17.26 -14.96
H50 9F0 E . 6.57 -18.78 -13.58
H9L 9F0 E . 8.05 -19.75 -13.50
H51 9F0 E . 5.98 -19.70 -15.74
H9M 9F0 E . 6.44 -21.08 -14.72
H9N 9F0 E . 7.23 -22.18 -17.42
H52 9F0 E . 6.61 -20.58 -17.91
H9O 9F0 E . 9.42 -21.71 -18.31
H53 9F0 E . 8.28 -21.18 -19.56
H9Y 9F0 E . 10.25 -19.62 -18.58
H36 9F0 E . 11.51 -17.60 -16.44
H37 9F0 E . 12.58 -15.43 -17.01
H33 9F0 E . 8.81 -14.02 -18.52
H18 9F0 E . 10.59 -13.25 -20.16
H19 9F0 E . 11.64 -11.08 -20.74
H16 9F0 E . 12.34 -13.05 -16.23
H15 9F0 E . 13.40 -10.88 -16.80
H13 9F0 E . 12.69 -6.68 -22.69
H11 9F0 E . 9.56 -6.81 -19.75
H31 9F0 E . 10.57 -2.41 -23.13
H29 9F0 E . 7.34 -5.13 -23.64
H91 9F0 E . 6.48 -2.23 -22.32
H9V 9F0 E . 5.16 -0.63 -23.23
H60 9F0 E . 6.29 0.47 -22.41
H9W 9F0 E . 5.89 0.93 -24.91
H61 9F0 E . 7.59 0.78 -24.42
H59 9F0 E . 8.55 -0.07 -26.47
H9U 9F0 E . 7.08 -0.09 -27.48
H58 9F0 E . 8.90 -1.83 -28.08
H9T 9F0 E . 7.26 -2.46 -27.85
H48 9F0 E . 9.63 -2.93 -26.22
H9 9F0 E . 15.30 -11.25 -19.33
H6 9F0 E . 16.45 -6.83 -17.36
H26 9F0 E . 21.18 -6.44 -18.21
H43 9F0 E . 22.93 -10.03 -15.47
H9S 9F0 E . 24.45 -8.81 -13.27
H57 9F0 E . 24.80 -10.30 -14.18
H9R 9F0 E . 26.43 -8.35 -14.57
H56 9F0 E . 25.72 -9.05 -16.04
H9Q 9F0 E . 26.52 -5.94 -16.37
H55 9F0 E . 25.71 -7.06 -17.52
H54 9F0 E . 24.87 -4.75 -17.92
H9P 9F0 E . 24.49 -4.57 -16.19
H44 9F0 E . 23.03 -6.12 -18.22
H41 9F0 E . 8.98 -17.84 -14.31
H42 9F0 E . 8.87 -19.00 -19.24
H9Z 9F0 E . 22.38 -9.14 -14.19
H90 9F0 E . 22.42 -5.23 -16.98
H45 9F0 E . 24.94 -6.55 -14.70
H46 9F0 E . 5.93 -1.25 -25.78
H47 9F0 E . 7.79 -1.24 -22.14
H92 9F0 E . 8.32 -3.89 -26.43
H49 9F0 E . 8.55 -21.15 -15.77
C2 9F0 F . 5.54 -4.02 -5.62
C3 9F0 F . 6.93 -5.65 -4.35
C4 9F0 F . 4.62 -6.27 -5.07
C5 9F0 F . 6.91 -6.39 -3.16
C7 9F0 F . 9.33 -6.32 -3.09
C8 9F0 F . 9.35 -5.58 -4.28
C10 9F0 F . 3.31 -5.86 -4.79
C12 9F0 F . 2.53 -8.12 -5.19
C14 9F0 F . 4.88 -7.59 -5.40
C21 9F0 F . 5.08 -0.20 -7.47
C22 9F0 F . 1.42 -9.10 -5.26
C23 9F0 F . 11.12 -5.86 -1.41
C24 9F0 F . 12.31 -6.20 -0.79
C27 9F0 F . 11.31 -7.81 -2.79
C28 9F0 F . 0.30 -8.84 -6.03
N30 9F0 F . -0.64 -10.95 -5.39
C32 9F0 F . 1.50 -10.29 -4.55
C34 9F0 F . 3.74 1.36 -8.71
N41 9F0 F . 2.96 4.52 -8.37
C50 9F0 F . 2.52 5.95 -8.73
C51 9F0 F . 3.69 6.72 -9.41
N49 9F0 F . 4.31 5.86 -10.49
C52 9F0 F . 5.69 6.21 -10.98
C53 9F0 F . 6.31 4.97 -11.68
N42 9F0 F . 6.12 3.69 -10.85
PT2 9F0 F . 4.53 4.08 -9.60
N35 9F0 F . 4.77 2.26 -8.69
C36 9F0 F . 5.95 1.96 -8.08
C37 9F0 F . 6.12 0.72 -7.47
C33 9F0 F . 3.89 0.12 -8.09
C17 9F0 F . 5.24 -1.52 -6.82
C18 9F0 F . 5.00 -2.69 -7.55
C19 9F0 F . 5.14 -3.93 -6.96
C16 9F0 F . 5.64 -1.60 -5.49
C15 9F0 F . 5.79 -2.85 -4.89
N1 9F0 F . 5.69 -5.30 -5.00
C13 9F0 F . 3.84 -8.51 -5.47
C11 9F0 F . 2.26 -6.79 -4.86
C31 9F0 F . 0.46 -11.21 -4.62
C29 9F0 F . -0.73 -9.77 -6.09
PT1 9F0 F . -2.16 -12.31 -5.49
N47 9F0 F . -0.89 -13.70 -6.28
C60 9F0 F . -1.74 -14.98 -6.44
C61 9F0 F . -2.95 -14.96 -5.48
N46 9F0 F . -3.64 -13.64 -5.58
C59 9F0 F . -4.58 -13.22 -4.48
C58 9F0 F . -4.80 -11.69 -4.51
N48 9F0 F . -3.46 -10.94 -4.69
C9 9F0 F . 8.15 -5.24 -4.91
C6 9F0 F . 8.11 -6.72 -2.53
C20 9F0 F . 10.62 -6.67 -2.42
C26 9F0 F . 12.50 -8.13 -2.16
N25 9F0 F . 12.99 -7.33 -1.17
PT3 9F0 F . 14.75 -7.82 -0.25
N43 9F0 F . 15.73 -6.35 -1.29
C57 9F0 F . 17.19 -6.40 -0.80
C56 9F0 F . 17.27 -7.03 0.62
N45 9F0 F . 16.47 -8.30 0.66
C55 9F0 F . 16.04 -8.85 2.00
C54 9F0 F . 14.94 -9.90 1.68
N44 9F0 F . 13.82 -9.28 0.82
H5 9F0 F . 5.97 -6.71 -2.73
H8 9F0 F . 10.31 -5.27 -4.71
H10 9F0 F . 3.10 -4.81 -4.52
H14 9F0 F . 5.90 -7.90 -5.61
H23 9F0 F . 10.58 -4.96 -1.10
H24 9F0 F . 12.72 -5.57 0.00
H27 9F0 F . 10.92 -8.45 -3.58
H28 9F0 F . 0.22 -7.91 -6.59
H32 9F0 F . 2.38 -10.50 -3.93
H34 9F0 F . 2.80 1.61 -9.20
H9X 9F0 F . 3.23 4.48 -7.41
H50 9F0 F . 2.22 6.49 -7.84
H9L 9F0 F . 1.68 5.91 -9.42
H51 9F0 F . 4.44 6.97 -8.67
H9M 9F0 F . 3.30 7.64 -9.87
H9N 9F0 F . 5.62 7.03 -11.69
H52 9F0 F . 6.31 6.49 -10.14
H9O 9F0 F . 5.84 4.84 -12.65
H53 9F0 F . 7.38 5.14 -11.83
H9Y 9F0 F . 5.90 2.92 -11.44
H36 9F0 F . 6.76 2.68 -8.07
H37 9F0 F . 7.06 0.48 -6.98
H33 9F0 F . 3.07 -0.60 -8.10
H18 9F0 F . 4.68 -2.62 -8.60
H19 9F0 F . 4.95 -4.84 -7.53
H16 9F0 F . 5.84 -0.70 -4.91
H15 9F0 F . 6.10 -2.92 -3.84
H13 9F0 F . 4.05 -9.55 -5.73
H11 9F0 F . 1.25 -6.47 -4.64
H31 9F0 F . 0.52 -12.14 -4.06
H29 9F0 F . -1.60 -9.57 -6.70
H91 9F0 F . -0.55 -13.40 -7.17
H9V 9F0 F . -2.08 -15.06 -7.47
H60 9F0 F . -1.11 -15.85 -6.21
H9W 9F0 F . -3.64 -15.77 -5.77
H61 9F0 F . -2.62 -15.12 -4.46
H59 9F0 F . -4.14 -13.50 -3.51
H9U 9F0 F . -5.53 -13.73 -4.59
H58 9F0 F . -5.27 -11.37 -3.58
H9T 9F0 F . -5.45 -11.44 -5.35
H48 9F0 F . -3.13 -10.62 -3.80
H9 9F0 F . 8.16 -4.67 -5.83
H6 9F0 F . 8.10 -7.29 -1.61
H26 9F0 F . 13.04 -9.03 -2.46
H43 9F0 F . 15.32 -5.46 -1.09
H9S 9F0 F . 17.78 -7.00 -1.49
H57 9F0 F . 17.59 -5.38 -0.76
H9R 9F0 F . 18.31 -7.25 0.85
H56 9F0 F . 16.88 -6.32 1.35
H9Q 9F0 F . 16.88 -9.33 2.50
H55 9F0 F . 15.63 -8.05 2.62
H54 9F0 F . 14.51 -10.28 2.61
H9P 9F0 F . 15.40 -10.74 1.13
H44 9F0 F . 13.11 -8.90 1.40
H41 9F0 F . 2.20 3.88 -8.53
H42 9F0 F . 6.94 3.50 -10.31
H9Z 9F0 F . 15.68 -6.53 -2.28
H90 9F0 F . 13.43 -9.98 0.20
H45 9F0 F . 16.95 -9.02 0.13
H46 9F0 F . -4.12 -13.56 -6.46
H47 9F0 F . -0.13 -13.86 -5.65
H92 9F0 F . -3.58 -10.16 -5.31
H49 9F0 F . 3.68 5.78 -11.26
C2 9F0 C . -12.54 10.13 18.71
C3 9F0 C . -13.41 12.01 17.30
C4 9F0 C . -11.18 12.19 18.40
C5 9F0 C . -13.05 12.77 16.18
C7 9F0 C . -15.39 13.07 15.63
C8 9F0 C . -15.75 12.30 16.74
C10 9F0 C . -9.93 11.60 18.12
C12 9F0 C . -8.81 13.60 18.89
C14 9F0 C . -11.24 13.49 18.92
C21 9F0 C . -13.00 6.19 20.37
C22 9F0 C . -7.56 14.35 19.15
C23 9F0 C . -17.64 12.93 14.52
C24 9F0 C . -18.61 13.45 13.68
C27 9F0 C . -16.26 14.85 14.09
C28 9F0 C . -6.51 13.75 19.83
N30 9F0 C . -5.22 15.75 19.62
C32 9F0 C . -7.42 15.67 18.70
C34 9F0 C . -12.14 4.38 21.69
N41 9F0 C . -12.56 0.97 20.57
C50 9F0 C . -12.45 -0.54 20.86
C51 9F0 C . -12.53 -0.83 22.39
N49 9F0 C . -13.68 -0.06 22.98
C52 9F0 C . -13.69 0.17 24.47
C53 9F0 C . -14.64 1.35 24.81
N42 9F0 C . -14.40 2.54 23.88
PT2 9F0 C . -13.48 1.77 22.22
N35 9F0 C . -13.28 3.66 21.43
C36 9F0 C . -14.27 4.18 20.65
C37 9F0 C . -14.15 5.46 20.11
C33 9F0 C . -11.99 5.66 21.15
C17 9F0 C . -12.85 7.57 19.79
C18 9F0 C . -12.26 8.59 20.56
C19 9F0 C . -12.10 9.86 20.01
C16 9F0 C . -13.28 7.83 18.49
C15 9F0 C . -13.13 9.11 17.96
N1 9F0 C . -12.38 11.45 18.15
C13 9F0 C . -10.05 14.19 19.17
C11 9F0 C . -8.76 12.31 18.36
C31 9F0 C . -6.24 16.35 18.95
C29 9F0 C . -5.33 14.46 20.06
PT1 9F0 C . -3.48 16.77 19.98
N47 9F0 C . -2.72 16.16 18.18
C60 9F0 C . -1.34 16.85 18.06
C61 9F0 C . -1.27 18.11 18.96
N46 9F0 C . -1.78 17.78 20.33
C59 9F0 C . -2.22 18.90 21.24
C58 9F0 C . -3.13 18.36 22.36
N48 9F0 C . -4.21 17.42 21.79
C9 9F0 C . -14.76 11.77 17.58
C6 9F0 C . -14.04 13.30 15.35
C20 9F0 C . -16.45 13.63 14.73
C26 9F0 C . -17.25 15.35 13.25
N25 9F0 C . -18.41 14.64 13.05
PT3 9F0 C . -19.86 15.39 11.81
N43 9F0 C . -19.31 14.07 10.34
C57 9F0 C . -20.33 14.28 9.20
C56 9F0 C . -21.63 14.93 9.72
N45 9F0 C . -21.28 16.11 10.59
C55 9F0 C . -22.35 16.65 11.54
C54 9F0 C . -21.57 17.52 12.57
N44 9F0 C . -20.46 16.71 13.24
H5 9F0 C . -12.00 12.96 15.96
H8 9F0 C . -16.80 12.12 16.97
H10 9F0 C . -9.89 10.60 17.71
H14 9F0 C . -12.20 13.93 19.14
H23 9F0 C . -17.79 11.96 15.02
H24 9F0 C . -19.54 12.89 13.53
H27 9F0 C . -15.34 15.42 14.25
H28 9F0 C . -6.60 12.72 20.17
H32 9F0 C . -8.23 16.14 18.16
H34 9F0 C . -11.36 3.95 22.31
H9X 9F0 C . -11.64 1.37 20.46
H50 9F0 C . -11.51 -0.92 20.47
H9L 9F0 C . -13.27 -1.06 20.36
H51 9F0 C . -11.59 -0.52 22.86
H9M 9F0 C . -12.68 -1.89 22.55
H9N 9F0 C . -14.04 -0.74 24.97
H52 9F0 C . -12.69 0.40 24.81
H9O 9F0 C . -15.67 1.02 24.70
H53 9F0 C . -14.47 1.65 25.85
H9Y 9F0 C . -15.26 2.97 23.63
H36 9F0 C . -15.17 3.59 20.46
H37 9F0 C . -14.94 5.87 19.50
H33 9F0 C . -11.09 6.22 21.36
H18 9F0 C . -11.92 8.38 21.57
H19 9F0 C . -11.65 10.66 20.61
H16 9F0 C . -13.75 7.04 17.90
H15 9F0 C . -13.47 9.31 16.94
H13 9F0 C . -10.10 15.20 19.58
H11 9F0 C . -7.79 11.85 18.15
H31 9F0 C . -6.13 17.39 18.60
H29 9F0 C . -4.51 13.99 20.60
H91 9F0 C . -2.61 15.17 18.17
H9V 9F0 C . -0.56 16.15 18.36
H60 9F0 C . -1.17 17.14 17.02
H9W 9F0 C . -0.23 18.44 19.04
H61 9F0 C . -1.88 18.90 18.53
H59 9F0 C . -2.75 19.65 20.66
H9U 9F0 C . -1.33 19.36 21.69
H58 9F0 C . -3.62 19.20 22.86
H9T 9F0 C . -2.53 17.81 23.09
H48 9F0 C . -5.07 17.91 21.66
H9 9F0 C . -15.05 11.18 18.44
H6 9F0 C . -13.76 13.92 14.49
H26 9F0 C . -17.11 16.30 12.74
H43 9F0 C . -19.36 13.13 10.68
H9S 9F0 C . -19.88 14.93 8.44
H57 9F0 C . -20.57 13.31 8.74
H9R 9F0 C . -22.23 15.27 8.88
H56 9F0 C . -22.19 14.21 10.30
H9Q 9F0 C . -23.06 17.27 10.98
H55 9F0 C . -22.86 15.84 12.04
H54 9F0 C . -22.27 17.88 13.32
H9P 9F0 C . -21.13 18.38 12.06
H44 9F0 C . -20.81 16.23 14.04
H41 9F0 C . -13.11 1.14 19.76
H42 9F0 C . -13.80 3.22 24.33
H9Z 9F0 C . -18.38 14.27 10.03
H90 9F0 C . -19.70 17.31 13.50
H45 9F0 C . -20.91 16.86 10.04
H46 9F0 C . -1.13 17.18 20.81
H47 9F0 C . -3.32 16.46 17.44
H92 9F0 C . -4.35 16.64 22.40
H49 9F0 C . -14.55 -0.46 22.69
C2 9F0 D . -5.30 4.53 5.43
C3 9F0 D . -7.57 3.51 5.29
C4 9F0 D . -5.70 2.24 6.36
C5 9F0 D . -8.21 2.41 4.73
C7 9F0 D . -10.26 3.70 4.55
C8 9F0 D . -9.62 4.80 5.12
C10 9F0 D . -4.45 1.71 6.03
C12 9F0 D . -4.77 -0.04 7.67
C14 9F0 D . -6.48 1.64 7.35
C21 9F0 D . -2.69 7.84 4.71
C22 9F0 D . -4.27 -1.25 8.37
C23 9F0 D . -12.04 4.35 2.92
C24 9F0 D . -13.38 4.44 2.56
C27 9F0 D . -12.68 3.33 5.00
C28 9F0 D . -3.03 -1.25 8.98
N30 9F0 D . -3.36 -3.51 9.66
C32 9F0 D . -5.06 -2.40 8.41
C34 9F0 D . -0.57 8.92 4.98
N41 9F0 D . 1.59 10.33 2.98
C50 9F0 D . 2.74 11.25 2.49
C51 9F0 D . 2.23 12.71 2.31
N49 9F0 D . 1.45 13.12 3.54
C52 9F0 D . 0.52 14.30 3.43
C53 9F0 D . -0.51 14.26 4.60
N42 9F0 D . -1.11 12.84 4.77
PT2 9F0 D . 0.24 11.56 3.88
N35 9F0 D . -1.01 9.98 4.23
C36 9F0 D . -2.28 9.99 3.72
C37 9F0 D . -3.12 8.92 3.95
C33 9F0 D . -1.41 7.83 5.22
C17 9F0 D . -3.60 6.69 4.97
C18 9F0 D . -3.62 6.08 6.23
C19 9F0 D . -4.48 5.00 6.46
C16 9F0 D . -4.42 6.21 3.94
C15 9F0 D . -5.27 5.13 4.18
N1 9F0 D . -6.19 3.42 5.69
C13 9F0 D . -6.01 0.50 8.00
C11 9F0 D . -3.98 0.57 6.69
C31 9F0 D . -4.59 -3.52 9.06
C29 9F0 D . -2.58 -2.39 9.63
PT1 9F0 D . -2.69 -5.20 10.63
N47 9F0 D . -4.49 -5.40 11.57
C60 9F0 D . -4.37 -6.69 12.41
C61 9F0 D . -3.28 -7.63 11.83
N46 9F0 D . -2.03 -6.84 11.56
C59 9F0 D . -1.01 -7.41 10.61
C58 9F0 D . -0.07 -6.27 10.10
N48 9F0 D . -0.88 -5.03 9.68
C9 9F0 D . -8.27 4.70 5.49
C6 9F0 D . -9.55 2.50 4.36
C20 9F0 D . -11.69 3.79 4.15
C26 9F0 D . -14.01 3.43 4.62
N25 9F0 D . -14.34 3.97 3.41
PT3 9F0 D . -16.32 4.12 2.86
N43 9F0 D . -16.45 5.96 3.75
C57 9F0 D . -17.90 6.43 3.50
C56 9F0 D . -18.50 5.72 2.25
N45 9F0 D . -18.24 4.24 2.33
C55 9F0 D . -18.32 3.42 1.05
C54 9F0 D . -17.64 2.06 1.40
N44 9F0 D . -16.22 2.29 1.96
H5 9F0 D . -7.67 1.48 4.59
H8 9F0 D . -10.16 5.73 5.27
H10 9F0 D . -3.84 2.18 5.26
H14 9F0 D . -7.44 2.05 7.60
H23 9F0 D . -11.27 4.71 2.25
H24 9F0 D . -13.65 4.87 1.61
H27 9F0 D . -12.42 2.89 5.96
H28 9F0 D . -2.41 -0.35 8.96
H32 9F0 D . -6.04 -2.41 7.94
H34 9F0 D . 0.44 8.93 5.38
H9X 9F0 D . 1.17 9.86 2.21
H50 9F0 D . 3.10 10.88 1.53
H9L 9F0 D . 3.55 11.23 3.21
H51 9F0 D . 1.58 12.77 1.44
H9M 9F0 D . 3.09 13.37 2.18
H9N 9F0 D . 1.10 15.22 3.49
H52 9F0 D . -0.01 14.26 2.49
H9O 9F0 D . -0.01 14.55 5.52
H53 9F0 D . -1.31 14.97 4.38
H9Y 9F0 D . -1.20 12.62 5.74
H36 9F0 D . -2.62 10.84 3.13
H37 9F0 D . -4.14 8.93 3.54
H33 9F0 D . -1.06 6.99 5.81
H18 9F0 D . -2.97 6.44 7.02
H19 9F0 D . -4.49 4.52 7.45
H16 9F0 D . -4.40 6.68 2.96
H15 9F0 D . -5.92 4.76 3.37
H13 9F0 D . -6.61 0.04 8.77
H11 9F0 D . -3.00 0.16 6.43
H31 9F0 D . -5.20 -4.43 9.08
H29 9F0 D . -1.61 -2.38 10.12
H91 9F0 D . -4.66 -4.62 12.17
H9V 9F0 D . -4.11 -6.43 13.43
H60 9F0 D . -5.33 -7.22 12.40
H9W 9F0 D . -3.06 -8.42 12.54
H61 9F0 D . -3.64 -8.06 10.89
H59 9F0 D . -1.51 -7.86 9.76
H9U 9F0 D . -0.41 -8.16 11.13
H58 9F0 D . 0.50 -6.64 9.25
H9T 9F0 D . 0.63 -6.00 10.90
H48 9F0 D . -0.99 -5.01 8.69
H9 9F0 D . -7.78 5.56 5.93
H6 9F0 D . -10.06 1.64 3.92
H26 9F0 D . -14.80 3.07 5.28
H43 9F0 D . -15.81 6.59 3.33
H9S 9F0 D . -18.51 6.19 4.37
H57 9F0 D . -17.91 7.50 3.34
H9R 9F0 D . -19.57 5.91 2.20
H56 9F0 D . -18.03 6.12 1.35
H9Q 9F0 D . -19.37 3.26 0.77
H55 9F0 D . -17.79 3.92 0.24
H54 9F0 D . -17.58 1.46 0.50
H9P 9F0 D . -18.24 1.54 2.15
H44 9F0 D . -15.55 2.30 1.22
H41 9F0 D . 1.95 9.67 3.64
H42 9F0 D . -1.99 12.79 4.30
H9Z 9F0 D . -16.28 5.89 4.73
H90 9F0 D . -15.99 1.59 2.62
H45 9F0 D . -18.82 3.83 3.03
H46 9F0 D . -1.59 -6.59 12.42
H47 9F0 D . -5.22 -5.49 10.91
H92 9F0 D . -0.40 -4.20 9.98
H49 9F0 D . 2.07 13.25 4.31
C2 9F0 E . 12.43 -10.97 -18.61
C3 9F0 E . 14.47 -9.56 -18.31
C4 9F0 E . 12.48 -8.64 -19.49
C5 9F0 E . 14.84 -8.36 -17.68
C7 9F0 E . 17.07 -9.24 -17.30
C8 9F0 E . 16.70 -10.45 -17.93
C10 9F0 E . 11.19 -8.25 -19.12
C12 9F0 E . 11.21 -6.51 -20.79
C14 9F0 E . 13.14 -7.96 -20.52
C21 9F0 E . 10.33 -14.66 -18.00
C22 9F0 E . 10.53 -5.38 -21.48
C23 9F0 E . 19.10 -10.16 -16.18
C24 9F0 E . 20.38 -10.01 -15.68
C27 9F0 E . 19.10 -7.84 -16.83
C28 9F0 E . 9.30 -5.57 -22.10
N30 9F0 E . 9.27 -3.28 -22.75
C32 9F0 E . 11.13 -4.12 -21.51
C34 9F0 E . 8.32 -15.95 -18.14
N41 9F0 E . 7.45 -18.20 -15.42
C50 9F0 E . 6.56 -19.35 -14.87
C51 9F0 E . 5.93 -20.16 -16.02
N49 9F0 E . 6.98 -20.51 -17.03
C52 9F0 E . 6.55 -20.92 -18.42
C53 9F0 E . 7.74 -20.77 -19.40
N42 9F0 E . 8.45 -19.41 -19.21
PT2 9F0 E . 7.96 -18.79 -17.32
N35 9F0 E . 8.97 -17.03 -17.60
C36 9F0 E . 10.29 -16.94 -17.26
C37 9F0 E . 10.99 -15.75 -17.46
C33 9F0 E . 8.99 -14.76 -18.35
C17 9F0 E . 11.07 -13.38 -18.22
C18 9F0 E . 11.01 -12.74 -19.46
C19 9F0 E . 11.70 -11.53 -19.66
C16 9F0 E . 11.80 -12.81 -17.17
C15 9F0 E . 12.47 -11.61 -17.36
N1 9F0 E . 13.13 -9.72 -18.81
C13 9F0 E . 12.50 -6.89 -21.17
C11 9F0 E . 10.56 -7.20 -19.76
C31 9F0 E . 10.48 -3.08 -22.15
C29 9F0 E . 8.68 -4.51 -22.73
PT1 9F0 E . 8.32 -1.72 -23.71
N47 9F0 E . 7.73 -0.96 -21.90
C60 9F0 E . 6.99 0.36 -22.23
C61 9F0 E . 7.43 0.90 -23.61
N46 9F0 E . 7.40 -0.21 -24.62
C59 9F0 E . 8.17 -0.04 -25.91
C58 9F0 E . 8.42 -1.43 -26.57
N48 9F0 E . 8.91 -2.45 -25.53
C9 9F0 E . 15.40 -10.60 -18.43
C6 9F0 E . 16.15 -8.21 -17.19
C20 9F0 E . 18.45 -9.08 -16.77
C26 9F0 E . 20.38 -7.72 -16.30
N25 9F0 E . 21.01 -8.80 -15.74
PT3 9F0 E . 22.91 -8.60 -14.97
N43 9F0 E . 22.15 -8.59 -13.05
C57 9F0 E . 23.39 -8.58 -12.13
C56 9F0 E . 24.64 -9.09 -12.87
N45 9F0 E . 24.75 -8.42 -14.21
C55 9F0 E . 25.66 -9.01 -15.26
C54 9F0 E . 25.20 -8.39 -16.61
N44 9F0 E . 23.70 -8.61 -16.85
H5 9F0 E . 14.13 -7.55 -17.59
H8 9F0 E . 17.42 -11.26 -18.03
H10 9F0 E . 10.67 -8.78 -18.30
H14 9F0 E . 14.14 -8.25 -20.81
H23 9F0 E . 18.60 -11.14 -16.13
H24 9F0 E . 20.89 -10.86 -15.23
H27 9F0 E . 18.60 -6.98 -17.29
H28 9F0 E . 8.83 -6.55 -22.07
H32 9F0 E . 12.09 -3.96 -21.04
H34 9F0 E . 7.25 -16.04 -18.40
H9X 9F0 E . 6.93 -17.35 -15.45
H50 9F0 E . 5.77 -18.91 -14.25
H9L 9F0 E . 7.16 -20.00 -14.24
H51 9F0 E . 5.15 -19.57 -16.50
H9M 9F0 E . 5.48 -21.07 -15.61
H9N 9F0 E . 6.22 -21.96 -18.40
H52 9F0 E . 5.73 -20.29 -18.74
H9O 9F0 E . 8.45 -21.57 -19.22
H53 9F0 E . 7.36 -20.83 -20.42
H9Y 9F0 E . 9.45 -19.52 -19.29
H36 9F0 E . 10.81 -17.81 -16.84
H37 9F0 E . 12.03 -15.68 -17.19
H33 9F0 E . 8.46 -13.90 -18.77
H18 9F0 E . 10.45 -13.19 -20.27
H19 9F0 E . 11.67 -11.05 -20.63
H16 9F0 E . 11.84 -13.31 -16.20
H15 9F0 E . 13.05 -11.17 -16.55
H13 9F0 E . 13.01 -6.37 -21.98
H11 9F0 E . 9.55 -6.90 -19.48
H31 9F0 E . 10.94 -2.09 -22.18
H29 9F0 E . 7.71 -4.66 -23.22
H91 9F0 E . 7.11 -1.60 -21.44
H9V 9F0 E . 5.92 0.18 -22.24
H60 9F0 E . 7.23 1.10 -21.46
H9W 9F0 E . 6.74 1.70 -23.92
H61 9F0 E . 8.45 1.31 -23.54
H59 9F0 E . 9.14 0.43 -25.70
H9U 9F0 E . 7.60 0.59 -26.59
H58 9F0 E . 9.16 -1.33 -27.35
H9T 9F0 E . 7.48 -1.79 -27.01
H48 9F0 E . 9.91 -2.53 -25.57
H9 9F0 E . 15.11 -11.54 -18.91
H6 9F0 E . 16.44 -7.27 -16.72
H26 9F0 E . 20.89 -6.76 -16.36
H43 9F0 E . 21.60 -9.41 -12.90
H9S 9F0 E . 23.56 -7.56 -11.78
H57 9F0 E . 23.20 -9.23 -11.27
H9R 9F0 E . 25.53 -8.87 -12.28
H56 9F0 E . 24.57 -10.17 -13.02
H9Q 9F0 E . 26.69 -8.76 -15.06
H55 9F0 E . 25.53 -10.10 -15.30
H54 9F0 E . 25.76 -8.84 -17.43
H9P 9F0 E . 25.40 -7.31 -16.59
H44 9F0 E . 23.54 -9.50 -17.29
H41 9F0 E . 8.26 -18.10 -14.85
H42 9F0 E . 8.12 -18.75 -19.89
H9Z 9F0 E . 21.59 -7.77 -12.91
H90 9F0 E . 23.32 -7.87 -17.39
H45 9F0 E . 24.97 -7.44 -14.08
H46 9F0 E . 6.45 -0.46 -24.83
H47 9F0 E . 8.53 -0.77 -21.32
H92 9F0 E . 8.49 -3.35 -25.69
H49 9F0 E . 7.60 -21.20 -16.65
C2 9F0 F . 5.45 -4.10 -5.61
C3 9F0 F . 6.83 -5.79 -4.41
C4 9F0 F . 4.50 -6.34 -5.11
C5 9F0 F . 6.82 -6.56 -3.23
C7 9F0 F . 9.24 -6.53 -3.19
C8 9F0 F . 9.25 -5.76 -4.36
C10 9F0 F . 3.19 -5.91 -4.85
C12 9F0 F . 2.38 -8.15 -5.25
C14 9F0 F . 4.74 -7.67 -5.45
C21 9F0 F . 5.03 -0.23 -7.37
C22 9F0 F . 1.25 -9.11 -5.33
C23 9F0 F . 11.17 -6.05 -1.68
C24 9F0 F . 12.36 -6.43 -1.09
C27 9F0 F . 11.07 -8.17 -2.80
C28 9F0 F . 0.15 -8.84 -6.13
N30 9F0 F . -0.85 -10.91 -5.48
C32 9F0 F . 1.29 -10.30 -4.60
C34 9F0 F . 3.68 1.39 -8.51
N41 9F0 F . 3.02 4.58 -8.04
C50 9F0 F . 2.62 6.04 -8.36
C51 9F0 F . 3.78 6.78 -9.09
N49 9F0 F . 4.30 5.93 -10.21
C52 9F0 F . 5.66 6.22 -10.78
C53 9F0 F . 6.19 4.98 -11.54
N42 9F0 F . 6.01 3.69 -10.72
PT2 9F0 F . 4.51 4.12 -9.38
N35 9F0 F . 4.73 2.27 -8.52
C36 9F0 F . 5.93 1.92 -7.97
C37 9F0 F . 6.10 0.66 -7.39
C33 9F0 F . 3.82 0.14 -7.93
C17 9F0 F . 5.18 -1.57 -6.75
C18 9F0 F . 4.82 -2.70 -7.48
C19 9F0 F . 4.96 -3.97 -6.91
C16 9F0 F . 5.67 -1.70 -5.46
C15 9F0 F . 5.82 -2.96 -4.88
N1 9F0 F . 5.60 -5.41 -5.04
C13 9F0 F . 3.68 -8.58 -5.52
C11 9F0 F . 2.14 -6.82 -4.92
C31 9F0 F . 0.23 -11.19 -4.69
C29 9F0 F . -0.90 -9.75 -6.20
PT1 9F0 F . -2.40 -12.24 -5.58
N47 9F0 F . -1.11 -13.72 -6.18
C60 9F0 F . -1.98 -14.99 -6.31
C61 9F0 F . -3.27 -14.88 -5.45
N46 9F0 F . -3.92 -13.55 -5.69
C59 9F0 F . -4.91 -13.02 -4.69
C58 9F0 F . -5.08 -11.50 -4.85
N48 9F0 F . -3.71 -10.78 -5.00
C9 9F0 F . 8.06 -5.40 -4.96
C6 9F0 F . 8.02 -6.93 -2.63
C20 9F0 F . 10.52 -6.93 -2.54
C26 9F0 F . 12.27 -8.54 -2.19
N25 9F0 F . 12.89 -7.67 -1.34
PT3 9F0 F . 14.66 -8.21 -0.45
N43 9F0 F . 15.59 -8.25 -2.29
C57 9F0 F . 17.05 -8.63 -1.99
C56 9F0 F . 17.44 -8.24 -0.53
N45 9F0 F . 16.38 -8.74 0.42
C55 9F0 F . 16.30 -8.14 1.80
C54 9F0 F . 14.91 -8.57 2.36
N44 9F0 F . 13.78 -8.18 1.38
H5 9F0 F . 5.87 -6.87 -2.81
H8 9F0 F . 10.20 -5.46 -4.80
H10 9F0 F . 3.01 -4.87 -4.58
H14 9F0 F . 5.76 -8.01 -5.65
H23 9F0 F . 10.74 -5.07 -1.48
H24 9F0 F . 12.87 -5.75 -0.41
H27 9F0 F . 10.57 -8.87 -3.47
H28 9F0 F . 0.11 -7.92 -6.70
H32 9F0 F . 2.15 -10.52 -3.97
H34 9F0 F . 2.72 1.68 -8.96
H9X 9F0 F . 3.36 4.50 -7.11
H50 9F0 F . 2.41 6.55 -7.42
H9L 9F0 F . 1.74 6.05 -8.99
H51 9F0 F . 4.59 6.98 -8.38
H9M 9F0 F . 3.40 7.72 -9.49
H9N 9F0 F . 5.59 7.07 -11.46
H52 9F0 F . 6.34 6.47 -9.97
H9O 9F0 F . 5.66 4.89 -12.49
H53 9F0 F . 7.26 5.13 -11.75
H9Y 9F0 F . 5.73 2.94 -11.31
H36 9F0 F . 6.77 2.62 -7.99
H37 9F0 F . 7.05 0.38 -6.95
H33 9F0 F . 2.98 -0.55 -7.91
H18 9F0 F . 4.43 -2.61 -8.49
H19 9F0 F . 4.68 -4.85 -7.48
H16 9F0 F . 5.95 -0.81 -4.89
H15 9F0 F . 6.19 -3.06 -3.87
H13 9F0 F . 3.86 -9.62 -5.78
H11 9F0 F . 1.12 -6.48 -4.72
H31 9F0 F . 0.26 -12.12 -4.12
H29 9F0 F . -1.76 -9.53 -6.83
H91 9F0 F . -0.69 -13.50 -7.05
H9V 9F0 F . -2.26 -15.13 -7.36
H60 9F0 F . -1.40 -15.86 -5.98
H9W 9F0 F . -3.96 -15.68 -5.73
H61 9F0 F . -3.01 -14.98 -4.40
H59 9F0 F . -4.55 -13.24 -3.68
H9U 9F0 F . -5.86 -13.52 -4.84
H58 9F0 F . -5.60 -11.10 -3.97
H9T 9F0 F . -5.68 -11.30 -5.74
H48 9F0 F . -3.43 -10.40 -4.12
H9 9F0 F . 8.07 -4.80 -5.88
H6 9F0 F . 8.01 -7.53 -1.72
H26 9F0 F . 12.71 -9.51 -2.39
H43 9F0 F . 15.55 -7.35 -2.71
H9S 9F0 F . 17.19 -9.70 -2.12
H57 9F0 F . 17.71 -8.09 -2.68
H9R 9F0 F . 18.40 -8.70 -0.27
H56 9F0 F . 17.52 -7.17 -0.44
H9Q 9F0 F . 17.09 -8.52 2.44
H55 9F0 F . 16.36 -7.04 1.75
H54 9F0 F . 14.74 -8.08 3.32
H9P 9F0 F . 14.90 -9.65 2.49
H44 9F0 F . 13.45 -7.25 1.59
H41 9F0 F . 2.23 3.97 -8.18
H42 9F0 F . 6.85 3.47 -10.23
H9Z 9F0 F . 15.17 -8.94 -2.87
H90 9F0 F . 13.03 -8.84 1.43
H45 9F0 F . 16.42 -9.74 0.49
H46 9F0 F . -4.32 -13.52 -6.61
H47 9F0 F . -0.40 -13.86 -5.48
H92 9F0 F . -3.77 -10.07 -5.68
H49 9F0 F . 3.62 5.88 -10.94
C2 9F0 C . -12.56 10.53 19.06
C3 9F0 C . -13.34 12.57 17.87
C4 9F0 C . -11.01 12.47 18.78
C5 9F0 C . -13.03 13.28 16.70
C7 9F0 C . -15.34 13.95 16.47
C8 9F0 C . -15.66 13.26 17.65
C10 9F0 C . -9.85 11.77 18.44
C12 9F0 C . -8.50 13.65 19.14
C14 9F0 C . -10.92 13.77 19.29
C21 9F0 C . -13.31 6.54 20.47
C22 9F0 C . -7.16 14.27 19.34
C23 9F0 C . -17.71 14.18 15.69
C24 9F0 C . -18.69 14.86 14.99
C27 9F0 C . -16.11 15.86 15.06
C28 9F0 C . -6.16 13.58 20.00
N30 9F0 C . -4.68 15.44 19.69
C32 9F0 C . -6.92 15.55 18.86
C34 9F0 C . -12.63 4.60 21.71
N41 9F0 C . -13.14 1.30 20.44
C50 9F0 C . -13.14 -0.23 20.66
C51 9F0 C . -13.35 -0.59 22.15
N49 9F0 C . -14.50 0.21 22.70
C52 9F0 C . -14.62 0.37 24.19
C53 9F0 C . -15.53 1.58 24.52
N42 9F0 C . -15.16 2.82 23.67
PT2 9F0 C . -14.15 2.07 22.05
N35 9F0 C . -13.79 3.98 21.38
C36 9F0 C . -14.72 4.60 20.60
C37 9F0 C . -14.50 5.89 20.14
C33 9F0 C . -12.37 5.89 21.26
C17 9F0 C . -13.05 7.93 19.99
C18 9F0 C . -12.34 8.84 20.79
C19 9F0 C . -12.10 10.14 20.33
C16 9F0 C . -13.50 8.33 18.72
C15 9F0 C . -13.25 9.62 18.26
N1 9F0 C . -12.30 11.86 18.58
C13 9F0 C . -9.66 14.35 19.48
C11 9F0 C . -8.60 12.35 18.63
C31 9F0 C . -5.67 16.13 19.04
C29 9F0 C . -4.92 14.17 20.16
PT1 9F0 C . -2.84 16.30 19.95
N47 9F0 C . -2.17 15.44 18.22
C60 9F0 C . -0.72 15.95 18.04
C61 9F0 C . -0.51 17.28 18.81
N46 9F0 C . -1.05 17.14 20.22
C59 9F0 C . -1.34 18.39 21.00
C58 9F0 C . -2.30 18.06 22.17
N48 9F0 C . -3.49 17.18 21.69
C9 9F0 C . -14.65 12.57 18.34
C6 9F0 C . -14.03 13.96 16.01
C20 9F0 C . -16.41 14.68 15.72
C26 9F0 C . -17.12 16.53 14.36
N25 9F0 C . -18.39 16.02 14.34
PT3 9F0 C . -19.86 17.01 13.29
N43 9F0 C . -19.73 15.64 11.77
C57 9F0 C . -20.84 16.05 10.77
C56 9F0 C . -21.94 16.89 11.46
N45 9F0 C . -21.29 17.98 12.29
C55 9F0 C . -22.12 18.67 13.35
C54 9F0 C . -21.08 19.38 14.26
N44 9F0 C . -20.03 18.39 14.79
H5 9F0 C . -12.00 13.29 16.33
H8 9F0 C . -16.68 13.25 18.02
H10 9F0 C . -9.93 10.75 18.04
H14 9F0 C . -11.82 14.31 19.55
H23 9F0 C . -17.95 13.25 16.21
H24 9F0 C . -19.71 14.48 14.97
H27 9F0 C . -15.11 16.27 15.08
H28 9F0 C . -6.34 12.58 20.37
H32 9F0 C . -7.70 16.10 18.34
H34 9F0 C . -11.89 4.09 22.34
H9X 9F0 C . -12.20 1.64 20.43
H50 9F0 C . -12.20 -0.64 20.32
H9L 9F0 C . -13.95 -0.67 20.06
H51 9F0 C . -12.45 -0.35 22.70
H9M 9F0 C . -13.57 -1.65 22.25
H9N 9F0 C . -15.05 -0.53 24.62
H52 9F0 C . -13.63 0.54 24.63
H9O 9F0 C . -16.57 1.31 24.32
H53 9F0 C . -15.43 1.83 25.58
H9Y 9F0 C . -15.99 3.30 23.38
H36 9F0 C . -15.65 4.09 20.34
H37 9F0 C . -15.24 6.40 19.53
H33 9F0 C . -11.44 6.39 21.54
H18 9F0 C . -11.99 8.54 21.77
H19 9F0 C . -11.55 10.84 20.95
H16 9F0 C . -14.05 7.62 18.10
H15 9F0 C . -13.61 9.92 17.28
H13 9F0 C . -9.59 15.36 19.88
H11 9F0 C . -7.69 11.80 18.38
H31 9F0 C . -5.47 17.12 18.67
H29 9F0 C . -4.12 13.63 20.69
H91 9F0 C . -2.17 14.45 18.31
H9V 9F0 C . -0.03 15.21 18.42
H60 9F0 C . -0.54 16.12 16.98
H9W 9F0 C . 0.56 17.51 18.85
H61 9F0 C . -1.03 18.09 18.30
H59 9F0 C . -1.80 19.13 20.35
H9U 9F0 C . -0.41 18.79 21.40
H58 9F0 C . -2.69 18.99 22.59
H9T 9F0 C . -1.75 17.52 22.95
H48 9F0 C . -4.29 17.76 21.51
H9 9F0 C . -14.90 12.02 19.25
H6 9F0 C . -13.78 14.52 15.10
H26 9F0 C . -16.89 17.45 13.84
H43 9F0 C . -19.89 14.73 12.12
H9S 9F0 C . -20.39 16.62 9.96
H57 9F0 C . -21.29 15.15 10.36
H9R 9F0 C . -22.58 17.35 10.71
H56 9F0 C . -22.53 16.26 12.11
H9Q 9F0 C . -22.80 19.40 12.91
H55 9F0 C . -22.68 17.93 13.93
H54 9F0 C . -21.60 19.83 15.12
H9P 9F0 C . -20.59 20.17 13.70
H44 9F0 C . -20.35 17.96 15.63
H41 9F0 C . -13.61 1.53 19.60
H42 9F0 C . -14.57 3.43 24.20
H9Z 9F0 C . -18.84 15.70 11.33
H90 9F0 C . -19.15 18.86 14.93
H45 9F0 C . -20.88 18.66 11.68
H46 9F0 C . -0.46 16.53 20.75
H47 9F0 C . -2.75 15.73 17.45
H92 9F0 C . -3.70 16.49 22.37
H49 9F0 C . -15.36 -0.12 22.32
C2 9F0 D . -5.98 4.50 5.26
C3 9F0 D . -8.23 3.47 5.03
C4 9F0 D . -6.40 2.23 6.18
C5 9F0 D . -8.85 2.34 4.46
C7 9F0 D . -10.89 3.60 4.17
C8 9F0 D . -10.28 4.73 4.75
C10 9F0 D . -5.16 1.68 5.87
C12 9F0 D . -5.51 -0.04 7.53
C14 9F0 D . -7.20 1.64 7.17
C21 9F0 D . -3.35 7.81 4.57
C22 9F0 D . -5.03 -1.25 8.25
C23 9F0 D . -12.59 3.80 2.35
C24 9F0 D . -13.91 3.86 1.94
C27 9F0 D . -13.34 3.62 4.63
C28 9F0 D . -3.80 -1.23 8.89
N30 9F0 D . -4.14 -3.50 9.59
C32 9F0 D . -5.81 -2.39 8.28
C34 9F0 D . -1.22 8.88 4.87
N41 9F0 D . 0.32 10.63 2.10
C50 9F0 D . 1.32 11.64 1.49
C51 9F0 D . 1.02 13.09 1.97
N49 9F0 D . 0.82 13.09 3.46
C52 9F0 D . 0.11 14.24 4.10
C53 9F0 D . -0.40 13.85 5.51
N42 9F0 D . -1.11 12.47 5.47
PT2 9F0 D . -0.40 11.53 3.79
N35 9F0 D . -1.66 9.95 4.12
C36 9F0 D . -2.92 9.97 3.60
C37 9F0 D . -3.78 8.90 3.82
C33 9F0 D . -2.07 7.80 5.09
C17 9F0 D . -4.26 6.65 4.81
C18 9F0 D . -4.32 6.06 6.07
C19 9F0 D . -5.18 4.99 6.30
C16 9F0 D . -5.06 6.17 3.77
C15 9F0 D . -5.92 5.10 3.98
N1 9F0 D . -6.87 3.40 5.48
C13 9F0 D . -6.75 0.51 7.84
C11 9F0 D . -4.70 0.54 6.55
C31 9F0 D . -5.35 -3.52 8.95
C29 9F0 D . -3.36 -2.37 9.56
PT1 9F0 D . -3.47 -5.16 10.57
N47 9F0 D . -5.23 -5.28 11.61
C60 9F0 D . -5.09 -6.50 12.53
C61 9F0 D . -4.08 -7.52 11.94
N46 9F0 D . -2.82 -6.80 11.54
C59 9F0 D . -1.90 -7.45 10.54
C58 9F0 D . -0.94 -6.40 9.91
N48 9F0 D . -1.69 -5.09 9.55
C9 9F0 D . -8.96 4.66 5.18
C6 9F0 D . -10.17 2.41 4.03
C20 9F0 D . -12.31 3.68 3.71
C26 9F0 D . -14.65 3.68 4.19
N25 9F0 D . -14.93 3.81 2.85
PT3 9F0 D . -16.87 3.90 2.22
N43 9F0 D . -16.92 5.91 2.59
C57 9F0 D . -18.33 6.38 2.18
C56 9F0 D . -18.94 5.41 1.14
N45 9F0 D . -18.79 3.99 1.60
C55 9F0 D . -18.89 2.87 0.59
C54 9F0 D . -18.29 1.61 1.29
N44 9F0 D . -16.88 1.90 1.82
H5 9F0 D . -8.28 1.42 4.36
H8 9F0 D . -10.85 5.65 4.85
H10 9F0 D . -4.53 2.14 5.09
H14 9F0 D . -8.17 2.06 7.40
H23 9F0 D . -11.79 3.84 1.62
H24 9F0 D . -14.15 3.95 0.88
H27 9F0 D . -13.13 3.52 5.69
H28 9F0 D . -3.18 -0.34 8.86
H32 9F0 D . -6.77 -2.42 7.78
H34 9F0 D . -0.21 8.88 5.28
H9X 9F0 D . -0.43 10.46 1.46
H50 9F0 D . 1.25 11.61 0.41
H9L 9F0 D . 2.33 11.37 1.79
H51 9F0 D . 0.11 13.45 1.49
H9M 9F0 D . 1.85 13.73 1.72
H9N 9F0 D . 0.81 15.08 4.20
H52 9F0 D . -0.73 14.55 3.48
H9O 9F0 D . 0.45 13.79 6.19
H53 9F0 D . -1.11 14.60 5.87
H9Y 9F0 D . -0.87 11.94 6.29
H36 9F0 D . -3.26 10.82 3.01
H37 9F0 D . -4.79 8.91 3.40
H33 9F0 D . -1.73 6.96 5.70
H18 9F0 D . -3.69 6.42 6.88
H19 9F0 D . -5.23 4.51 7.28
H16 9F0 D . -5.01 6.64 2.79
H15 9F0 D . -6.53 4.72 3.17
H13 9F0 D . -7.37 0.05 8.61
H11 9F0 D . -3.73 0.11 6.31
H31 9F0 D . -5.95 -4.42 8.98
H29 9F0 D . -2.40 -2.36 10.07
H91 9F0 D . -5.37 -4.44 12.15
H9V 9F0 D . -4.73 -6.17 13.51
H60 9F0 D . -6.05 -6.98 12.65
H9W 9F0 D . -3.84 -8.27 12.69
H61 9F0 D . -4.52 -7.99 11.07
H59 9F0 D . -2.50 -7.92 9.75
H9U 9F0 D . -1.31 -8.22 11.04
H58 9F0 D . -0.51 -6.82 9.00
H9T 9F0 D . -0.15 -6.18 10.61
H48 9F0 D . -1.87 -5.04 8.57
H9 9F0 D . -8.49 5.53 5.61
H6 9F0 D . -10.64 1.54 3.59
H26 9F0 D . -15.47 3.64 4.91
H43 9F0 D . -16.23 6.38 2.05
H9S 9F0 D . -18.98 6.40 3.06
H57 9F0 D . -18.27 7.38 1.75
H9R 9F0 D . -20.01 5.63 1.01
H56 9F0 D . -18.44 5.54 0.18
H9Q 9F0 D . -19.93 2.69 0.32
H55 9F0 D . -18.31 3.11 -0.31
H54 9F0 D . -18.25 0.79 0.59
H9P 9F0 D . -18.94 1.33 2.13
H44 9F0 D . -16.19 1.68 1.13
H41 9F0 D . 0.79 9.79 2.33
H42 9F0 D . -2.09 12.59 5.41
H9Z 9F0 D . -16.77 6.09 3.57
H90 9F0 D . -16.71 1.38 2.66
H45 9F0 D . -19.39 3.80 2.37
H46 9F0 D . -2.30 -6.52 12.34
H47 9F0 D . -6.00 -5.41 10.99
H92 9F0 D . -1.16 -4.30 9.84
H49 9F0 D . 1.70 12.93 3.92
C2 9F0 E . 12.72 -10.88 -18.83
C3 9F0 E . 14.72 -9.39 -18.84
C4 9F0 E . 12.58 -8.60 -19.82
C5 9F0 E . 15.08 -8.21 -18.17
C7 9F0 E . 17.39 -8.92 -18.15
C8 9F0 E . 17.03 -10.10 -18.82
C10 9F0 E . 11.37 -8.17 -19.28
C12 9F0 E . 11.11 -6.59 -21.09
C14 9F0 E . 13.05 -8.03 -21.01
C21 9F0 E . 10.88 -14.62 -17.82
C22 9F0 E . 10.32 -5.52 -21.77
C23 9F0 E . 19.63 -9.72 -17.38
C24 9F0 E . 20.95 -9.47 -17.03
C27 9F0 E . 19.33 -7.37 -17.83
C28 9F0 E . 9.04 -5.79 -22.25
N30 9F0 E . 8.86 -3.53 -23.02
C32 9F0 E . 10.86 -4.26 -21.91
C34 9F0 E . 8.95 -16.04 -17.73
N41 9F0 E . 8.36 -18.10 -14.80
C50 9F0 E . 7.58 -19.24 -14.10
C51 9F0 E . 6.94 -20.19 -15.15
N49 9F0 E . 7.96 -20.56 -16.19
C52 9F0 E . 7.50 -21.10 -17.51
C53 9F0 E . 8.62 -20.96 -18.57
N42 9F0 E . 9.26 -19.56 -18.53
PT2 9F0 E . 8.82 -18.82 -16.67
N35 9F0 E . 9.70 -17.03 -17.16
C36 9F0 E . 11.03 -16.84 -16.91
C37 9F0 E . 11.63 -15.63 -17.23
C33 9F0 E . 9.53 -14.83 -18.07
C17 9F0 E . 11.52 -13.32 -18.17
C18 9F0 E . 11.25 -12.72 -19.41
C19 9F0 E . 11.85 -11.51 -19.74
C16 9F0 E . 12.38 -12.69 -17.27
C15 9F0 E . 12.98 -11.48 -17.60
N1 9F0 E . 13.34 -9.62 -19.17
C13 9F0 E . 12.31 -7.02 -21.64
C11 9F0 E . 10.63 -7.17 -19.91
C31 9F0 E . 10.11 -3.26 -22.54
C29 9F0 E . 8.32 -4.79 -22.88
PT1 9F0 E . 7.77 -2.07 -23.95
N47 9F0 E . 7.02 -1.45 -22.14
C60 9F0 E . 6.14 -0.23 -22.45
C61 9F0 E . 6.56 0.42 -23.80
N46 9F0 E . 6.71 -0.64 -24.85
C59 9F0 E . 7.51 -0.32 -26.08
C58 9F0 E . 7.94 -1.65 -26.78
N48 9F0 E . 8.51 -2.65 -25.76
C9 9F0 E . 15.70 -10.34 -19.16
C6 9F0 E . 16.41 -7.98 -17.83
C20 9F0 E . 18.81 -8.66 -17.78
C26 9F0 E . 20.66 -7.14 -17.48
N25 9F0 E . 21.45 -8.20 -17.08
PT3 9F0 E . 23.40 -7.85 -16.54
N43 9F0 E . 22.92 -8.05 -14.56
C57 9F0 E . 24.26 -7.96 -13.80
C56 9F0 E . 25.46 -8.28 -14.74
N45 9F0 E . 25.31 -7.52 -16.03
C55 9F0 E . 26.12 -7.95 -17.23
C54 9F0 E . 25.43 -7.29 -18.45
N44 9F0 E . 23.93 -7.65 -18.50
H5 9F0 E . 14.32 -7.47 -17.92
H8 9F0 E . 17.80 -10.84 -19.07
H10 9F0 E . 11.00 -8.62 -18.35
H14 9F0 E . 13.99 -8.37 -21.44
H23 9F0 E . 19.23 -10.73 -17.34
H24 9F0 E . 21.59 -10.29 -16.73
H27 9F0 E . 18.70 -6.53 -18.15
H28 9F0 E . 8.61 -6.79 -22.13
H32 9F0 E . 11.86 -4.03 -21.54
H34 9F0 E . 7.88 -16.20 -17.92
H9X 9F0 E . 7.79 -17.28 -14.87
H50 9F0 E . 6.79 -18.81 -13.49
H9L 9F0 E . 8.26 -19.81 -13.47
H51 9F0 E . 6.10 -19.69 -15.64
H9M 9F0 E . 6.58 -21.09 -14.65
H9N 9F0 E . 7.23 -22.17 -17.40
H52 9F0 E . 6.61 -20.55 -17.84
H9O 9F0 E . 9.39 -21.72 -18.37
H53 9F0 E . 8.20 -21.14 -19.56
H9Y 9F0 E . 10.24 -19.62 -18.65
H36 9F0 E . 11.61 -17.63 -16.46
H37 9F0 E . 12.69 -15.48 -17.04
H33 9F0 E . 8.93 -14.04 -18.52
H18 9F0 E . 10.58 -13.21 -20.11
H19 9F0 E . 11.65 -11.04 -20.71
H16 9F0 E . 12.60 -13.17 -16.30
H15 9F0 E . 13.66 -10.99 -16.89
H13 9F0 E . 12.68 -6.58 -22.56
H11 9F0 E . 9.68 -6.84 -19.49
H31 9F0 E . 10.53 -2.27 -22.65
H29 9F0 E . 7.32 -4.99 -23.25
H91 9F0 E . 6.47 -2.18 -21.72
H9V 9F0 E . 5.10 -0.55 -22.52
H60 9F0 E . 6.24 0.50 -21.66
H9W 9F0 E . 5.80 1.14 -24.11
H61 9F0 E . 7.51 0.94 -23.67
H59 9F0 E . 8.39 0.24 -25.81
H9U 9F0 E . 6.89 0.26 -26.77
H58 9F0 E . 8.70 -1.42 -27.53
H9T 9F0 E . 7.07 -2.09 -27.28
H48 9F0 E . 9.51 -2.62 -25.77
H9 9F0 E . 15.42 -11.26 -19.67
H6 9F0 E . 16.70 -7.06 -17.33
H26 9F0 E . 21.07 -6.14 -17.50
H43 9F0 E . 22.49 -8.93 -14.40
H9S 9F0 E . 24.38 -6.97 -13.39
H57 9F0 E . 24.25 -8.69 -12.98
H9R 9F0 E . 26.39 -7.98 -14.24
H56 9F0 E . 25.49 -9.35 -14.95
H9Q 9F0 E . 27.14 -7.62 -17.14
H55 9F0 E . 26.09 -9.05 -17.32
H54 9F0 E . 25.91 -7.64 -19.36
H9P 9F0 E . 25.53 -6.21 -18.38
H44 9F0 E . 23.80 -8.51 -18.99
H41 9F0 E . 9.20 -17.90 -14.29
H42 9F0 E . 8.85 -18.98 -19.24
H9Z 9F0 E . 22.31 -7.31 -14.28
H90 9F0 E . 23.41 -6.92 -18.93
H45 9F0 E . 25.44 -6.53 -15.86
H46 9F0 E . 5.81 -1.00 -25.11
H47 9F0 E . 7.77 -1.19 -21.53
H92 9F0 E . 8.20 -3.58 -25.98
H49 9F0 E . 8.65 -21.18 -15.79
C2 9F0 F . 5.59 -4.08 -5.53
C3 9F0 F . 6.98 -5.73 -4.30
C4 9F0 F . 4.68 -6.33 -5.03
C5 9F0 F . 6.96 -6.44 -3.10
C7 9F0 F . 9.38 -6.41 -3.05
C8 9F0 F . 9.40 -5.70 -4.25
C10 9F0 F . 3.36 -5.92 -4.79
C12 9F0 F . 2.59 -8.19 -5.18
C14 9F0 F . 4.94 -7.66 -5.35
C21 9F0 F . 5.12 -0.21 -7.30
C22 9F0 F . 1.48 -9.18 -5.26
C23 9F0 F . 11.16 -5.99 -1.34
C24 9F0 F . 12.35 -6.35 -0.73
C27 9F0 F . 11.38 -7.88 -2.81
C28 9F0 F . 0.38 -8.92 -6.07
N30 9F0 F . -0.58 -11.01 -5.43
C32 9F0 F . 1.55 -10.36 -4.55
C34 9F0 F . 3.79 1.36 -8.53
N41 9F0 F . 2.90 4.46 -8.18
C50 9F0 F . 2.46 5.90 -8.52
C51 9F0 F . 3.63 6.72 -9.11
N49 9F0 F . 4.33 5.92 -10.17
C52 9F0 F . 5.73 6.31 -10.58
C53 9F0 F . 6.43 5.11 -11.28
N42 9F0 F . 6.23 3.81 -10.49
PT2 9F0 F . 4.57 4.12 -9.33
N35 9F0 F . 4.81 2.27 -8.47
C36 9F0 F . 5.98 1.97 -7.83
C37 9F0 F . 6.15 0.72 -7.25
C33 9F0 F . 3.94 0.10 -7.94
C17 9F0 F . 5.29 -1.55 -6.68
C18 9F0 F . 5.03 -2.71 -7.44
C19 9F0 F . 5.19 -3.97 -6.86
C16 9F0 F . 5.69 -1.66 -5.35
C15 9F0 F . 5.84 -2.93 -4.77
N1 9F0 F . 5.74 -5.38 -4.95
C13 9F0 F . 3.90 -8.59 -5.42
C11 9F0 F . 2.32 -6.86 -4.87
C31 9F0 F . 0.50 -11.27 -4.63
C29 9F0 F . -0.65 -9.85 -6.14
PT1 9F0 F . -2.10 -12.38 -5.54
N47 9F0 F . -0.80 -13.80 -6.22
C60 9F0 F . -1.64 -15.09 -6.39
C61 9F0 F . -2.90 -15.04 -5.49
N46 9F0 F . -3.59 -13.71 -5.65
C59 9F0 F . -4.56 -13.26 -4.60
C58 9F0 F . -4.77 -11.73 -4.70
N48 9F0 F . -3.43 -10.99 -4.85
C9 9F0 F . 8.20 -5.35 -4.88
C6 9F0 F . 8.17 -6.78 -2.47
C20 9F0 F . 10.67 -6.77 -2.39
C26 9F0 F . 12.57 -8.21 -2.19
N25 9F0 F . 13.05 -7.45 -1.16
PT3 9F0 F . 14.81 -7.95 -0.24
N43 9F0 F . 15.88 -7.12 -1.79
C57 9F0 F . 17.36 -7.29 -1.42
C56 9F0 F . 17.53 -7.43 0.12
N45 9F0 F . 16.54 -8.44 0.65
C55 9F0 F . 16.21 -8.43 2.12
C54 9F0 F . 14.92 -9.29 2.26
N44 9F0 F . 13.81 -8.77 1.32
H5 9F0 F . 6.02 -6.73 -2.65
H8 9F0 F . 10.35 -5.41 -4.70
H10 9F0 F . 3.14 -4.89 -4.54
H14 9F0 F . 5.97 -7.98 -5.52
H23 9F0 F . 10.60 -5.12 -1.00
H24 9F0 F . 12.74 -5.74 0.09
H27 9F0 F . 11.01 -8.50 -3.63
H28 9F0 F . 0.32 -7.99 -6.64
H32 9F0 F . 2.41 -10.57 -3.92
H34 9F0 F . 2.86 1.61 -9.04
H9X 9F0 F . 3.14 4.39 -7.21
H50 9F0 F . 2.10 6.40 -7.62
H9L 9F0 F . 1.65 5.87 -9.25
H51 9F0 F . 4.35 6.97 -8.31
H9M 9F0 F . 3.26 7.65 -9.54
H9N 9F0 F . 5.68 7.16 -11.26
H52 9F0 F . 6.30 6.59 -9.69
H9O 9F0 F . 6.02 5.00 -12.28
H53 9F0 F . 7.50 5.32 -11.36
H9Y 9F0 F . 6.08 3.04 -11.12
H36 9F0 F . 6.78 2.70 -7.79
H37 9F0 F . 7.08 0.47 -6.75
H33 9F0 F . 3.13 -0.62 -7.98
H18 9F0 F . 4.71 -2.61 -8.47
H19 9F0 F . 4.98 -4.86 -7.45
H16 9F0 F . 5.89 -0.77 -4.76
H15 9F0 F . 6.15 -3.02 -3.73
H13 9F0 F . 4.12 -9.63 -5.67
H11 9F0 F . 1.29 -6.54 -4.69
H31 9F0 F . 0.56 -12.21 -4.07
H29 9F0 F . -1.52 -9.65 -6.76
H91 9F0 F . -0.41 -13.53 -7.11
H9V 9F0 F . -1.95 -15.18 -7.43
H60 9F0 F . -1.03 -15.95 -6.11
H9W 9F0 F . -3.58 -15.84 -5.78
H61 9F0 F . -2.61 -15.17 -4.44
H59 9F0 F . -4.16 -13.51 -3.61
H9U 9F0 F . -5.51 -13.77 -4.74
H58 9F0 F . -5.27 -11.39 -3.79
H9T 9F0 F . -5.41 -11.51 -5.55
H48 9F0 F . -3.13 -10.63 -3.97
H9 9F0 F . 8.21 -4.80 -5.81
H6 9F0 F . 8.15 -7.34 -1.53
H26 9F0 F . 13.14 -9.09 -2.51
H43 9F0 F . 15.65 -6.15 -1.89
H9S 9F0 F . 17.75 -8.19 -1.90
H57 9F0 F . 17.92 -6.43 -1.76
H9R 9F0 F . 18.54 -7.76 0.34
H56 9F0 F . 17.34 -6.46 0.59
H9Q 9F0 F . 17.02 -8.87 2.71
H55 9F0 F . 16.01 -7.41 2.46
H54 9F0 F . 14.56 -9.24 3.29
H9P 9F0 F . 15.15 -10.32 2.01
H44 9F0 F . 13.25 -8.08 1.78
H41 9F0 F . 2.19 3.81 -8.41
H42 9F0 F . 7.03 3.63 -9.91
H9Z 9F0 F . 15.68 -7.60 -2.65
H90 9F0 F . 13.23 -9.54 1.01
H45 9F0 F . 16.81 -9.36 0.37
H46 9F0 F . -4.02 -13.67 -6.55
H47 9F0 F . -0.07 -13.95 -5.56
H92 9F0 F . -3.52 -10.24 -5.51
H49 9F0 F . 3.75 5.84 -10.98
C2 9F0 C . -12.59 10.26 19.18
C3 9F0 C . -13.54 12.21 17.97
C4 9F0 C . -11.19 12.29 18.81
C5 9F0 C . -13.31 12.96 16.81
C7 9F0 C . -15.68 13.41 16.61
C8 9F0 C . -15.92 12.66 17.77
C10 9F0 C . -9.99 11.66 18.50
C12 9F0 C . -8.76 13.64 19.13
C14 9F0 C . -11.18 13.61 19.29
C21 9F0 C . -13.00 6.27 20.70
C22 9F0 C . -7.47 14.37 19.28
C23 9F0 C . -18.06 13.39 15.82
C24 9F0 C . -19.11 13.96 15.14
C27 9F0 C . -16.67 15.27 15.25
C28 9F0 C . -6.41 13.76 19.94
N30 9F0 C . -5.07 15.69 19.57
C32 9F0 C . -7.31 15.64 18.77
C34 9F0 C . -12.12 4.40 21.94
N41 9F0 C . -12.69 1.02 20.68
C50 9F0 C . -12.60 -0.51 20.90
C51 9F0 C . -12.57 -0.85 22.41
N49 9F0 C . -13.64 -0.08 23.13
C52 9F0 C . -13.54 0.09 24.61
C53 9F0 C . -14.43 1.28 25.07
N42 9F0 C . -14.23 2.51 24.18
PT2 9F0 C . -13.46 1.78 22.42
N35 9F0 C . -13.27 3.69 21.69
C36 9F0 C . -14.28 4.24 20.96
C37 9F0 C . -14.16 5.53 20.46
C33 9F0 C . -11.99 5.69 21.46
C17 9F0 C . -12.86 7.65 20.18
C18 9F0 C . -12.22 8.63 20.95
C19 9F0 C . -12.09 9.93 20.45
C16 9F0 C . -13.36 7.98 18.91
C15 9F0 C . -13.22 9.27 18.42
N1 9F0 C . -12.44 11.59 18.67
C13 9F0 C . -9.97 14.29 19.43
C11 9F0 C . -8.77 12.33 18.66
C31 9F0 C . -6.10 16.30 18.92
C29 9F0 C . -5.21 14.43 20.08
PT1 9F0 C . -3.27 16.68 19.80
N47 9F0 C . -2.69 16.09 17.93
C60 9F0 C . -1.32 16.75 17.70
C61 9F0 C . -1.13 17.99 18.62
N46 9F0 C . -1.54 17.64 20.02
C59 9F0 C . -1.86 18.76 20.98
C58 9F0 C . -2.69 18.20 22.17
N48 9F0 C . -3.84 17.30 21.68
C9 9F0 C . -14.85 12.06 18.45
C6 9F0 C . -14.38 13.56 16.13
C20 9F0 C . -16.82 14.03 15.88
C26 9F0 C . -17.73 15.83 14.57
N25 9F0 C . -18.95 15.18 14.52
PT3 9F0 C . -20.52 16.04 13.51
N43 9F0 C . -20.24 14.73 11.95
C57 9F0 C . -21.40 15.03 10.96
C56 9F0 C . -22.57 15.73 11.68
N45 9F0 C . -22.05 16.86 12.52
C55 9F0 C . -22.95 17.41 13.62
C54 9F0 C . -22.00 18.22 14.55
N44 9F0 C . -20.84 17.33 15.04
H5 9F0 C . -12.29 13.08 16.43
H8 9F0 C . -16.93 12.53 18.15
H10 9F0 C . -9.99 10.63 18.14
H14 9F0 C . -12.11 14.11 19.54
H23 9F0 C . -18.18 12.42 16.30
H24 9F0 C . -20.07 13.46 15.10
H27 9F0 C . -15.71 15.78 15.29
H28 9F0 C . -6.52 12.75 20.33
H32 9F0 C . -8.14 16.13 18.24
H34 9F0 C . -11.33 3.95 22.53
H9X 9F0 C . -11.78 1.40 20.51
H50 9F0 C . -11.70 -0.88 20.42
H9L 9F0 C . -13.47 -0.97 20.44
H51 9F0 C . -11.59 -0.58 22.82
H9M 9F0 C . -12.73 -1.92 22.54
H9N 9F0 C . -13.88 -0.83 25.11
H52 9F0 C . -12.51 0.29 24.89
H9O 9F0 C . -15.47 0.97 25.04
H53 9F0 C . -14.17 1.53 26.10
H9Y 9F0 C . -15.11 2.97 24.00
H36 9F0 C . -15.18 3.66 20.75
H37 9F0 C . -14.97 5.97 19.87
H33 9F0 C . -11.08 6.26 21.66
H18 9F0 C . -11.83 8.38 21.93
H19 9F0 C . -11.58 10.70 21.04
H16 9F0 C . -13.87 7.21 18.32
H15 9F0 C . -13.61 9.52 17.43
H13 9F0 C . -9.96 15.31 19.80
H11 9F0 C . -7.84 11.83 18.42
H31 9F0 C . -5.97 17.30 18.52
H29 9F0 C . -4.37 13.96 20.60
H91 9F0 C . -2.62 15.10 17.89
H9V 9F0 C . -0.54 16.02 17.93
H60 9F0 C . -1.24 17.05 16.66
H9W 9F0 C . -0.09 18.30 18.60
H61 9F0 C . -1.75 18.80 18.25
H59 9F0 C . -2.43 19.52 20.46
H9U 9F0 C . -0.93 19.19 21.35
H58 9F0 C . -3.12 19.04 22.73
H9T 9F0 C . -2.04 17.64 22.83
H48 9F0 C . -4.69 17.81 21.63
H9 9F0 C . -15.03 11.48 19.35
H6 9F0 C . -14.20 14.15 15.24
H26 9F0 C . -17.61 16.80 14.07
H43 9F0 C . -20.29 13.79 12.26
H9S 9F0 C . -21.03 15.68 10.16
H57 9F0 C . -21.74 14.09 10.52
H9R 9F0 C . -23.27 16.13 10.93
H56 9F0 C . -23.09 15.00 12.30
H9Q 9F0 C . -23.70 18.07 13.19
H55 9F0 C . -23.43 16.60 14.17
H54 9F0 C . -22.56 18.58 15.41
H9P 9F0 C . -21.59 19.07 14.01
H44 9F0 C . -21.11 16.84 15.87
H41 9F0 C . -13.29 1.23 19.91
H42 9F0 C . -13.58 3.14 24.60
H9Z 9F0 C . -19.36 14.90 11.50
H90 9F0 C . -20.03 17.89 15.21
H45 9F0 C . -21.73 17.60 11.94
H46 9F0 C . -0.86 17.02 20.44
H47 9F0 C . -3.35 16.41 17.24
H92 9F0 C . -3.93 16.51 22.28
H49 9F0 C . -14.55 -0.44 22.88
C2 9F0 D . -6.02 4.57 5.35
C3 9F0 D . -8.25 3.46 5.15
C4 9F0 D . -6.36 2.30 6.30
C5 9F0 D . -8.83 2.32 4.60
C7 9F0 D . -10.91 3.51 4.32
C8 9F0 D . -10.34 4.64 4.87
C10 9F0 D . -5.10 1.78 5.97
C12 9F0 D . -5.36 0.07 7.67
C14 9F0 D . -7.12 1.69 7.30
C21 9F0 D . -3.52 7.96 4.64
C22 9F0 D . -4.83 -1.11 8.40
C23 9F0 D . -12.64 3.78 2.54
C24 9F0 D . -13.97 3.80 2.13
C27 9F0 D . -13.35 3.31 4.78
C28 9F0 D . -3.58 -1.05 9.00
N30 9F0 D . -3.85 -3.31 9.75
C32 9F0 D . -5.58 -2.29 8.47
C34 9F0 D . -1.38 9.05 4.84
N41 9F0 D . 0.65 10.60 2.84
C50 9F0 D . 1.75 11.56 2.33
C51 9F0 D . 1.22 13.02 2.25
N49 9F0 D . 0.49 13.36 3.52
C52 9F0 D . -0.46 14.52 3.52
C53 9F0 D . -1.43 14.42 4.73
N42 9F0 D . -2.00 12.99 4.85
PT2 9F0 D . -0.68 11.77 3.86
N35 9F0 D . -1.89 10.15 4.20
C36 9F0 D . -3.19 10.18 3.77
C37 9F0 D . -4.02 9.08 3.99
C33 9F0 D . -2.19 7.94 5.06
C17 9F0 D . -4.39 6.78 4.89
C18 9F0 D . -4.46 6.22 6.16
C19 9F0 D . -5.27 5.11 6.39
C16 9F0 D . -5.14 6.24 3.84
C15 9F0 D . -5.95 5.13 4.07
N1 9F0 D . -6.87 3.44 5.59
C13 9F0 D . -6.61 0.58 7.98
C11 9F0 D . -4.60 0.67 6.66
C31 9F0 D . -5.07 -3.38 9.15
C29 9F0 D . -3.10 -2.16 9.69
PT1 9F0 D . -3.12 -4.93 10.76
N47 9F0 D . -4.74 -4.93 12.00
C60 9F0 D . -4.53 -6.11 12.97
C61 9F0 D . -3.62 -7.19 12.32
N46 9F0 D . -2.40 -6.53 11.73
C59 9F0 D . -1.62 -7.27 10.69
C58 9F0 D . -0.71 -6.29 9.89
N48 9F0 D . -1.48 -4.99 9.53
C9 9F0 D . -9.01 4.62 5.30
C6 9F0 D . -10.15 2.34 4.18
C20 9F0 D . -12.33 3.53 3.87
C26 9F0 D . -14.67 3.34 4.36
N25 9F0 D . -14.96 3.58 3.05
PT3 9F0 D . -16.92 3.62 2.43
N43 9F0 D . -17.18 5.46 3.29
C57 9F0 D . -18.64 5.85 2.99
C56 9F0 D . -19.16 5.12 1.73
N45 9F0 D . -18.83 3.65 1.83
C55 9F0 D . -18.83 2.82 0.56
C54 9F0 D . -18.09 1.49 0.95
N44 9F0 D . -16.71 1.80 1.55
H5 9F0 D . -8.24 1.40 4.49
H8 9F0 D . -10.92 5.56 4.98
H10 9F0 D . -4.50 2.25 5.19
H14 9F0 D . -8.10 2.08 7.55
H23 9F0 D . -11.84 3.96 1.82
H24 9F0 D . -14.22 3.99 1.09
H27 9F0 D . -13.12 3.11 5.83
H28 9F0 D . -2.99 -0.14 8.95
H32 9F0 D . -6.56 -2.34 7.99
H34 9F0 D . -0.35 9.04 5.17
H9X 9F0 D . 0.21 10.15 2.07
H50 9F0 D . 2.08 11.24 1.33
H9L 9F0 D . 2.60 11.52 3.01
H51 9F0 D . 0.54 13.11 1.40
H9M 9F0 D . 2.06 13.70 2.11
H9N 9F0 D . 0.11 15.45 3.59
H52 9F0 D . -1.03 14.52 2.60
H9O 9F0 D . -0.89 14.67 5.64
H53 9F0 D . -2.25 15.11 4.59
H9Y 9F0 D . -2.06 12.72 5.82
H36 9F0 D . -3.58 11.05 3.26
H37 9F0 D . -5.05 9.10 3.66
H33 9F0 D . -1.80 7.07 5.57
H18 9F0 D . -3.86 6.64 6.98
H19 9F0 D . -5.32 4.67 7.39
H16 9F0 D . -5.08 6.68 2.85
H15 9F0 D . -6.53 4.71 3.25
H13 9F0 D . -7.21 0.11 8.77
H11 9F0 D . -3.61 0.28 6.41
H31 9F0 D . -5.65 -4.30 9.22
H29 9F0 D . -2.12 -2.12 10.17
H91 9F0 D . -4.78 -4.06 12.52
H9V 9F0 D . -4.05 -5.75 13.88
H60 9F0 D . -5.49 -6.55 13.21
H9W 9F0 D . -3.32 -7.91 13.08
H61 9F0 D . -4.17 -7.70 11.53
H59 9F0 D . -2.31 -7.76 9.99
H9U 9F0 D . -1.00 -8.03 11.17
H58 9F0 D . -0.37 -6.78 8.98
H9T 9F0 D . 0.16 -6.03 10.50
H48 9F0 D . -1.76 -5.02 8.56
H9 9F0 D . -8.56 5.52 5.73
H6 9F0 D . -10.60 1.45 3.74
H26 9F0 D . -15.48 3.17 5.07
H43 9F0 D . -16.55 6.12 2.89
H9S 9F0 D . -19.26 5.59 3.84
H57 9F0 D . -18.69 6.93 2.82
H9R 9F0 D . -20.24 5.25 1.65
H56 9F0 D . -18.69 5.53 0.84
H9Q 9F0 D . -19.86 2.60 0.26
H55 9F0 D . -18.30 3.33 -0.23
H54 9F0 D . -17.98 0.89 0.05
H9P 9F0 D . -18.69 0.94 1.68
H44 9F0 D . -16.02 1.84 0.83
H41 9F0 D . 1.05 9.91 3.45
H42 9F0 D . -2.90 12.93 4.43
H9Z 9F0 D . -17.03 5.40 4.29
H90 9F0 D . -16.47 1.10 2.23
H45 9F0 D . -19.41 3.22 2.52
H46 9F0 D . -1.78 -6.24 12.47
H47 9F0 D . -5.58 -5.05 11.47
H92 9F0 D . -0.90 -4.19 9.68
H49 9F0 D . 1.15 13.46 4.27
C2 9F0 E . 12.65 -11.12 -18.71
C3 9F0 E . 14.73 -9.75 -18.49
C4 9F0 E . 12.73 -8.82 -19.66
C5 9F0 E . 15.12 -8.57 -17.85
C7 9F0 E . 17.35 -9.45 -17.58
C8 9F0 E . 16.97 -10.64 -18.22
C10 9F0 E . 11.50 -8.33 -19.21
C12 9F0 E . 11.49 -6.71 -21.01
C14 9F0 E . 13.34 -8.26 -20.78
C21 9F0 E . 10.50 -14.76 -17.95
C22 9F0 E . 10.83 -5.59 -21.73
C23 9F0 E . 19.42 -10.37 -16.51
C24 9F0 E . 20.71 -10.21 -16.04
C27 9F0 E . 19.40 -8.06 -17.17
C28 9F0 E . 9.60 -5.78 -22.32
N30 9F0 E . 9.60 -3.51 -23.07
C32 9F0 E . 11.46 -4.35 -21.81
C34 9F0 E . 8.45 -16.03 -18.00
N41 9F0 E . 7.64 -18.22 -15.20
C50 9F0 E . 6.77 -19.33 -14.60
C51 9F0 E . 6.07 -20.15 -15.71
N49 9F0 E . 7.09 -20.54 -16.75
C52 9F0 E . 6.61 -20.96 -18.12
C53 9F0 E . 7.76 -20.84 -19.15
N42 9F0 E . 8.51 -19.50 -19.00
PT2 9F0 E . 8.09 -18.84 -17.11
N35 9F0 E . 9.11 -17.10 -17.47
C36 9F0 E . 10.45 -17.02 -17.17
C37 9F0 E . 11.15 -15.86 -17.41
C33 9F0 E . 9.14 -14.84 -18.24
C17 9F0 E . 11.24 -13.49 -18.21
C18 9F0 E . 11.07 -12.82 -19.43
C19 9F0 E . 11.78 -11.63 -19.67
C16 9F0 E . 12.12 -12.98 -17.24
C15 9F0 E . 12.82 -11.80 -17.49
N1 9F0 E . 13.37 -9.90 -18.95
C13 9F0 E . 12.73 -7.21 -21.45
C11 9F0 E . 10.88 -7.27 -19.89
C31 9F0 E . 10.83 -3.32 -22.49
C29 9F0 E . 8.98 -4.73 -22.98
PT1 9F0 E . 8.68 -1.97 -24.06
N47 9F0 E . 7.84 -1.32 -22.31
C60 9F0 E . 7.07 -0.04 -22.68
C61 9F0 E . 7.63 0.59 -23.98
N46 9F0 E . 7.78 -0.48 -25.03
C59 9F0 E . 8.69 -0.21 -26.21
C58 9F0 E . 9.09 -1.55 -26.88
N48 9F0 E . 9.51 -2.59 -25.83
C9 9F0 E . 15.65 -10.79 -18.68
C6 9F0 E . 16.43 -8.42 -17.39
C20 9F0 E . 18.75 -9.29 -17.08
C26 9F0 E . 20.69 -7.92 -16.69
N25 9F0 E . 21.34 -9.00 -16.13
PT3 9F0 E . 23.25 -8.79 -15.43
N43 9F0 E . 22.56 -8.75 -13.50
C57 9F0 E . 23.82 -8.72 -12.61
C56 9F0 E . 25.07 -9.23 -13.38
N45 9F0 E . 25.12 -8.59 -14.74
C55 9F0 E . 25.99 -9.22 -15.81
C54 9F0 E . 25.50 -8.62 -17.15
N44 9F0 E . 23.99 -8.83 -17.33
H5 9F0 E . 14.40 -7.77 -17.72
H8 9F0 E . 17.68 -11.44 -18.36
H10 9F0 E . 11.02 -8.77 -18.33
H14 9F0 E . 14.30 -8.65 -21.13
H23 9F0 E . 18.92 -11.34 -16.44
H24 9F0 E . 21.24 -11.06 -15.61
H27 9F0 E . 18.88 -7.19 -17.62
H28 9F0 E . 9.09 -6.74 -22.25
H32 9F0 E . 12.44 -4.21 -21.36
H34 9F0 E . 7.39 -16.09 -18.23
H9X 9F0 E . 7.15 -17.35 -15.24
H50 9F0 E . 6.00 -18.88 -13.96
H9L 9F0 E . 7.39 -19.99 -14.00
H51 9F0 E . 5.29 -19.56 -16.17
H9M 9F0 E . 5.65 -21.06 -15.28
H9N 9F0 E . 6.27 -22.00 -18.08
H52 9F0 E . 5.79 -20.32 -18.43
H9O 9F0 E . 8.46 -21.66 -18.99
H53 9F0 E . 7.34 -20.92 -20.16
H9Y 9F0 E . 9.49 -19.63 -19.12
H36 9F0 E . 10.96 -17.89 -16.74
H37 9F0 E . 12.21 -15.80 -17.17
H33 9F0 E . 8.62 -13.99 -18.68
H18 9F0 E . 10.39 -13.21 -20.18
H19 9F0 E . 11.64 -11.11 -20.61
H16 9F0 E . 12.25 -13.52 -16.30
H15 9F0 E . 13.50 -11.40 -16.73
H13 9F0 E . 13.20 -6.77 -22.34
H11 9F0 E . 9.92 -6.89 -19.55
H31 9F0 E . 11.32 -2.34 -22.56
H29 9F0 E . 8.01 -4.87 -23.45
H91 9F0 E . 7.22 -2.01 -21.95
H9V 9F0 E . 6.02 -0.28 -22.82
H60 9F0 E . 7.16 0.68 -21.87
H9W 9F0 E . 6.93 1.36 -24.34
H61 9F0 E . 8.59 1.05 -23.78
H59 9F0 E . 9.59 0.31 -25.86
H9U 9F0 E . 8.17 0.42 -26.93
H58 9F0 E . 9.92 -1.37 -27.57
H9T 9F0 E . 8.23 -1.94 -27.44
H48 9F0 E . 10.52 -2.62 -25.75
H9 9F0 E . 15.35 -11.71 -19.17
H6 9F0 E . 16.73 -7.49 -16.91
H26 9F0 E . 21.21 -6.96 -16.76
H43 9F0 E . 22.03 -9.59 -13.31
H9S 9F0 E . 24.01 -7.70 -12.28
H57 9F0 E . 23.66 -9.35 -11.73
H9R 9F0 E . 25.98 -8.99 -12.82
H56 9F0 E . 25.01 -10.32 -13.50
H9Q 9F0 E . 27.05 -8.98 -15.64
H55 9F0 E . 25.86 -10.31 -15.81
H54 9F0 E . 26.03 -9.09 -17.97
H9P 9F0 E . 25.72 -7.55 -17.16
H44 9F0 E . 23.81 -9.72 -17.75
H41 9F0 E . 8.48 -18.11 -14.68
H42 9F0 E . 8.16 -18.84 -19.68
H9Z 9F0 E . 22.01 -7.94 -13.35
H90 9F0 E . 23.60 -8.09 -17.87
H45 9F0 E . 25.35 -7.61 -14.64
H46 9F0 E . 6.88 -0.78 -25.36
H47 9F0 E . 8.56 -1.12 -21.64
H92 9F0 E . 9.17 -3.50 -26.08
H49 9F0 E . 7.72 -21.23 -16.39
C2 9F0 F . 5.54 -4.02 -5.53
C3 9F0 F . 6.85 -5.72 -4.27
C4 9F0 F . 4.54 -6.24 -5.05
C5 9F0 F . 6.77 -6.48 -3.09
C7 9F0 F . 9.19 -6.51 -2.96
C8 9F0 F . 9.27 -5.76 -4.13
C10 9F0 F . 3.23 -5.79 -4.82
C12 9F0 F . 2.39 -8.01 -5.26
C14 9F0 F . 4.76 -7.58 -5.37
C21 9F0 F . 5.25 -0.15 -7.32
C22 9F0 F . 1.24 -8.96 -5.37
C23 9F0 F . 10.97 -6.14 -1.25
C24 9F0 F . 12.13 -6.55 -0.61
C27 9F0 F . 11.08 -8.10 -2.64
C28 9F0 F . 0.19 -8.68 -6.23
N30 9F0 F . -0.88 -10.72 -5.58
C32 9F0 F . 1.22 -10.13 -4.62
C34 9F0 F . 4.01 1.46 -8.58
N41 9F0 F . 3.28 4.64 -8.19
C50 9F0 F . 2.91 6.09 -8.53
C51 9F0 F . 4.11 6.85 -9.15
N49 9F0 F . 4.76 6.00 -10.21
C52 9F0 F . 6.17 6.31 -10.64
C53 9F0 F . 6.79 5.09 -11.35
N42 9F0 F . 6.52 3.78 -10.55
PT2 9F0 F . 4.90 4.19 -9.36
N35 9F0 F . 5.05 2.34 -8.49
C36 9F0 F . 6.20 1.99 -7.83
C37 9F0 F . 6.31 0.75 -7.23
C33 9F0 F . 4.10 0.21 -7.99
C17 9F0 F . 5.35 -1.49 -6.70
C18 9F0 F . 5.03 -2.63 -7.44
C19 9F0 F . 5.12 -3.89 -6.85
C16 9F0 F . 5.78 -1.62 -5.37
C15 9F0 F . 5.87 -2.89 -4.79
N1 9F0 F . 5.64 -5.33 -4.94
C13 9F0 F . 3.69 -8.46 -5.48
C11 9F0 F . 2.16 -6.68 -4.93
C31 9F0 F . 0.16 -11.01 -4.74
C29 9F0 F . -0.88 -9.57 -6.33
PT1 9F0 F . -2.45 -12.03 -5.74
N47 9F0 F . -1.16 -13.54 -6.25
C60 9F0 F . -2.05 -14.79 -6.41
C61 9F0 F . -3.37 -14.64 -5.61
N46 9F0 F . -3.99 -13.29 -5.91
C59 9F0 F . -5.01 -12.74 -4.94
C58 9F0 F . -5.15 -11.21 -5.14
N48 9F0 F . -3.76 -10.53 -5.24
C9 9F0 F . 8.10 -5.37 -4.80
C6 9F0 F . 7.95 -6.87 -2.44
C20 9F0 F . 10.44 -6.92 -2.26
C26 9F0 F . 12.24 -8.48 -1.99
N25 9F0 F . 12.76 -7.71 -0.98
PT3 9F0 F . 14.48 -8.28 -0.02
N43 9F0 F . 15.59 -7.06 -1.24
C57 9F0 F . 17.04 -7.22 -0.75
C56 9F0 F . 17.09 -7.69 0.73
N45 9F0 F . 16.15 -8.86 0.91
C55 9F0 F . 15.69 -9.19 2.32
C54 9F0 F . 14.47 -10.15 2.12
N44 9F0 F . 13.42 -9.51 1.21
H5 9F0 F . 5.81 -6.76 -2.69
H8 9F0 F . 10.24 -5.47 -4.54
H10 9F0 F . 3.05 -4.74 -4.57
H14 9F0 F . 5.78 -7.94 -5.55
H23 9F0 F . 10.46 -5.22 -0.95
H24 9F0 F . 12.55 -5.94 0.19
H27 9F0 F . 10.68 -8.71 -3.43
H28 9F0 F . 0.19 -7.76 -6.82
H32 9F0 F . 2.05 -10.35 -3.94
H34 9F0 F . 3.11 1.75 -9.12
H9X 9F0 F . 3.53 4.57 -7.22
H50 9F0 F . 2.58 6.61 -7.63
H9L 9F0 F . 2.08 6.08 -9.26
H51 9F0 F . 4.84 7.06 -8.36
H9M 9F0 F . 3.77 7.78 -9.58
H9N 9F0 F . 6.15 7.16 -11.32
H52 9F0 F . 6.76 6.57 -9.76
H9O 9F0 F . 6.35 4.98 -12.34
H53 9F0 F . 7.86 5.23 -11.44
H9Y 9F0 F . 6.32 3.03 -11.17
H36 9F0 F . 7.02 2.71 -7.76
H37 9F0 F . 7.22 0.47 -6.71
H33 9F0 F . 3.27 -0.49 -8.06
H18 9F0 F . 4.68 -2.53 -8.47
H19 9F0 F . 4.85 -4.78 -7.44
H16 9F0 F . 6.04 -0.73 -4.79
H15 9F0 F . 6.20 -2.99 -3.75
H13 9F0 F . 3.87 -9.51 -5.74
H11 9F0 F . 1.13 -6.33 -4.76
H31 9F0 F . 0.14 -11.92 -4.15
H29 9F0 F . -1.69 -9.35 -7.01
H91 9F0 F . -0.70 -13.33 -7.11
H9V 9F0 F . -2.28 -14.93 -7.47
H60 9F0 F . -1.52 -15.67 -6.05
H9W 9F0 F . -4.06 -15.42 -5.91
H61 9F0 F . -3.17 -14.73 -4.54
H59 9F0 F . -4.69 -12.95 -3.93
H9U 9F0 F . -5.97 -13.22 -5.14
H58 9F0 F . -5.69 -10.79 -4.31
H9T 9F0 F . -5.70 -11.02 -6.06
H48 9F0 F . -3.51 -10.14 -4.36
H9 9F0 F . 8.15 -4.78 -5.71
H6 9F0 F . 7.89 -7.45 -1.52
H26 9F0 F . 12.76 -9.40 -2.27
H43 9F0 F . 15.29 -6.11 -1.13
H9S 9F0 F . 17.54 -7.96 -1.38
H57 9F0 F . 17.56 -6.27 -0.84
H9R 9F0 F . 18.10 -7.99 0.98
H56 9F0 F . 16.79 -6.88 1.37
H9Q 9F0 F . 16.49 -9.70 2.86
H55 9F0 F . 15.39 -8.29 2.85
H54 9F0 F . 14.03 -10.36 3.10
H9P 9F0 F . 14.81 -11.07 1.68
H44 9F0 F . 12.76 -8.97 1.76
H41 9F0 F . 2.51 4.02 -8.40
H42 9F0 F . 7.32 3.57 -9.99
H9Z 9F0 F . 15.50 -7.34 -2.19
H90 9F0 F . 12.94 -10.21 0.68
H45 9F0 F . 16.53 -9.67 0.47
H46 9F0 F . -4.35 -13.28 -6.84
H47 9F0 F . -0.50 -13.69 -5.52
H92 9F0 F . -3.78 -9.82 -5.95
H49 9F0 F . 4.16 5.95 -11.02
C2 9F0 C . -12.42 10.42 19.09
C3 9F0 C . -13.19 12.40 17.78
C4 9F0 C . -10.94 12.41 18.83
C5 9F0 C . -12.82 13.08 16.61
C7 9F0 C . -15.13 13.66 16.20
C8 9F0 C . -15.51 13.00 17.37
C10 9F0 C . -9.73 11.78 18.46
C12 9F0 C . -8.48 13.66 19.31
C14 9F0 C . -10.91 13.66 19.44
C21 9F0 C . -13.11 6.46 20.59
C22 9F0 C . -7.18 14.34 19.56
C23 9F0 C . -17.44 13.78 15.24
C24 9F0 C . -18.39 14.41 14.44
C27 9F0 C . -15.87 15.50 14.66
C28 9F0 C . -6.15 13.65 20.18
N30 9F0 C . -4.76 15.59 20.02
C32 9F0 C . -6.99 15.66 19.17
C34 9F0 C . -12.39 4.56 21.87
N41 9F0 C . -12.88 1.22 20.63
C50 9F0 C . -12.86 -0.32 20.87
C51 9F0 C . -13.02 -0.65 22.37
N49 9F0 C . -14.17 0.15 22.94
C52 9F0 C . -14.25 0.33 24.44
C53 9F0 C . -15.17 1.53 24.77
N42 9F0 C . -14.83 2.76 23.89
PT2 9F0 C . -13.86 2.01 22.25
N35 9F0 C . -13.54 3.90 21.54
C36 9F0 C . -14.48 4.49 20.75
C37 9F0 C . -14.28 5.78 20.26
C33 9F0 C . -12.16 5.84 21.40
C17 9F0 C . -12.87 7.84 20.07
C18 9F0 C . -12.20 8.78 20.86
C19 9F0 C . -11.97 10.07 20.37
C16 9F0 C . -13.32 8.19 18.80
C15 9F0 C . -13.10 9.48 18.31
N1 9F0 C . -12.19 11.75 18.58
C13 9F0 C . -9.69 14.29 19.67
C11 9F0 C . -8.52 12.41 18.71
C31 9F0 C . -5.78 16.27 19.41
C29 9F0 C . -4.93 14.29 20.41
PT1 9F0 C . -2.97 16.52 20.37
N47 9F0 C . -2.36 16.10 18.46
C60 9F0 C . -0.97 16.75 18.31
C61 9F0 C . -0.78 17.90 19.33
N46 9F0 C . -1.22 17.43 20.70
C59 9F0 C . -1.54 18.46 21.75
C58 9F0 C . -2.40 17.82 22.87
N48 9F0 C . -3.55 16.97 22.28
C9 9F0 C . -14.54 12.36 18.16
C6 9F0 C . -13.79 13.70 15.83
C20 9F0 C . -16.17 14.33 15.35
C26 9F0 C . -16.84 16.11 13.87
N25 9F0 C . -18.08 15.56 13.77
PT3 9F0 C . -19.50 16.46 12.59
N43 9F0 C . -19.19 15.07 11.11
C57 9F0 C . -20.22 15.41 10.02
C56 9F0 C . -21.41 16.21 10.59
N45 9F0 C . -20.88 17.34 11.44
C55 9F0 C . -21.83 18.00 12.44
C54 9F0 C . -20.91 18.79 13.42
N44 9F0 C . -19.86 17.85 14.03
H5 9F0 C . -11.77 13.12 16.31
H8 9F0 C . -16.56 12.96 17.67
H10 9F0 C . -9.76 10.80 17.99
H14 9F0 C . -11.84 14.16 19.72
H23 9F0 C . -17.70 12.86 15.77
H24 9F0 C . -19.39 13.98 14.36
H27 9F0 C . -14.88 15.95 14.75
H28 9F0 C . -6.28 12.62 20.48
H32 9F0 C . -7.80 16.21 18.68
H34 9F0 C . -11.65 4.08 22.51
H9X 9F0 C . -11.94 1.57 20.59
H50 9F0 C . -11.90 -0.71 20.52
H9L 9F0 C . -13.66 -0.77 20.31
H51 9F0 C . -12.10 -0.39 22.91
H9M 9F0 C . -13.22 -1.71 22.49
H9N 9F0 C . -14.66 -0.57 24.88
H52 9F0 C . -13.26 0.51 24.84
H9O 9F0 C . -16.22 1.25 24.60
H53 9F0 C . -15.05 1.80 25.82
H9Y 9F0 C . -15.67 3.22 23.61
H36 9F0 C . -15.39 3.95 20.48
H37 9F0 C . -15.03 6.25 19.62
H33 9F0 C . -11.25 6.36 21.67
H18 9F0 C . -11.85 8.51 21.86
H19 9F0 C . -11.45 10.81 20.98
H16 9F0 C . -13.85 7.46 18.18
H15 9F0 C . -13.44 9.75 17.32
H13 9F0 C . -9.66 15.28 20.15
H11 9F0 C . -7.58 11.92 18.42
H31 9F0 C . -5.62 17.31 19.10
H29 9F0 C . -4.13 13.75 20.90
H91 9F0 C . -2.29 15.11 18.32
H9V 9F0 C . -0.19 16.00 18.48
H60 9F0 C . -0.86 17.15 17.30
H9W 9F0 C . 0.26 18.19 19.37
H61 9F0 C . -1.39 18.75 19.03
H59 9F0 C . -2.09 19.28 21.29
H9U 9F0 C . -0.60 18.83 22.18
H58 9F0 C . -2.82 18.61 23.49
H9T 9F0 C . -1.76 17.17 23.49
H48 9F0 C . -4.39 17.51 22.27
H9 9F0 C . -14.83 11.84 19.07
H6 9F0 C . -13.50 14.23 14.91
H26 9F0 C . -16.60 17.03 13.33
H43 9F0 C . -19.35 14.15 11.46
H9S 9F0 C . -19.73 16.01 9.24
H57 9F0 C . -20.59 14.48 9.57
H9R 9F0 C . -22.01 16.63 9.77
H56 9F0 C . -22.03 15.56 11.20
H9Q 9F0 C . -22.51 18.68 11.91
H55 9F0 C . -22.40 17.24 12.98
H54 9F0 C . -21.52 19.21 14.21
H9P 9F0 C . -20.41 19.59 12.88
H44 9F0 C . -20.21 17.42 14.86
H41 9F0 C . -13.38 1.42 19.80
H42 9F0 C . -14.24 3.38 24.39
H9Z 9F0 C . -18.26 15.15 10.76
H90 9F0 C . -19.02 18.36 14.24
H45 9F0 C . -20.46 18.04 10.87
H46 9F0 C . -0.56 16.77 21.05
H47 9F0 C . -3.00 16.49 17.80
H92 9F0 C . -3.67 16.14 22.81
H49 9F0 C . -15.03 -0.21 22.59
C2 9F0 D . -6.04 4.39 5.39
C3 9F0 D . -8.24 3.26 5.23
C4 9F0 D . -6.34 2.12 6.35
C5 9F0 D . -8.80 2.12 4.64
C7 9F0 D . -10.92 3.27 4.41
C8 9F0 D . -10.37 4.41 5.00
C10 9F0 D . -5.08 1.61 6.03
C12 9F0 D . -5.32 -0.09 7.74
C14 9F0 D . -7.09 1.51 7.37
C21 9F0 D . -3.56 7.79 4.62
C22 9F0 D . -4.79 -1.26 8.47
C23 9F0 D . -12.73 3.98 2.85
C24 9F0 D . -14.06 3.96 2.46
C27 9F0 D . -13.29 2.57 4.72
C28 9F0 D . -3.55 -1.17 9.10
N30 9F0 D . -3.78 -3.43 9.85
C32 9F0 D . -5.51 -2.44 8.53
C34 9F0 D . -1.48 8.97 4.87
N41 9F0 D . 0.40 10.53 2.53
C50 9F0 D . 1.45 11.52 1.98
C51 9F0 D . 0.92 12.98 2.05
N49 9F0 D . 0.36 13.25 3.42
C52 9F0 D . -0.58 14.41 3.61
C53 9F0 D . -1.40 14.22 4.90
N42 9F0 D . -1.97 12.79 5.00
PT2 9F0 D . -0.79 11.65 3.78
N35 9F0 D . -1.97 10.01 4.14
C36 9F0 D . -3.24 9.97 3.64
C37 9F0 D . -4.05 8.87 3.88
C33 9F0 D . -2.27 7.85 5.12
C17 9F0 D . -4.42 6.61 4.89
C18 9F0 D . -4.45 6.03 6.17
C19 9F0 D . -5.25 4.93 6.42
C16 9F0 D . -5.19 6.07 3.85
C15 9F0 D . -6.00 4.96 4.11
N1 9F0 D . -6.86 3.25 5.64
C13 9F0 D . -6.59 0.42 8.06
C11 9F0 D . -4.57 0.51 6.73
C31 9F0 D . -4.99 -3.52 9.22
C29 9F0 D . -3.06 -2.28 9.79
PT1 9F0 D . -3.03 -5.05 10.86
N47 9F0 D . -4.76 -5.18 11.96
C60 9F0 D . -4.56 -6.39 12.90
C61 9F0 D . -3.53 -7.39 12.30
N46 9F0 D . -2.30 -6.64 11.84
C59 9F0 D . -1.38 -7.29 10.84
C58 9F0 D . -0.49 -6.23 10.16
N48 9F0 D . -1.30 -4.97 9.77
C9 9F0 D . -9.02 4.40 5.41
C6 9F0 D . -10.13 2.13 4.23
C20 9F0 D . -12.34 3.28 3.98
C26 9F0 D . -14.62 2.59 4.32
N25 9F0 D . -14.99 3.28 3.20
PT3 9F0 D . -16.96 3.28 2.60
N43 9F0 D . -16.91 5.32 2.41
C57 9F0 D . -18.32 5.71 1.92
C56 9F0 D . -19.01 4.52 1.20
N45 9F0 D . -18.87 3.28 2.03
C55 9F0 D . -19.06 1.93 1.37
C54 9F0 D . -18.48 0.90 2.38
N44 9F0 D . -17.04 1.25 2.77
H5 9F0 D . -8.20 1.22 4.50
H8 9F0 D . -10.97 5.30 5.14
H10 9F0 D . -4.49 2.07 5.24
H14 9F0 D . -8.08 1.92 7.62
H23 9F0 D . -11.99 4.53 2.27
H24 9F0 D . -14.37 4.52 1.57
H27 9F0 D . -13.00 2.02 5.61
H28 9F0 D . -2.97 -0.25 9.05
H32 9F0 D . -6.48 -2.51 8.04
H34 9F0 D . -0.46 9.01 5.26
H9X 9F0 D . -0.14 10.15 1.78
H50 9F0 D . 1.66 11.27 0.93
H9L 9F0 D . 2.37 11.44 2.55
H51 9F0 D . 0.15 13.13 1.31
H9M 9F0 D . 1.75 13.67 1.86
H9N 9F0 D . 0.00 15.33 3.68
H52 9F0 D . -1.25 14.48 2.75
H9O 9F0 D . -0.76 14.41 5.76
H53 9F0 D . -2.23 14.94 4.91
H9Y 9F0 D . -1.91 12.45 5.95
H36 9F0 D . -3.63 10.81 3.06
H37 9F0 D . -5.07 8.83 3.49
H33 9F0 D . -1.87 7.02 5.70
H18 9F0 D . -3.83 6.45 6.96
H19 9F0 D . -5.27 4.48 7.40
H16 9F0 D . -5.16 6.51 2.86
H15 9F0 D . -6.60 4.52 3.29
H13 9F0 D . -7.18 -0.05 8.85
H11 9F0 D . -3.58 0.11 6.48
H31 9F0 D . -5.55 -4.46 9.27
H29 9F0 D . -2.09 -2.22 10.30
H91 9F0 D . -4.88 -4.35 12.50
H9V 9F0 D . -4.19 -6.04 13.86
H60 9F0 D . -5.51 -6.90 13.04
H9W 9F0 D . -3.25 -8.11 13.06
H61 9F0 D . -3.98 -7.89 11.45
H59 9F0 D . -1.98 -7.79 10.09
H9U 9F0 D . -0.76 -8.02 11.36
H58 9F0 D . -0.04 -6.65 9.27
H9T 9F0 D . 0.30 -5.93 10.85
H48 9F0 D . -1.51 -4.98 8.80
H9 9F0 D . -8.59 5.29 5.87
H6 9F0 D . -10.57 1.24 3.77
H26 9F0 D . -15.37 2.03 4.89
H43 9F0 D . -16.22 5.59 1.74
H9S 9F0 D . -18.94 6.00 2.77
H57 9F0 D . -18.24 6.55 1.23
H9R 9F0 D . -20.06 4.75 1.04
H56 9F0 D . -18.53 4.36 0.23
H9Q 9F0 D . -20.12 1.74 1.19
H55 9F0 D . -18.51 1.89 0.44
H54 9F0 D . -18.49 -0.10 1.93
H9P 9F0 D . -19.11 0.88 3.27
H44 9F0 D . -16.39 0.82 2.15
H41 9F0 D . 0.85 9.81 3.05
H42 9F0 D . -2.92 12.77 4.68
H9Z 9F0 D . -16.73 5.75 3.29
H90 9F0 D . -16.86 0.97 3.72
H45 9F0 D . -19.47 3.34 2.83
H46 9F0 D . -1.78 -6.32 12.64
H47 9F0 D . -5.55 -5.34 11.37
H92 9F0 D . -0.79 -4.13 10.00
H49 9F0 D . 1.10 13.29 4.09
C2 9F0 E . 12.60 -11.01 -18.76
C3 9F0 E . 14.63 -9.55 -18.73
C4 9F0 E . 12.53 -8.76 -19.83
C5 9F0 E . 15.01 -8.34 -18.16
C7 9F0 E . 17.29 -9.14 -17.99
C8 9F0 E . 16.91 -10.36 -18.57
C10 9F0 E . 11.28 -8.33 -19.35
C12 9F0 E . 11.11 -6.79 -21.21
C14 9F0 E . 13.06 -8.21 -20.99
C21 9F0 E . 10.68 -14.70 -17.70
C22 9F0 E . 10.34 -5.75 -21.95
C23 9F0 E . 19.44 -9.95 -17.01
C24 9F0 E . 20.76 -9.74 -16.64
C27 9F0 E . 19.32 -7.69 -17.79
C28 9F0 E . 9.06 -6.01 -22.40
N30 9F0 E . 8.93 -3.81 -23.33
C32 9F0 E . 10.92 -4.51 -22.21
C34 9F0 E . 8.71 -16.07 -17.60
N41 9F0 E . 7.94 -18.04 -14.71
C50 9F0 E . 7.12 -19.14 -14.02
C51 9F0 E . 6.54 -20.13 -15.06
N49 9F0 E . 7.62 -20.56 -16.01
C52 9F0 E . 7.24 -21.15 -17.34
C53 9F0 E . 8.43 -21.07 -18.32
N42 9F0 E . 9.07 -19.66 -18.30
PT2 9F0 E . 8.52 -18.84 -16.51
N35 9F0 E . 9.43 -17.07 -17.02
C36 9F0 E . 10.77 -16.91 -16.77
C37 9F0 E . 11.40 -15.72 -17.11
C33 9F0 E . 9.31 -14.87 -17.95
C17 9F0 E . 11.34 -13.41 -18.08
C18 9F0 E . 11.10 -12.82 -19.32
C19 9F0 E . 11.74 -11.63 -19.66
C16 9F0 E . 12.21 -12.80 -17.17
C15 9F0 E . 12.84 -11.60 -17.51
N1 9F0 E . 13.26 -9.77 -19.11
C13 9F0 E . 12.35 -7.22 -21.69
C11 9F0 E . 10.57 -7.35 -20.05
C31 9F0 E . 10.21 -3.55 -22.91
C29 9F0 E . 8.36 -5.03 -23.08
PT1 9F0 E . 7.87 -2.39 -24.35
N47 9F0 E . 7.05 -1.72 -22.60
C60 9F0 E . 6.16 -0.51 -22.99
C61 9F0 E . 6.63 0.09 -24.35
N46 9F0 E . 6.83 -1.01 -25.35
C59 9F0 E . 7.67 -0.74 -26.57
C58 9F0 E . 8.14 -2.08 -27.20
N48 9F0 E . 8.68 -3.04 -26.13
C9 9F0 E . 15.58 -10.56 -18.94
C6 9F0 E . 16.35 -8.13 -17.79
C20 9F0 E . 18.72 -8.92 -17.59
C26 9F0 E . 20.64 -7.51 -17.41
N25 9F0 E . 21.35 -8.53 -16.84
PT3 9F0 E . 23.30 -8.23 -16.28
N43 9F0 E . 22.74 -8.06 -14.32
C57 9F0 E . 24.05 -7.89 -13.52
C56 9F0 E . 25.26 -8.45 -14.32
N45 9F0 E . 25.20 -7.94 -15.74
C55 9F0 E . 26.02 -8.66 -16.80
C54 9F0 E . 25.44 -8.17 -18.16
N44 9F0 E . 23.91 -8.41 -18.22
H5 9F0 E . 14.28 -7.55 -18.01
H8 9F0 E . 17.64 -11.15 -18.72
H10 9F0 E . 10.87 -8.76 -18.45
H14 9F0 E . 14.03 -8.54 -21.36
H23 9F0 E . 18.97 -10.92 -16.83
H24 9F0 E . 21.33 -10.56 -16.18
H27 9F0 E . 18.76 -6.88 -18.26
H28 9F0 E . 8.60 -6.97 -22.19
H32 9F0 E . 11.93 -4.29 -21.86
H34 9F0 E . 7.64 -16.22 -17.79
H9X 9F0 E . 7.38 -17.22 -14.86
H50 9F0 E . 6.29 -18.68 -13.47
H9L 9F0 E . 7.76 -19.69 -13.32
H51 9F0 E . 5.74 -19.65 -15.61
H9M 9F0 E . 6.15 -21.01 -14.54
H9N 9F0 E . 6.97 -22.20 -17.19
H52 9F0 E . 6.39 -20.61 -17.74
H9O 9F0 E . 9.18 -21.81 -18.04
H53 9F0 E . 8.07 -21.29 -19.33
H9Y 9F0 E . 10.07 -19.73 -18.36
H36 9F0 E . 11.34 -17.71 -16.30
H37 9F0 E . 12.47 -15.59 -16.91
H33 9F0 E . 8.74 -14.08 -18.41
H18 9F0 E . 10.42 -13.31 -20.02
H19 9F0 E . 11.55 -11.18 -20.64
H16 9F0 E . 12.40 -13.25 -16.19
H15 9F0 E . 13.52 -11.11 -16.81
H13 9F0 E . 12.77 -6.79 -22.59
H11 9F0 E . 9.60 -7.02 -19.69
H31 9F0 E . 10.65 -2.58 -23.10
H29 9F0 E . 7.34 -5.23 -23.43
H91 9F0 E . 6.48 -2.44 -22.18
H9V 9F0 E . 5.13 -0.84 -23.09
H60 9F0 E . 6.24 0.25 -22.22
H9W 9F0 E . 5.88 0.79 -24.71
H61 9F0 E . 7.57 0.62 -24.21
H59 9F0 E . 8.54 -0.15 -26.28
H9U 9F0 E . 7.09 -0.18 -27.30
H58 9F0 E . 8.93 -1.87 -27.92
H9T 9F0 E . 7.30 -2.54 -27.71
H48 9F0 E . 9.68 -2.99 -26.08
H9 9F0 E . 15.27 -11.52 -19.38
H6 9F0 E . 16.65 -7.18 -17.35
H26 9F0 E . 21.12 -6.54 -17.58
H43 9F0 E . 22.25 -8.88 -14.03
H9S 9F0 E . 24.21 -6.84 -13.31
H57 9F0 E . 23.97 -8.44 -12.59
H9R 9F0 E . 26.19 -8.13 -13.85
H56 9F0 E . 25.23 -9.54 -14.33
H9Q 9F0 E . 27.07 -8.39 -16.72
H55 9F0 E . 25.89 -9.74 -16.70
H54 9F0 E . 25.91 -8.72 -18.97
H9P 9F0 E . 25.64 -7.11 -18.27
H44 9F0 E . 23.72 -9.32 -18.56
H41 9F0 E . 8.75 -17.80 -14.16
H42 9F0 E . 8.72 -19.11 -19.06
H9Z 9F0 E . 22.15 -7.25 -14.19
H90 9F0 E . 23.47 -7.71 -18.79
H45 9F0 E . 25.42 -6.96 -15.75
H46 9F0 E . 5.94 -1.39 -25.63
H47 9F0 E . 7.76 -1.43 -21.98
H92 9F0 E . 8.39 -3.98 -26.32
H49 9F0 E . 8.27 -21.15 -15.54
C2 9F0 F . 5.46 -4.03 -5.57
C3 9F0 F . 6.82 -5.69 -4.34
C4 9F0 F . 4.48 -6.23 -4.99
C5 9F0 F . 6.82 -6.39 -3.14
C7 9F0 F . 9.24 -6.44 -3.14
C8 9F0 F . 9.25 -5.75 -4.35
C10 9F0 F . 3.19 -5.78 -4.68
C12 9F0 F . 2.33 -8.02 -5.04
C14 9F0 F . 4.69 -7.57 -5.32
C21 9F0 F . 5.07 -0.17 -7.40
C22 9F0 F . 1.18 -8.96 -5.06
C23 9F0 F . 10.99 -6.14 -1.39
C24 9F0 F . 12.18 -6.52 -0.80
C27 9F0 F . 11.25 -7.90 -3.01
C28 9F0 F . 0.08 -8.69 -5.85
N30 9F0 F . -0.94 -10.72 -5.11
C32 9F0 F . 1.23 -10.12 -4.31
C34 9F0 F . 3.79 1.39 -8.68
N41 9F0 F . 3.05 4.60 -8.24
C50 9F0 F . 2.66 6.05 -8.58
C51 9F0 F . 3.84 6.80 -9.26
N49 9F0 F . 4.43 5.93 -10.34
C52 9F0 F . 5.82 6.25 -10.83
C53 9F0 F . 6.41 5.01 -11.55
N42 9F0 F . 6.19 3.73 -10.73
PT2 9F0 F . 4.62 4.14 -9.48
N35 9F0 F . 4.81 2.30 -8.60
C36 9F0 F . 5.96 1.99 -7.93
C37 9F0 F . 6.10 0.75 -7.32
C33 9F0 F . 3.91 0.15 -8.08
C17 9F0 F . 5.20 -1.50 -6.76
C18 9F0 F . 4.86 -2.66 -7.48
C19 9F0 F . 4.98 -3.92 -6.89
C16 9F0 F . 5.68 -1.61 -5.45
C15 9F0 F . 5.80 -2.87 -4.85
N1 9F0 F . 5.58 -5.32 -4.97
C13 9F0 F . 3.62 -8.47 -5.34
C11 9F0 F . 2.11 -6.67 -4.71
C31 9F0 F . 0.16 -11.00 -4.34
C29 9F0 F . -0.99 -9.58 -5.87
PT1 9F0 F . -2.51 -12.03 -5.15
N47 9F0 F . -1.26 -13.55 -5.76
C60 9F0 F . -2.16 -14.79 -5.86
C61 9F0 F . -3.42 -14.66 -4.95
N46 9F0 F . -4.05 -13.32 -5.18
C59 9F0 F . -4.99 -12.78 -4.13
C58 9F0 F . -5.15 -11.24 -4.31
N48 9F0 F . -3.78 -10.55 -4.53
C9 9F0 F . 8.05 -5.37 -4.96
C6 9F0 F . 8.02 -6.76 -2.53
C20 9F0 F . 10.51 -6.83 -2.50
C26 9F0 F . 12.45 -8.25 -2.40
N25 9F0 F . 12.90 -7.57 -1.31
PT3 9F0 F . 14.67 -8.11 -0.43
N43 9F0 F . 15.57 -6.41 -1.12
C57 9F0 F . 17.02 -6.46 -0.59
C56 9F0 F . 17.11 -7.34 0.68
N45 9F0 F . 16.39 -8.65 0.44
C55 9F0 F . 15.96 -9.47 1.64
C54 9F0 F . 14.95 -10.52 1.07
N44 9F0 F . 13.82 -9.82 0.30
H5 9F0 F . 5.87 -6.65 -2.66
H8 9F0 F . 10.19 -5.49 -4.82
H10 9F0 F . 3.02 -4.73 -4.43
H14 9F0 F . 5.69 -7.93 -5.55
H23 9F0 F . 10.41 -5.31 -0.98
H24 9F0 F . 12.55 -5.99 0.08
H27 9F0 F . 10.90 -8.43 -3.88
H28 9F0 F . 0.04 -7.78 -6.44
H32 9F0 F . 2.10 -10.34 -3.69
H34 9F0 F . 2.88 1.66 -9.22
H9X 9F0 F . 3.34 4.53 -7.28
H50 9F0 F . 2.38 6.58 -7.67
H9L 9F0 F . 1.81 6.04 -9.27
H51 9F0 F . 4.59 7.02 -8.51
H9M 9F0 F . 3.48 7.73 -9.69
H9N 9F0 F . 5.77 7.09 -11.53
H52 9F0 F . 6.46 6.52 -9.99
H9O 9F0 F . 5.93 4.90 -12.52
H53 9F0 F . 7.48 5.17 -11.70
H9Y 9F0 F . 5.96 2.96 -11.33
H36 9F0 F . 6.76 2.72 -7.86
H37 9F0 F . 7.02 0.50 -6.79
H33 9F0 F . 3.10 -0.57 -8.15
H18 9F0 F . 4.48 -2.58 -8.50
H19 9F0 F . 4.71 -4.82 -7.44
H16 9F0 F . 5.94 -0.72 -4.89
H15 9F0 F . 6.16 -2.95 -3.83
H13 9F0 F . 3.78 -9.50 -5.60
H11 9F0 F . 1.10 -6.32 -4.49
H31 9F0 F . 0.18 -11.91 -3.75
H29 9F0 F . -1.86 -9.38 -6.48
H91 9F0 F . -0.87 -13.33 -6.65
H9V 9F0 F . -2.48 -14.93 -6.89
H60 9F0 F . -1.58 -15.67 -5.55
H9W 9F0 F . -4.13 -15.45 -5.20
H61 9F0 F . -3.11 -14.75 -3.91
H59 9F0 F . -4.59 -12.99 -3.15
H9U 9F0 F . -5.96 -13.25 -4.24
H58 9F0 F . -5.62 -10.83 -3.41
H9T 9F0 F . -5.80 -11.05 -5.17
H48 9F0 F . -3.46 -10.15 -3.68
H9 9F0 F . 8.05 -4.83 -5.90
H6 9F0 F . 8.01 -7.31 -1.58
H26 9F0 F . 13.03 -9.09 -2.80
H43 9F0 F . 15.09 -5.60 -0.77
H9S 9F0 F . 17.67 -6.88 -1.36
H57 9F0 F . 17.34 -5.45 -0.36
H9R 9F0 F . 18.16 -7.54 0.91
H56 9F0 F . 16.64 -6.83 1.52
H9Q 9F0 F . 16.82 -9.98 2.07
H55 9F0 F . 15.49 -8.85 2.38
H54 9F0 F . 14.52 -11.09 1.89
H9P 9F0 F . 15.48 -11.20 0.40
H44 9F0 F . 13.07 -9.60 0.92
H41 9F0 F . 2.28 3.98 -8.41
H42 9F0 F . 7.01 3.51 -10.20
H9Z 9F0 F . 15.56 -6.40 -2.12
H90 9F0 F . 13.50 -10.40 -0.45
H45 9F0 F . 16.93 -9.22 -0.19
H46 9F0 F . -4.49 -13.30 -6.08
H47 9F0 F . -0.54 -13.69 -5.09
H92 9F0 F . -3.87 -9.85 -5.23
H49 9F0 F . 3.80 5.88 -11.11
C2 9F0 C . -12.63 10.73 18.82
C3 9F0 C . -13.27 12.81 17.60
C4 9F0 C . -11.01 12.62 18.62
C5 9F0 C . -12.88 13.49 16.44
C7 9F0 C . -15.15 14.27 16.12
C8 9F0 C . -15.55 13.59 17.28
C10 9F0 C . -9.86 11.88 18.29
C12 9F0 C . -8.46 13.67 19.12
C14 9F0 C . -10.88 13.88 19.20
C21 9F0 C . -13.57 6.76 20.14
C22 9F0 C . -7.11 14.23 19.38
C23 9F0 C . -17.49 14.65 15.28
C24 9F0 C . -18.41 15.37 14.53
C27 9F0 C . -15.76 16.15 14.56
C28 9F0 C . -6.14 13.47 20.02
N30 9F0 C . -4.60 15.27 19.88
C32 9F0 C . -6.81 15.53 19.00
C34 9F0 C . -12.99 4.76 21.34
N41 9F0 C . -13.49 1.51 20.08
C50 9F0 C . -13.53 -0.03 20.28
C51 9F0 C . -13.87 -0.38 21.75
N49 9F0 C . -15.05 0.43 22.21
C52 9F0 C . -15.30 0.58 23.68
C53 9F0 C . -16.22 1.80 23.94
N42 9F0 C . -15.75 3.04 23.14
PT2 9F0 C . -14.62 2.29 21.60
N35 9F0 C . -14.17 4.19 20.98
C36 9F0 C . -15.07 4.88 20.21
C37 9F0 C . -14.78 6.17 19.78
C33 9F0 C . -12.67 6.05 20.92
C17 9F0 C . -13.24 8.14 19.68
C18 9F0 C . -12.50 9.00 20.50
C19 9F0 C . -12.19 10.29 20.07
C16 9F0 C . -13.69 8.58 18.43
C15 9F0 C . -13.38 9.87 18.00
N1 9F0 C . -12.31 12.06 18.36
C13 9F0 C . -9.60 14.41 19.45
C11 9F0 C . -8.59 12.41 18.54
C31 9F0 C . -5.54 16.05 19.25
C29 9F0 C . -4.88 14.00 20.25
PT1 9F0 C . -2.73 16.05 20.24
N47 9F0 C . -2.06 15.32 18.45
C60 9F0 C . -0.59 15.80 18.33
C61 9F0 C . -0.34 17.04 19.23
N46 9F0 C . -0.91 16.79 20.60
C59 9F0 C . -1.18 17.98 21.48
C58 9F0 C . -2.18 17.58 22.61
N48 9F0 C . -3.38 16.79 22.04
C9 9F0 C . -14.61 12.88 18.02
C6 9F0 C . -13.81 14.21 15.70
C20 9F0 C . -16.15 15.04 15.31
C26 9F0 C . -16.69 16.86 13.82
N25 9F0 C . -18.00 16.46 13.81
PT3 9F0 C . -19.37 17.51 12.69
N43 9F0 C . -19.34 16.06 11.24
C57 9F0 C . -20.38 16.50 10.19
C56 9F0 C . -21.42 17.47 10.82
N45 9F0 C . -20.70 18.53 11.61
C55 9F0 C . -21.49 19.33 12.63
C54 9F0 C . -20.41 20.02 13.51
N44 9F0 C . -19.45 18.98 14.10
H5 9F0 C . -11.84 13.46 16.12
H8 9F0 C . -16.58 13.64 17.61
H10 9F0 C . -9.96 10.90 17.83
H14 9F0 C . -11.77 14.45 19.46
H23 9F0 C . -17.81 13.78 15.85
H24 9F0 C . -19.45 15.07 14.52
H27 9F0 C . -14.71 16.47 14.58
H28 9F0 C . -6.37 12.44 20.31
H32 9F0 C . -7.55 16.14 18.50
H34 9F0 C . -12.28 4.20 21.95
H9X 9F0 C . -12.55 1.84 20.15
H50 9F0 C . -12.57 -0.45 20.03
H9L 9F0 C . -14.30 -0.44 19.63
H51 9F0 C . -13.01 -0.17 22.38
H9M 9F0 C . -14.12 -1.44 21.81
H9N 9F0 C . -15.78 -0.31 24.07
H52 9F0 C . -14.35 0.73 24.20
H9O 9F0 C . -17.23 1.55 23.65
H53 9F0 C . -16.20 2.04 25.01
H9Y 9F0 C . -16.53 3.54 22.78
H36 9F0 C . -16.01 4.42 19.92
H37 9F0 C . -15.50 6.72 19.16
H33 9F0 C . -11.73 6.50 21.21
H18 9F0 C . -12.16 8.65 21.48
H19 9F0 C . -11.61 10.96 20.71
H16 9F0 C . -14.27 7.93 17.79
H15 9F0 C . -13.72 10.21 17.03
H13 9F0 C . -9.51 15.40 19.91
H11 9F0 C . -7.70 11.84 18.29
H31 9F0 C . -5.30 17.06 18.95
H29 9F0 C . -4.12 13.39 20.75
H91 9F0 C . -2.10 14.32 18.44
H9V 9F0 C . 0.07 14.98 18.65
H60 9F0 C . -0.38 16.05 17.29
H9W 9F0 C . 0.73 17.21 19.31
H61 9F0 C . -0.82 17.91 18.78
H59 9F0 C . -1.60 18.78 20.89
H9U 9F0 C . -0.24 18.31 21.93
H58 9F0 C . -2.53 18.49 23.10
H9T 9F0 C . -1.66 16.97 23.34
H48 9F0 C . -4.15 17.41 21.89
H9 9F0 C . -14.92 12.35 18.92
H6 9F0 C . -13.50 14.74 14.80
H26 9F0 C . -16.38 17.73 13.23
H43 9F0 C . -19.59 15.17 11.64
H9S 9F0 C . -19.86 16.99 9.37
H57 9F0 C . -20.89 15.61 9.82
H9R 9F0 C . -22.00 17.93 10.03
H56 9F0 C . -22.09 16.92 11.47
H9Q 9F0 C . -22.11 20.08 12.13
H55 9F0 C . -22.11 18.67 13.24
H54 9F0 C . -20.90 20.56 14.32
H9P 9F0 C . -19.84 20.72 12.90
H44 9F0 C . -19.81 18.62 14.97
H41 9F0 C . -13.89 1.75 19.20
H42 9F0 C . -15.19 3.64 23.72
H9Z 9F0 C . -18.43 16.00 10.83
H90 9F0 C . -18.54 19.38 14.25
H45 9F0 C . -20.23 19.16 10.98
H46 9F0 C . -0.36 16.12 21.09
H47 9F0 C . -2.61 15.69 17.70
H92 9F0 C . -3.62 16.05 22.65
H49 9F0 C . -15.88 0.11 21.75
C2 9F0 D . -6.17 4.26 5.15
C3 9F0 D . -8.39 3.16 4.97
C4 9F0 D . -6.51 2.00 6.12
C5 9F0 D . -8.96 2.02 4.41
C7 9F0 D . -11.06 3.20 4.14
C8 9F0 D . -10.49 4.34 4.71
C10 9F0 D . -5.25 1.47 5.80
C12 9F0 D . -5.53 -0.22 7.51
C14 9F0 D . -7.27 1.42 7.14
C21 9F0 D . -3.64 7.64 4.36
C22 9F0 D . -5.01 -1.39 8.25
C23 9F0 D . -12.79 3.42 2.36
C24 9F0 D . -14.13 3.43 1.97
C27 9F0 D . -13.49 3.02 4.62
C28 9F0 D . -3.79 -1.33 8.88
N30 9F0 D . -4.05 -3.59 9.61
C32 9F0 D . -5.75 -2.57 8.29
C34 9F0 D . -1.55 8.78 4.63
N41 9F0 D . 0.47 10.25 2.41
C50 9F0 D . 1.55 11.21 1.86
C51 9F0 D . 1.03 12.66 1.81
N49 9F0 D . 0.35 13.01 3.11
C52 9F0 D . -0.59 14.18 3.15
C53 9F0 D . -1.51 14.08 4.38
N42 9F0 D . -2.09 12.65 4.53
PT2 9F0 D . -0.82 11.44 3.47
N35 9F0 D . -2.02 9.82 3.85
C36 9F0 D . -3.28 9.78 3.34
C37 9F0 D . -4.11 8.69 3.58
C33 9F0 D . -2.36 7.68 4.89
C17 9F0 D . -4.51 6.46 4.64
C18 9F0 D . -4.57 5.91 5.91
C19 9F0 D . -5.40 4.82 6.17
C16 9F0 D . -5.28 5.91 3.60
C15 9F0 D . -6.10 4.82 3.86
N1 9F0 D . -7.01 3.14 5.40
C13 9F0 D . -6.78 0.31 7.82
C11 9F0 D . -4.76 0.36 6.50
C31 9F0 D . -5.26 -3.66 8.99
C29 9F0 D . -3.31 -2.45 9.57
PT1 9F0 D . -3.34 -5.22 10.63
N47 9F0 D . -5.02 -5.25 11.80
C60 9F0 D . -4.81 -6.41 12.79
C61 9F0 D . -3.87 -7.48 12.18
N46 9F0 D . -2.64 -6.82 11.61
C59 9F0 D . -1.84 -7.56 10.58
C58 9F0 D . -0.92 -6.57 9.80
N48 9F0 D . -1.64 -5.23 9.48
C9 9F0 D . -9.15 4.33 5.12
C6 9F0 D . -10.29 2.03 3.99
C20 9F0 D . -12.47 3.21 3.70
C26 9F0 D . -14.82 3.04 4.20
N25 9F0 D . -15.11 3.24 2.88
PT3 9F0 D . -17.08 3.27 2.28
N43 9F0 D . -17.22 5.25 2.74
C57 9F0 D . -18.66 5.66 2.36
C56 9F0 D . -19.24 4.71 1.28
N45 9F0 D . -18.99 3.28 1.69
C55 9F0 D . -19.05 2.20 0.62
C54 9F0 D . -18.39 0.95 1.27
N44 9F0 D . -16.98 1.29 1.79
H5 9F0 D . -8.37 1.11 4.29
H8 9F0 D . -11.08 5.25 4.83
H10 9F0 D . -4.66 1.93 5.00
H14 9F0 D . -8.24 1.83 7.39
H23 9F0 D . -12.00 3.57 1.64
H24 9F0 D . -14.37 3.60 0.92
H27 9F0 D . -13.26 2.86 5.68
H28 9F0 D . -3.19 -0.42 8.85
H32 9F0 D . -6.72 -2.62 7.79
H34 9F0 D . -0.54 8.83 5.04
H9X 9F0 D . -0.01 9.81 1.64
H50 9F0 D . 1.85 10.89 0.86
H9L 9F0 D . 2.42 11.16 2.51
H51 9F0 D . 0.32 12.76 0.99
H9M 9F0 D . 1.87 13.34 1.64
H9N 9F0 D . -0.02 15.10 3.20
H52 9F0 D . -1.19 14.19 2.24
H9O 9F0 D . -0.94 14.32 5.28
H53 9F0 D . -2.34 14.78 4.28
H9Y 9F0 D . -2.11 12.38 5.49
H36 9F0 D . -3.64 10.60 2.72
H37 9F0 D . -5.11 8.66 3.16
H33 9F0 D . -2.00 6.87 5.50
H18 9F0 D . -3.96 6.34 6.72
H19 9F0 D . -5.44 4.38 7.18
H16 9F0 D . -5.23 6.34 2.60
H15 9F0 D . -6.70 4.38 3.06
H13 9F0 D . -7.37 -0.14 8.62
H11 9F0 D . -3.78 -0.05 6.25
H31 9F0 D . -5.83 -4.58 9.02
H29 9F0 D . -2.35 -2.39 10.08
H91 9F0 D . -5.11 -4.38 12.30
H9V 9F0 D . -4.36 -6.02 13.71
H60 9F0 D . -5.76 -6.86 13.02
H9W 9F0 D . -3.58 -8.19 12.95
H61 9F0 D . -4.40 -8.00 11.38
H59 9F0 D . -2.52 -8.04 9.88
H9U 9F0 D . -1.22 -8.31 11.07
H58 9F0 D . -0.60 -7.04 8.87
H9T 9F0 D . -0.04 -6.36 10.40
H48 9F0 D . -1.89 -5.20 8.51
H9 9F0 D . -8.71 5.22 5.56
H6 9F0 D . -10.74 1.14 3.56
H26 9F0 D . -15.62 2.88 4.92
H43 9F0 D . -16.56 5.78 2.21
H9S 9F0 D . -19.29 5.62 3.26
H57 9F0 D . -18.65 6.68 1.98
H9R 9F0 D . -20.30 4.87 1.19
H56 9F0 D . -18.75 4.91 0.33
H9Q 9F0 D . -20.10 1.99 0.37
H55 9F0 D . -18.50 2.51 -0.26
H54 9F0 D . -18.32 0.15 0.53
H9P 9F0 D . -19.00 0.60 2.10
H44 9F0 D . -16.30 1.13 1.09
H41 9F0 D . 0.89 9.55 3.00
H42 9F0 D . -3.01 12.60 4.15
H9Z 9F0 D . -17.06 5.40 3.72
H90 9F0 D . -16.77 0.74 2.61
H45 9F0 D . -19.59 3.03 2.46
H46 9F0 D . -2.04 -6.53 12.36
H47 9F0 D . -5.83 -5.41 11.24
H92 9F0 D . -1.07 -4.46 9.71
H49 9F0 D . 1.05 13.10 3.83
C2 9F0 E . 12.92 -11.10 -18.52
C3 9F0 E . 14.89 -9.57 -18.37
C4 9F0 E . 12.80 -8.80 -19.51
C5 9F0 E . 15.21 -8.35 -17.77
C7 9F0 E . 17.50 -9.09 -17.48
C8 9F0 E . 17.17 -10.32 -18.08
C10 9F0 E . 11.48 -8.51 -19.15
C12 9F0 E . 11.37 -6.82 -20.88
C14 9F0 E . 13.40 -8.11 -20.57
C21 9F0 E . 11.10 -14.88 -17.61
C22 9F0 E . 10.60 -5.76 -21.60
C23 9F0 E . 19.70 -9.88 -16.57
C24 9F0 E . 20.98 -9.63 -16.12
C27 9F0 E . 19.39 -7.53 -16.95
C28 9F0 E . 9.36 -6.05 -22.15
N30 9F0 E . 9.18 -3.82 -22.95
C32 9F0 E . 11.13 -4.49 -21.74
C34 9F0 E . 9.20 -16.33 -17.53
N41 9F0 E . 8.34 -18.38 -14.84
C50 9F0 E . 7.53 -19.53 -14.21
C51 9F0 E . 7.13 -20.58 -15.29
N49 9F0 E . 8.33 -20.92 -16.12
C52 9F0 E . 8.12 -21.57 -17.46
C53 9F0 E . 9.40 -21.39 -18.34
N42 9F0 E . 9.92 -19.95 -18.28
PT2 9F0 E . 9.15 -19.14 -16.56
N35 9F0 E . 9.97 -17.33 -17.01
C36 9F0 E . 11.31 -17.12 -16.79
C37 9F0 E . 11.89 -15.89 -17.09
C33 9F0 E . 9.75 -15.09 -17.83
C17 9F0 E . 11.73 -13.57 -17.93
C18 9F0 E . 11.55 -12.98 -19.19
C19 9F0 E . 12.13 -11.74 -19.48
C16 9F0 E . 12.52 -12.92 -16.97
C15 9F0 E . 13.10 -11.68 -17.26
N1 9F0 E . 13.54 -9.83 -18.81
C13 9F0 E . 12.68 -7.11 -21.25
C11 9F0 E . 10.77 -7.52 -19.83
C31 9F0 E . 10.41 -3.52 -22.42
C29 9F0 E . 8.65 -5.07 -22.81
PT1 9F0 E . 8.12 -2.37 -23.95
N47 9F0 E . 7.27 -1.76 -22.18
C60 9F0 E . 6.40 -0.54 -22.55
C61 9F0 E . 6.87 0.10 -23.88
N46 9F0 E . 7.09 -0.96 -24.92
C59 9F0 E . 7.95 -0.64 -26.11
C58 9F0 E . 8.44 -1.95 -26.78
N48 9F0 E . 8.97 -2.95 -25.72
C9 9F0 E . 15.87 -10.56 -18.51
C6 9F0 E . 16.51 -8.11 -17.33
C20 9F0 E . 18.89 -8.83 -16.99
C26 9F0 E . 20.67 -7.29 -16.49
N25 9F0 E . 21.46 -8.35 -16.08
PT3 9F0 E . 23.37 -7.99 -15.40
N43 9F0 E . 22.75 -8.27 -13.47
C57 9F0 E . 24.03 -8.17 -12.61
C56 9F0 E . 25.30 -8.43 -13.45
N45 9F0 E . 25.22 -7.64 -14.73
C55 9F0 E . 26.11 -8.02 -15.89
C54 9F0 E . 25.50 -7.30 -17.12
N44 9F0 E . 24.03 -7.70 -17.30
H5 9F0 E . 14.44 -7.58 -17.65
H8 9F0 E . 17.93 -11.09 -18.19
H10 9F0 E . 11.00 -9.05 -18.32
H14 9F0 E . 14.42 -8.33 -20.87
H23 9F0 E . 19.32 -10.91 -16.60
H24 9F0 E . 21.62 -10.46 -15.81
H27 9F0 E . 18.77 -6.69 -17.27
H28 9F0 E . 8.93 -7.05 -22.04
H32 9F0 E . 12.11 -4.25 -21.31
H34 9F0 E . 8.13 -16.50 -17.69
H9X 9F0 E . 7.74 -17.61 -15.05
H50 9F0 E . 6.62 -19.12 -13.75
H9L 9F0 E . 8.13 -20.02 -13.44
H51 9F0 E . 6.35 -20.16 -15.93
H9M 9F0 E . 6.75 -21.47 -14.80
H9N 9F0 E . 7.91 -22.63 -17.33
H52 9F0 E . 7.28 -21.09 -17.97
H9O 9F0 E . 10.17 -22.07 -17.97
H53 9F0 E . 9.16 -21.65 -19.37
H9Y 9F0 E . 10.93 -19.95 -18.24
H36 9F0 E . 11.93 -17.92 -16.38
H37 9F0 E . 12.95 -15.74 -16.91
H33 9F0 E . 9.13 -14.30 -18.23
H18 9F0 E . 10.94 -13.49 -19.94
H19 9F0 E . 12.00 -11.30 -20.47
H16 9F0 E . 12.66 -13.37 -15.99
H15 9F0 E . 13.71 -11.18 -16.52
H13 9F0 E . 13.15 -6.58 -22.08
H11 9F0 E . 9.75 -7.29 -19.54
H31 9F0 E . 10.82 -2.51 -22.52
H29 9F0 E . 7.68 -5.29 -23.25
H91 9F0 E . 6.70 -2.49 -21.80
H9V 9F0 E . 5.36 -0.86 -22.66
H60 9F0 E . 6.46 0.20 -21.76
H9W 9F0 E . 6.11 0.80 -24.24
H61 9F0 E . 7.81 0.65 -23.71
H59 9F0 E . 8.80 -0.06 -25.80
H9U 9F0 E . 7.35 -0.07 -26.83
H58 9F0 E . 9.23 -1.72 -27.49
H9T 9F0 E . 7.60 -2.42 -27.30
H48 9F0 E . 9.97 -2.88 -25.67
H9 9F0 E . 15.61 -11.51 -18.97
H6 9F0 E . 16.76 -7.15 -16.88
H26 9F0 E . 21.06 -6.28 -16.45
H43 9F0 E . 22.33 -9.18 -13.37
H9S 9F0 E . 24.09 -7.18 -12.17
H57 9F0 E . 23.98 -8.91 -11.80
H9R 9F0 E . 26.18 -8.14 -12.89
H56 9F0 E . 25.36 -9.50 -13.70
H9Q 9F0 E . 27.14 -7.68 -15.71
H55 9F0 E . 26.10 -9.11 -16.04
H54 9F0 E . 26.07 -7.57 -18.02
H9P 9F0 E . 25.57 -6.22 -16.97
H44 9F0 E . 23.97 -8.55 -17.84
H41 9F0 E . 9.06 -18.08 -14.21
H42 9F0 E . 9.61 -19.44 -19.07
H9Z 9F0 E . 22.10 -7.56 -13.20
H90 9F0 E . 23.52 -6.97 -17.75
H45 9F0 E . 25.33 -6.67 -14.53
H46 9F0 E . 6.20 -1.33 -25.21
H47 9F0 E . 7.97 -1.49 -21.53
H92 9F0 E . 8.70 -3.88 -25.95
H49 9F0 E . 8.97 -21.46 -15.58
C2 9F0 F . 5.55 -4.09 -5.58
C3 9F0 F . 6.99 -5.65 -4.30
C4 9F0 F . 4.71 -6.36 -5.03
C5 9F0 F . 7.00 -6.35 -3.08
C7 9F0 F . 9.41 -6.21 -3.01
C8 9F0 F . 9.41 -5.51 -4.21
C10 9F0 F . 3.37 -6.00 -4.86
C12 9F0 F . 2.69 -8.29 -5.17
C14 9F0 F . 5.03 -7.70 -5.27
C21 9F0 F . 4.93 -0.30 -7.46
C22 9F0 F . 1.61 -9.32 -5.25
C23 9F0 F . 11.18 -5.64 -1.34
C24 9F0 F . 12.39 -5.92 -0.71
C27 9F0 F . 11.43 -7.63 -2.66
C28 9F0 F . 0.53 -9.14 -6.10
N30 9F0 F . -0.37 -11.23 -5.39
C32 9F0 F . 1.69 -10.46 -4.46
C34 9F0 F . 3.52 1.18 -8.69
N41 9F0 F . 2.60 4.31 -8.38
C50 9F0 F . 2.11 5.72 -8.76
C51 9F0 F . 3.24 6.54 -9.44
N49 9F0 F . 3.90 5.70 -10.51
C52 9F0 F . 5.26 6.09 -11.00
C53 9F0 F . 5.94 4.88 -11.70
N42 9F0 F . 5.80 3.60 -10.85
PT2 9F0 F . 4.20 3.94 -9.61
N35 9F0 F . 4.51 2.13 -8.69
C36 9F0 F . 5.71 1.87 -8.09
C37 9F0 F . 5.93 0.66 -7.46
C33 9F0 F . 3.72 -0.03 -8.08
C17 9F0 F . 5.15 -1.61 -6.80
C18 9F0 F . 4.95 -2.79 -7.53
C19 9F0 F . 5.15 -4.03 -6.92
C16 9F0 F . 5.53 -1.68 -5.46
C15 9F0 F . 5.74 -2.92 -4.84
N1 9F0 F . 5.75 -5.37 -4.96
C13 9F0 F . 4.03 -8.67 -5.35
C11 9F0 F . 2.36 -6.96 -4.92
C31 9F0 F . 0.68 -11.42 -4.55
C29 9F0 F . -0.46 -10.10 -6.16
PT1 9F0 F . -1.85 -12.65 -5.48
N47 9F0 F . -0.50 -14.04 -6.12
C60 9F0 F . -1.31 -15.35 -6.30
C61 9F0 F . -2.57 -15.34 -5.40
N46 9F0 F . -3.30 -14.02 -5.58
C59 9F0 F . -4.27 -13.60 -4.52
C58 9F0 F . -4.55 -12.08 -4.63
N48 9F0 F . -3.24 -11.28 -4.84
C9 9F0 F . 8.20 -5.24 -4.86
C6 9F0 F . 8.21 -6.62 -2.43
C20 9F0 F . 10.70 -6.49 -2.33
C26 9F0 F . 12.63 -7.89 -2.02
N25 9F0 F . 13.10 -7.04 -1.05
PT3 9F0 F . 14.88 -7.44 -0.12
N43 9F0 F . 15.90 -6.94 -1.81
C57 9F0 F . 17.39 -7.11 -1.45
C56 9F0 F . 17.61 -6.97 0.08
N45 9F0 F . 16.61 -7.83 0.81
C55 9F0 F . 16.32 -7.54 2.27
C54 9F0 F . 15.01 -8.31 2.59
N44 9F0 F . 13.89 -7.93 1.60
H5 9F0 F . 6.05 -6.68 -2.64
H8 9F0 F . 10.34 -5.18 -4.66
H10 9F0 F . 3.11 -4.96 -4.67
H14 9F0 F . 6.08 -8.00 -5.42
H23 9F0 F . 10.61 -4.75 -1.06
H24 9F0 F . 12.77 -5.25 0.06
H27 9F0 F . 11.06 -8.30 -3.43
H28 9F0 F . 0.46 -8.24 -6.71
H32 9F0 F . 2.54 -10.61 -3.79
H34 9F0 F . 2.57 1.40 -9.19
H9X 9F0 F . 2.89 4.28 -7.43
H50 9F0 F . 1.79 6.25 -7.86
H9L 9F0 F . 1.27 5.64 -9.45
H51 9F0 F . 3.98 6.82 -8.70
H9M 9F0 F . 2.82 7.43 -9.89
H9N 9F0 F . 5.16 6.92 -11.71
H52 9F0 F . 5.87 6.42 -10.16
H9O 9F0 F . 5.47 4.72 -12.68
H53 9F0 F . 7.00 5.11 -11.84
H9Y 9F0 F . 5.62 2.82 -11.45
H36 9F0 F . 6.50 2.63 -8.10
H37 9F0 F . 6.89 0.45 -6.98
H33 9F0 F . 2.92 -0.79 -8.07
H18 9F0 F . 4.65 -2.74 -8.58
H19 9F0 F . 5.00 -4.95 -7.49
H16 9F0 F . 5.68 -0.76 -4.89
H15 9F0 F . 6.04 -2.96 -3.80
H13 9F0 F . 4.28 -9.71 -5.54
H11 9F0 F . 1.32 -6.67 -4.80
H31 9F0 F . 0.74 -12.32 -3.94
H29 9F0 F . -1.31 -9.97 -6.83
H91 9F0 F . -0.10 -13.76 -6.99
H9V 9F0 F . -1.61 -15.44 -7.34
H60 9F0 F . -0.68 -16.19 -6.03
H9W 9F0 F . -3.22 -16.16 -5.69
H61 9F0 F . -2.28 -15.45 -4.36
H59 9F0 F . -3.86 -13.82 -3.53
H9U 9F0 F . -5.21 -14.15 -4.64
H58 9F0 F . -5.04 -11.73 -3.72
H9T 9F0 F . -5.22 -11.90 -5.47
H48 9F0 F . -2.94 -10.87 -3.98
H9 9F0 F . 8.20 -4.70 -5.81
H6 9F0 F . 8.21 -7.16 -1.49
H26 9F0 F . 13.21 -8.78 -2.28
H43 9F0 F . 15.72 -5.99 -2.07
H9S 9F0 F . 17.73 -8.09 -1.78
H57 9F0 F . 17.98 -6.34 -1.96
H9R 9F0 F . 18.62 -7.29 0.34
H56 9F0 F . 17.48 -5.93 0.38
H9Q 9F0 F . 17.14 -7.90 2.89
H55 9F0 F . 16.18 -6.46 2.42
H54 9F0 F . 14.69 -8.07 3.60
H9P 9F0 F . 15.19 -9.38 2.52
H44 9F0 F . 13.37 -7.15 1.94
H41 9F0 F . 1.88 3.63 -8.54
H42 9F0 F . 6.63 3.45 -10.31
H9Z 9F0 F . 15.66 -7.57 -2.56
H90 9F0 F . 13.29 -8.71 1.44
H45 9F0 F . 16.84 -8.79 0.70
H46 9F0 F . -3.74 -14.00 -6.47
H47 9F0 F . 0.22 -14.17 -5.44
H92 9F0 F . -3.38 -10.58 -5.53
H49 9F0 F . 3.27 5.58 -11.28
C2 9F0 C . -12.53 10.86 18.89
C3 9F0 C . -13.15 12.95 17.66
C4 9F0 C . -10.90 12.74 18.72
C5 9F0 C . -12.73 13.60 16.50
C7 9F0 C . -14.98 14.41 16.12
C8 9F0 C . -15.40 13.75 17.29
C10 9F0 C . -9.75 11.99 18.47
C12 9F0 C . -8.37 13.79 19.29
C14 9F0 C . -10.78 14.02 19.26
C21 9F0 C . -13.54 6.91 20.20
C22 9F0 C . -7.02 14.36 19.58
C23 9F0 C . -17.31 14.82 15.27
C24 9F0 C . -18.20 15.54 14.50
C27 9F0 C . -15.54 16.28 14.55
C28 9F0 C . -6.07 13.58 20.23
N30 9F0 C . -4.52 15.39 20.11
C32 9F0 C . -6.70 15.65 19.19
C34 9F0 C . -12.99 4.89 21.38
N41 9F0 C . -13.48 1.66 20.19
C50 9F0 C . -13.55 0.12 20.40
C51 9F0 C . -13.97 -0.21 21.86
N49 9F0 C . -15.17 0.61 22.25
C52 9F0 C . -15.49 0.78 23.71
C53 9F0 C . -16.41 2.01 23.90
N42 9F0 C . -15.90 3.23 23.11
PT2 9F0 C . -14.69 2.47 21.64
N35 9F0 C . -14.20 4.36 21.02
C36 9F0 C . -15.09 5.07 20.27
C37 9F0 C . -14.77 6.35 19.84
C33 9F0 C . -12.65 6.17 20.97
C17 9F0 C . -13.19 8.29 19.75
C18 9F0 C . -12.48 9.15 20.59
C19 9F0 C . -12.15 10.44 20.17
C16 9F0 C . -13.58 8.71 18.47
C15 9F0 C . -13.24 10.00 18.04
N1 9F0 C . -12.20 12.19 18.43
C13 9F0 C . -9.52 14.55 19.53
C11 9F0 C . -8.48 12.51 18.75
C31 9F0 C . -5.45 16.16 19.47
C29 9F0 C . -4.81 14.12 20.50
PT1 9F0 C . -2.65 16.16 20.52
N47 9F0 C . -1.95 15.44 18.74
C60 9F0 C . -0.49 15.93 18.65
C61 9F0 C . -0.25 17.17 19.56
N46 9F0 C . -0.84 16.92 20.92
C59 9F0 C . -1.12 18.09 21.81
C58 9F0 C . -2.14 17.70 22.90
N48 9F0 C . -3.33 16.91 22.30
C9 9F0 C . -14.49 13.02 18.06
C6 9F0 C . -13.65 14.32 15.73
C20 9F0 C . -15.96 15.18 15.30
C26 9F0 C . -16.46 16.99 13.78
N25 9F0 C . -17.78 16.61 13.76
PT3 9F0 C . -19.12 17.67 12.62
N43 9F0 C . -19.08 16.20 11.18
C57 9F0 C . -20.09 16.65 10.11
C56 9F0 C . -21.14 17.63 10.71
N45 9F0 C . -20.43 18.70 11.50
C55 9F0 C . -21.23 19.50 12.51
C54 9F0 C . -20.15 20.19 13.40
N44 9F0 C . -19.20 19.15 14.02
H5 9F0 C . -11.68 13.55 16.19
H8 9F0 C . -16.45 13.81 17.61
H10 9F0 C . -9.85 10.98 18.05
H14 9F0 C . -11.68 14.61 19.46
H23 9F0 C . -17.66 13.96 15.85
H24 9F0 C . -19.26 15.26 14.48
H27 9F0 C . -14.49 16.58 14.56
H28 9F0 C . -6.30 12.56 20.53
H32 9F0 C . -7.44 16.26 18.67
H34 9F0 C . -12.30 4.31 21.98
H9X 9F0 C . -12.54 1.98 20.31
H50 9F0 C . -12.57 -0.30 20.20
H9L 9F0 C . -14.28 -0.29 19.72
H51 9F0 C . -13.15 0.00 22.53
H9M 9F0 C . -14.23 -1.27 21.92
H9N 9F0 C . -16.00 -0.11 24.06
H52 9F0 C . -14.57 0.93 24.26
H9O 9F0 C . -17.42 1.77 23.56
H53 9F0 C . -16.46 2.26 24.96
H9Y 9F0 C . -16.66 3.73 22.69
H36 9F0 C . -16.04 4.63 19.99
H37 9F0 C . -15.47 6.92 19.25
H33 9F0 C . -11.68 6.59 21.24
H18 9F0 C . -12.19 8.81 21.59
H19 9F0 C . -11.60 11.10 20.81
H16 9F0 C . -14.12 8.05 17.81
H15 9F0 C . -13.54 10.34 17.05
H13 9F0 C . -9.43 15.55 19.96
H11 9F0 C . -7.59 11.91 18.56
H31 9F0 C . -5.19 17.19 19.16
H29 9F0 C . -4.06 13.52 21.01
H91 9F0 C . -1.98 14.44 18.74
H9V 9F0 C . 0.18 15.13 18.96
H60 9F0 C . -0.27 16.20 17.61
H9W 9F0 C . 0.82 17.34 19.66
H61 9F0 C . -0.72 18.04 19.10
H59 9F0 C . -1.54 18.92 21.21
H9U 9F0 C . -0.20 18.42 22.27
H58 9F0 C . -2.52 18.60 23.40
H9T 9F0 C . -1.64 17.07 23.64
H48 9F0 C . -4.11 17.54 22.15
H9 9F0 C . -14.82 12.52 18.96
H6 9F0 C . -13.31 14.83 14.82
H26 9F0 C . -16.12 17.83 13.19
H43 9F0 C . -19.36 15.32 11.58
H9S 9F0 C . -19.56 17.14 9.30
H57 9F0 C . -20.61 15.77 9.72
H9R 9F0 C . -21.69 18.10 9.90
H56 9F0 C . -21.82 17.09 11.35
H9Q 9F0 C . -21.83 20.25 12.00
H55 9F0 C . -21.85 18.84 13.11
H54 9F0 C . -20.65 20.73 14.21
H9P 9F0 C . -19.58 20.90 12.80
H44 9F0 C . -19.56 18.80 14.88
H41 9F0 C . -13.82 1.89 19.28
H42 9F0 C . -15.37 3.83 23.71
H9Z 9F0 C . -18.16 16.12 10.79
H90 9F0 C . -18.29 19.55 14.15
H45 9F0 C . -19.93 19.31 10.89
H46 9F0 C . -0.30 16.24 21.40
H47 9F0 C . -2.48 15.81 17.98
H92 9F0 C . -3.61 16.17 22.91
H49 9F0 C . -15.98 0.30 21.75
C2 9F0 D . -6.06 4.26 5.20
C3 9F0 D . -8.32 3.24 5.02
C4 9F0 D . -6.46 1.97 6.10
C5 9F0 D . -8.93 2.13 4.42
C7 9F0 D . -10.99 3.39 4.23
C8 9F0 D . -10.37 4.49 4.84
C10 9F0 D . -5.22 1.43 5.76
C12 9F0 D . -5.54 -0.32 7.40
C14 9F0 D . -7.24 1.37 7.10
C21 9F0 D . -3.44 7.58 4.51
C22 9F0 D . -5.06 -1.54 8.10
C23 9F0 D . -12.74 3.66 2.47
C24 9F0 D . -14.09 3.74 2.10
C27 9F0 D . -13.43 3.37 4.76
C28 9F0 D . -3.82 -1.53 8.73
N30 9F0 D . -4.15 -3.80 9.38
C32 9F0 D . -5.83 -2.69 8.11
C34 9F0 D . -1.34 8.67 4.84
N41 9F0 D . 0.83 10.10 2.81
C50 9F0 D . 1.96 11.02 2.31
C51 9F0 D . 1.46 12.48 2.18
N49 9F0 D . 0.70 12.87 3.42
C52 9F0 D . -0.23 14.05 3.36
C53 9F0 D . -1.24 13.99 4.53
N42 9F0 D . -1.84 12.58 4.67
PT2 9F0 D . -0.52 11.31 3.74
N35 9F0 D . -1.77 9.73 4.07
C36 9F0 D . -3.01 9.72 3.53
C37 9F0 D . -3.87 8.65 3.74
C33 9F0 D . -2.18 7.60 5.07
C17 9F0 D . -4.36 6.42 4.76
C18 9F0 D . -4.45 5.87 6.04
C19 9F0 D . -5.31 4.79 6.26
C16 9F0 D . -5.10 5.89 3.70
C15 9F0 D . -5.95 4.81 3.92
N1 9F0 D . -6.94 3.15 5.44
C13 9F0 D . -6.78 0.23 7.75
C11 9F0 D . -4.76 0.28 6.42
C31 9F0 D . -5.37 -3.82 8.76
C29 9F0 D . -3.38 -2.68 9.37
PT1 9F0 D . -3.48 -5.49 10.34
N47 9F0 D . -5.33 -5.77 11.18
C60 9F0 D . -5.21 -7.08 12.00
C61 9F0 D . -4.06 -7.96 11.46
N46 9F0 D . -2.82 -7.13 11.26
C59 9F0 D . -1.73 -7.65 10.37
C58 9F0 D . -0.80 -6.49 9.93
N48 9F0 D . -1.62 -5.24 9.50
C9 9F0 D . -9.04 4.41 5.23
C6 9F0 D . -10.27 2.21 4.02
C20 9F0 D . -12.42 3.48 3.81
C26 9F0 D . -14.75 3.46 4.36
N25 9F0 D . -15.07 3.64 3.03
PT3 9F0 D . -17.04 3.76 2.48
N43 9F0 D . -16.69 5.55 1.56
C57 9F0 D . -18.04 5.97 0.95
C56 9F0 D . -18.94 4.72 0.69
N45 9F0 D . -18.96 3.85 1.92
C55 9F0 D . -19.39 2.41 1.79
C54 9F0 D . -18.93 1.72 3.11
N44 9F0 D . -17.43 1.96 3.36
H5 9F0 D . -8.37 1.21 4.26
H8 9F0 D . -10.94 5.41 5.00
H10 9F0 D . -4.61 1.90 4.99
H14 9F0 D . -8.20 1.80 7.36
H23 9F0 D . -11.96 3.74 1.72
H24 9F0 D . -14.34 3.88 1.05
H27 9F0 D . -13.18 3.23 5.81
H28 9F0 D . -3.21 -0.64 8.72
H32 9F0 D . -6.80 -2.70 7.62
H34 9F0 D . -0.33 8.69 5.28
H9X 9F0 D . 0.40 9.64 2.02
H50 9F0 D . 2.32 10.68 1.35
H9L 9F0 D . 2.79 10.99 3.03
H51 9F0 D . 0.81 12.57 1.32
H9M 9F0 D . 2.32 13.15 2.06
H9N 9F0 D . 0.35 14.98 3.44
H52 9F0 D . -0.77 14.04 2.42
H9O 9F0 D . -0.73 14.26 5.46
H53 9F0 D . -2.04 14.70 4.36
H9Y 9F0 D . -1.93 12.33 5.64
H36 9F0 D . -3.34 10.57 2.92
H37 9F0 D . -4.87 8.65 3.30
H33 9F0 D . -1.84 6.75 5.68
H18 9F0 D . -3.86 6.27 6.85
H19 9F0 D . -5.39 4.34 7.25
H16 9F0 D . -5.01 6.33 2.70
H15 9F0 D . -6.53 4.40 3.10
H13 9F0 D . -7.38 -0.24 8.52
H11 9F0 D . -3.78 -0.14 6.16
H31 9F0 D . -5.97 -4.72 8.77
H29 9F0 D . -2.42 -2.67 9.88
H91 9F0 D . -5.55 -5.00 11.79
H9V 9F0 D . -5.01 -6.83 13.04
H60 9F0 D . -6.15 -7.62 11.93
H9W 9F0 D . -3.86 -8.77 12.17
H61 9F0 D . -4.35 -8.40 10.50
H59 9F0 D . -2.18 -8.10 9.48
H9U 9F0 D . -1.14 -8.40 10.90
H58 9F0 D . -0.19 -6.82 9.09
H9T 9F0 D . -0.16 -6.21 10.76
H48 9F0 D . -1.69 -5.21 8.50
H9 9F0 D . -8.56 5.27 5.71
H6 9F0 D . -10.75 1.35 3.55
H26 9F0 D . -15.55 3.37 5.10
H43 9F0 D . -16.00 5.44 0.84
H9S 9F0 D . -18.55 6.64 1.64
H57 9F0 D . -17.86 6.48 0.01
H9R 9F0 D . -19.95 5.05 0.47
H56 9F0 D . -18.54 4.15 -0.14
H9Q 9F0 D . -20.47 2.34 1.68
H55 9F0 D . -18.89 1.95 0.94
H54 9F0 D . -19.11 0.66 3.04
H9P 9F0 D . -19.50 2.14 3.94
H44 9F0 D . -16.89 1.23 2.93
H41 9F0 D . 1.19 9.41 3.44
H42 9F0 D . -2.73 12.53 4.22
H9Z 9F0 D . -16.39 6.22 2.24
H90 9F0 D . -17.24 2.00 4.34
H45 9F0 D . -19.50 4.30 2.65
H46 9F0 D . -2.44 -6.88 12.16
H47 9F0 D . -6.02 -5.86 10.48
H92 9F0 D . -1.19 -4.41 9.85
H49 9F0 D . 1.34 12.97 4.19
C2 9F0 E . 12.89 -11.02 -18.71
C3 9F0 E . 14.80 -9.42 -18.60
C4 9F0 E . 12.69 -8.76 -19.76
C5 9F0 E . 15.08 -8.17 -18.04
C7 9F0 E . 17.40 -8.83 -17.73
C8 9F0 E . 17.11 -10.08 -18.29
C10 9F0 E . 11.36 -8.49 -19.40
C12 9F0 E . 11.19 -6.86 -21.17
C14 9F0 E . 13.26 -8.07 -20.83
C21 9F0 E . 11.22 -14.83 -17.69
C22 9F0 E . 10.38 -5.86 -21.92
C23 9F0 E . 19.61 -9.50 -16.76
C24 9F0 E . 20.88 -9.18 -16.32
C27 9F0 E . 19.26 -7.19 -17.33
C28 9F0 E . 9.12 -6.18 -22.41
N30 9F0 E . 8.89 -4.00 -23.31
C32 9F0 E . 10.89 -4.58 -22.14
C34 9F0 E . 9.35 -16.34 -17.53
N41 9F0 E . 8.61 -18.36 -14.80
C50 9F0 E . 7.84 -19.52 -14.14
C51 9F0 E . 7.45 -20.60 -15.19
N49 9F0 E . 8.65 -20.93 -16.03
C52 9F0 E . 8.44 -21.61 -17.36
C53 9F0 E . 9.70 -21.41 -18.25
N42 9F0 E . 10.19 -19.95 -18.23
PT2 9F0 E . 9.41 -19.14 -16.52
N35 9F0 E . 10.18 -17.30 -17.02
C36 9F0 E . 11.51 -17.06 -16.84
C37 9F0 E . 12.04 -15.82 -17.17
C33 9F0 E . 9.86 -15.08 -17.86
C17 9F0 E . 11.79 -13.51 -18.04
C18 9F0 E . 11.55 -12.95 -19.31
C19 9F0 E . 12.09 -11.70 -19.64
C16 9F0 E . 12.59 -12.83 -17.12
C15 9F0 E . 13.13 -11.58 -17.45
N1 9F0 E . 13.46 -9.74 -19.03
C13 9F0 E . 12.51 -7.13 -21.54
C11 9F0 E . 10.61 -7.54 -20.10
C31 9F0 E . 10.12 -3.65 -22.83
C29 9F0 E . 8.38 -5.25 -23.10
PT1 9F0 E . 7.78 -2.61 -24.34
N47 9F0 E . 6.74 -2.15 -22.64
C60 9F0 E . 5.77 -1.02 -23.05
C61 9F0 E . 6.29 -0.27 -24.30
N46 9F0 E . 6.69 -1.28 -25.36
C59 9F0 E . 7.60 -0.83 -26.46
C58 9F0 E . 8.27 -2.07 -27.13
N48 9F0 E . 8.81 -3.05 -26.07
C9 9F0 E . 15.81 -10.38 -18.72
C6 9F0 E . 16.38 -7.87 -17.61
C20 9F0 E . 18.78 -8.50 -17.27
C26 9F0 E . 20.54 -6.91 -16.89
N25 9F0 E . 21.33 -7.89 -16.38
PT3 9F0 E . 23.22 -7.45 -15.72
N43 9F0 E . 22.59 -7.53 -13.78
C57 9F0 E . 23.86 -7.31 -12.91
C56 9F0 E . 25.14 -7.65 -13.72
N45 9F0 E . 25.07 -7.01 -15.09
C55 9F0 E . 25.98 -7.52 -16.18
C54 9F0 E . 25.38 -6.95 -17.50
N44 9F0 E . 23.91 -7.37 -17.65
H5 9F0 E . 14.29 -7.43 -17.95
H8 9F0 E . 17.91 -10.83 -18.40
H10 9F0 E . 10.91 -9.02 -18.55
H14 9F0 E . 14.29 -8.27 -21.12
H23 9F0 E . 19.23 -10.53 -16.69
H24 9F0 E . 21.53 -9.97 -15.93
H27 9F0 E . 18.62 -6.40 -17.73
H28 9F0 E . 8.72 -7.19 -22.24
H32 9F0 E . 11.86 -4.31 -21.75
H34 9F0 E . 8.29 -16.54 -17.65
H9X 9F0 E . 7.97 -17.61 -15.02
H50 9F0 E . 6.93 -19.14 -13.68
H9L 9F0 E . 8.46 -19.98 -13.37
H51 9F0 E . 6.66 -20.22 -15.83
H9M 9F0 E . 7.12 -21.50 -14.68
H9N 9F0 E . 8.27 -22.67 -17.20
H52 9F0 E . 7.58 -21.16 -17.85
H9O 9F0 E . 10.50 -22.06 -17.88
H53 9F0 E . 9.46 -21.70 -19.27
H9Y 9F0 E . 11.19 -19.91 -18.21
H36 9F0 E . 12.17 -17.83 -16.44
H37 9F0 E . 13.09 -15.63 -17.03
H33 9F0 E . 9.21 -14.31 -18.27
H18 9F0 E . 10.93 -13.48 -20.03
H19 9F0 E . 11.90 -11.26 -20.61
H16 9F0 E . 12.78 -13.27 -16.15
H15 9F0 E . 13.75 -11.06 -16.73
H13 9F0 E . 12.95 -6.60 -22.38
H11 9F0 E . 9.59 -7.34 -19.81
H31 9F0 E . 10.52 -2.65 -23.00
H29 9F0 E . 7.40 -5.51 -23.49
H91 9F0 E . 6.22 -2.94 -22.32
H9V 9F0 E . 4.79 -1.43 -23.24
H60 9F0 E . 5.70 -0.30 -22.22
H9W 9F0 E . 5.48 0.36 -24.71
H61 9F0 E . 7.14 0.35 -24.05
H59 9F0 E . 8.38 -0.17 -26.06
H9U 9F0 E . 7.03 -0.28 -27.21
H58 9F0 E . 9.11 -1.73 -27.75
H9T 9F0 E . 7.54 -2.57 -27.75
H48 9F0 E . 9.79 -2.91 -25.92
H9 9F0 E . 15.60 -11.35 -19.15
H6 9F0 E . 16.59 -6.89 -17.19
H26 9F0 E . 20.91 -5.88 -16.94
H43 9F0 E . 22.19 -8.42 -13.59
H9S 9F0 E . 23.90 -6.27 -12.60
H57 9F0 E . 23.81 -7.95 -12.04
H9R 9F0 E . 26.02 -7.28 -13.20
H56 9F0 E . 25.22 -8.73 -13.84
H9Q 9F0 E . 27.00 -7.15 -16.04
H55 9F0 E . 25.98 -8.61 -16.20
H54 9F0 E . 25.95 -7.34 -18.35
H9P 9F0 E . 25.45 -5.87 -17.48
H44 9F0 E . 23.84 -8.27 -18.08
H41 9F0 E . 9.33 -18.03 -14.19
H42 9F0 E . 9.84 -19.46 -19.03
H9Z 9F0 E . 21.93 -6.80 -13.60
H90 9F0 E . 23.41 -6.68 -18.17
H45 9F0 E . 25.17 -6.01 -15.00
H46 9F0 E . 5.88 -1.72 -25.73
H47 9F0 E . 7.37 -1.83 -21.92
H92 9F0 E . 8.63 -3.99 -26.35
H49 9F0 E . 9.32 -21.44 -15.49
C2 9F0 F . 5.57 -4.13 -5.64
C3 9F0 F . 7.02 -5.69 -4.36
C4 9F0 F . 4.74 -6.42 -5.09
C5 9F0 F . 7.03 -6.38 -3.14
C7 9F0 F . 9.44 -6.24 -3.06
C8 9F0 F . 9.44 -5.55 -4.28
C10 9F0 F . 3.39 -6.05 -4.92
C12 9F0 F . 2.73 -8.35 -5.24
C14 9F0 F . 5.07 -7.75 -5.34
C21 9F0 F . 4.96 -0.34 -7.50
C22 9F0 F . 1.67 -9.39 -5.31
C23 9F0 F . 11.20 -5.67 -1.40
C24 9F0 F . 12.41 -5.94 -0.78
C27 9F0 F . 11.47 -7.65 -2.73
C28 9F0 F . 0.58 -9.22 -6.16
N30 9F0 F . -0.31 -11.31 -5.44
C32 9F0 F . 1.74 -10.53 -4.52
C34 9F0 F . 3.56 1.17 -8.74
N41 9F0 F . 2.59 4.25 -8.47
C50 9F0 F . 2.09 5.66 -8.85
C51 9F0 F . 3.24 6.50 -9.47
N49 9F0 F . 3.95 5.68 -10.52
C52 9F0 F . 5.33 6.11 -10.96
C53 9F0 F . 6.05 4.92 -11.64
N42 9F0 F . 5.90 3.62 -10.81
PT2 9F0 F . 4.24 3.91 -9.64
N35 9F0 F . 4.54 2.11 -8.73
C36 9F0 F . 5.74 1.85 -8.12
C37 9F0 F . 5.96 0.62 -7.50
C33 9F0 F . 3.75 -0.06 -8.13
C17 9F0 F . 5.17 -1.66 -6.85
C18 9F0 F . 4.97 -2.83 -7.58
C19 9F0 F . 5.17 -4.07 -6.98
C16 9F0 F . 5.57 -1.72 -5.51
C15 9F0 F . 5.77 -2.96 -4.90
N1 9F0 F . 5.77 -5.42 -5.02
C13 9F0 F . 4.07 -8.72 -5.41
C11 9F0 F . 2.40 -7.02 -5.00
C31 9F0 F . 0.75 -11.49 -4.59
C29 9F0 F . -0.40 -10.19 -6.22
PT1 9F0 F . -1.78 -12.75 -5.54
N47 9F0 F . -0.41 -14.12 -6.21
C60 9F0 F . -1.20 -15.43 -6.39
C61 9F0 F . -2.47 -15.44 -5.48
N46 9F0 F . -3.21 -14.14 -5.63
C59 9F0 F . -4.18 -13.74 -4.56
C58 9F0 F . -4.47 -12.21 -4.65
N48 9F0 F . -3.17 -11.40 -4.87
C9 9F0 F . 8.23 -5.28 -4.92
C6 9F0 F . 8.24 -6.65 -2.49
C20 9F0 F . 10.72 -6.52 -2.39
C26 9F0 F . 12.67 -7.91 -2.09
N25 9F0 F . 13.13 -7.05 -1.12
PT3 9F0 F . 14.91 -7.45 -0.19
N43 9F0 F . 15.89 -6.24 -1.51
C57 9F0 F . 17.38 -6.27 -1.07
C56 9F0 F . 17.50 -6.63 0.44
N45 9F0 F . 16.64 -7.83 0.73
C55 9F0 F . 16.25 -8.10 2.17
C54 9F0 F . 15.09 -9.15 2.09
N44 9F0 F . 13.97 -8.65 1.16
H5 9F0 F . 6.08 -6.71 -2.69
H8 9F0 F . 10.37 -5.23 -4.73
H10 9F0 F . 3.13 -5.01 -4.73
H14 9F0 F . 6.12 -8.03 -5.47
H23 9F0 F . 10.63 -4.77 -1.13
H24 9F0 F . 12.79 -5.27 0.00
H27 9F0 F . 11.10 -8.33 -3.50
H28 9F0 F . 0.51 -8.32 -6.78
H32 9F0 F . 2.59 -10.67 -3.85
H34 9F0 F . 2.61 1.38 -9.25
H9X 9F0 F . 2.84 4.22 -7.50
H50 9F0 F . 1.73 6.16 -7.95
H9L 9F0 F . 1.28 5.57 -9.57
H51 9F0 F . 3.94 6.79 -8.69
H9M 9F0 F . 2.81 7.40 -9.94
H9N 9F0 F . 5.24 6.94 -11.66
H52 9F0 F . 5.90 6.44 -10.08
H9O 9F0 F . 5.63 4.77 -12.62
H53 9F0 F . 7.11 5.16 -11.73
H9Y 9F0 F . 5.75 2.85 -11.42
H36 9F0 F . 6.53 2.60 -8.12
H37 9F0 F . 6.91 0.42 -7.01
H33 9F0 F . 2.96 -0.81 -8.13
H18 9F0 F . 4.66 -2.78 -8.62
H19 9F0 F . 5.01 -4.98 -7.55
H16 9F0 F . 5.72 -0.80 -4.94
H15 9F0 F . 6.08 -3.01 -3.87
H13 9F0 F . 4.33 -9.76 -5.60
H11 9F0 F . 1.35 -6.74 -4.86
H31 9F0 F . 0.80 -12.39 -3.98
H29 9F0 F . -1.26 -10.07 -6.90
H91 9F0 F . -0.02 -13.83 -7.08
H9V 9F0 F . -1.51 -15.52 -7.42
H60 9F0 F . -0.57 -16.27 -6.12
H9W 9F0 F . -3.11 -16.27 -5.77
H61 9F0 F . -2.17 -15.57 -4.44
H59 9F0 F . -3.74 -13.96 -3.58
H9U 9F0 F . -5.11 -14.29 -4.68
H58 9F0 F . -4.94 -11.88 -3.72
H9T 9F0 F . -5.15 -12.03 -5.48
H48 9F0 F . -2.87 -10.99 -4.01
H9 9F0 F . 8.22 -4.74 -5.87
H6 9F0 F . 8.24 -7.19 -1.54
H26 9F0 F . 13.25 -8.79 -2.36
H43 9F0 F . 15.54 -5.31 -1.47
H9S 9F0 F . 17.91 -7.02 -1.66
H57 9F0 F . 17.82 -5.29 -1.25
H9R 9F0 F . 18.54 -6.86 0.67
H56 9F0 F . 17.16 -5.79 1.03
H9Q 9F0 F . 17.09 -8.52 2.72
H55 9F0 F . 15.90 -7.19 2.65
H54 9F0 F . 14.69 -9.32 3.08
H9P 9F0 F . 15.49 -10.09 1.70
H44 9F0 F . 13.30 -8.13 1.69
H41 9F0 F . 1.89 3.57 -8.67
H42 9F0 F . 6.71 3.48 -10.24
H9Z 9F0 F . 15.80 -6.60 -2.44
H90 9F0 F . 13.53 -9.42 0.71
H45 9F0 F . 17.06 -8.65 0.34
H46 9F0 F . -3.66 -14.11 -6.53
H47 9F0 F . 0.31 -14.24 -5.52
H92 9F0 F . -3.32 -10.68 -5.56
H49 9F0 F . 3.36 5.57 -11.32
C2 9F0 C . -12.72 10.73 18.87
C3 9F0 C . -13.36 12.80 17.64
C4 9F0 C . -11.09 12.61 18.68
C5 9F0 C . -12.95 13.47 16.48
C7 9F0 C . -15.23 14.23 16.12
C8 9F0 C . -15.63 13.57 17.29
C10 9F0 C . -9.95 11.87 18.41
C12 9F0 C . -8.56 13.68 19.21
C14 9F0 C . -10.98 13.90 19.22
C21 9F0 C . -13.68 6.77 20.22
C22 9F0 C . -7.21 14.25 19.49
C23 9F0 C . -17.56 14.59 15.27
C24 9F0 C . -18.47 15.31 14.50
C27 9F0 C . -15.83 16.10 14.55
C28 9F0 C . -6.25 13.48 20.14
N30 9F0 C . -4.70 15.30 20.01
C32 9F0 C . -6.90 15.54 19.10
C34 9F0 C . -13.10 4.77 21.41
N41 9F0 C . -13.78 1.53 20.10
C50 9F0 C . -13.85 0.00 20.28
C51 9F0 C . -14.09 -0.37 21.78
N49 9F0 C . -15.20 0.48 22.33
C52 9F0 C . -15.34 0.61 23.82
C53 9F0 C . -16.20 1.86 24.16
N42 9F0 C . -15.74 3.09 23.34
PT2 9F0 C . -14.76 2.32 21.71
N35 9F0 C . -14.31 4.22 21.08
C36 9F0 C . -15.20 4.92 20.32
C37 9F0 C . -14.90 6.21 19.89
C33 9F0 C . -12.77 6.05 20.98
C17 9F0 C . -13.35 8.16 19.76
C18 9F0 C . -12.62 9.01 20.58
C19 9F0 C . -12.30 10.30 20.13
C16 9F0 C . -13.76 8.58 18.49
C15 9F0 C . -13.45 9.86 18.04
N1 9F0 C . -12.39 12.06 18.40
C13 9F0 C . -9.71 14.43 19.49
C11 9F0 C . -8.68 12.40 18.68
C31 9F0 C . -5.64 16.06 19.36
C29 9F0 C . -5.00 14.02 20.39
PT1 9F0 C . -2.84 16.07 20.39
N47 9F0 C . -2.11 15.21 18.69
C60 9F0 C . -0.64 15.65 18.60
C61 9F0 C . -0.40 16.96 19.41
N46 9F0 C . -1.03 16.83 20.76
C59 9F0 C . -1.32 18.08 21.56
C58 9F0 C . -2.37 17.77 22.66
N48 9F0 C . -3.56 16.95 22.10
C9 9F0 C . -14.70 12.85 18.04
C6 9F0 C . -13.89 14.18 15.72
C20 9F0 C . -16.23 14.99 15.30
C26 9F0 C . -16.75 16.79 13.79
N25 9F0 C . -18.06 16.39 13.77
PT3 9F0 C . -19.43 17.43 12.64
N43 9F0 C . -19.39 15.94 11.21
C57 9F0 C . -20.44 16.37 10.16
C56 9F0 C . -21.48 17.36 10.76
N45 9F0 C . -20.76 18.42 11.53
C55 9F0 C . -21.55 19.24 12.54
C54 9F0 C . -20.48 19.94 13.41
N44 9F0 C . -19.52 18.91 14.02
H5 9F0 C . -11.91 13.44 16.16
H8 9F0 C . -16.67 13.61 17.60
H10 9F0 C . -10.04 10.86 17.99
H14 9F0 C . -11.87 14.48 19.44
H23 9F0 C . -17.89 13.74 15.85
H24 9F0 C . -19.52 15.00 14.49
H27 9F0 C . -14.78 16.41 14.56
H28 9F0 C . -6.48 12.46 20.43
H32 9F0 C . -7.64 16.15 18.58
H34 9F0 C . -12.39 4.20 22.00
H9X 9F0 C . -12.82 1.83 20.09
H50 9F0 C . -12.91 -0.45 19.95
H9L 9F0 C . -14.67 -0.39 19.68
H51 9F0 C . -13.18 -0.19 22.34
H9M 9F0 C . -14.36 -1.42 21.85
H9N 9F0 C . -15.82 -0.27 24.23
H52 9F0 C . -14.35 0.73 24.26
H9O 9F0 C . -17.24 1.65 23.94
H53 9F0 C . -16.09 2.09 25.22
H9Y 9F0 C . -16.54 3.62 23.05
H36 9F0 C . -16.16 4.46 20.06
H37 9F0 C . -15.63 6.77 19.29
H33 9F0 C . -11.81 6.49 21.24
H18 9F0 C . -12.30 8.69 21.57
H19 9F0 C . -11.73 10.98 20.78
H16 9F0 C . -14.33 7.91 17.85
H15 9F0 C . -13.78 10.19 17.07
H13 9F0 C . -9.61 15.43 19.90
H11 9F0 C . -7.79 11.81 18.47
H31 9F0 C . -5.40 17.08 19.06
H29 9F0 C . -4.25 13.42 20.90
H91 9F0 C . -2.17 14.21 18.75
H9V 9F0 C . 0.00 14.86 19.00
H60 9F0 C . -0.38 15.83 17.55
H9W 9F0 C . 0.67 17.13 19.52
H61 9F0 C . -0.85 17.80 18.88
H59 9F0 C . -1.71 18.84 20.89
H9U 9F0 C . -0.40 18.43 22.02
H58 9F0 C . -2.74 18.71 23.06
H9T 9F0 C . -1.89 17.21 23.46
H48 9F0 C . -4.32 17.56 21.88
H9 9F0 C . -15.01 12.33 18.95
H6 9F0 C . -13.57 14.70 14.82
H26 9F0 C . -16.45 17.65 13.20
H43 9F0 C . -19.65 15.07 11.62
H9S 9F0 C . -19.93 16.86 9.33
H57 9F0 C . -20.96 15.48 9.79
H9R 9F0 C . -22.05 17.80 9.95
H56 9F0 C . -22.14 16.81 11.43
H9Q 9F0 C . -22.17 19.99 12.02
H55 9F0 C . -22.17 18.59 13.15
H54 9F0 C . -20.97 20.50 14.21
H9P 9F0 C . -19.90 20.64 12.79
H44 9F0 C . -19.89 18.57 14.89
H41 9F0 C . -14.23 1.79 19.25
H42 9F0 C . -15.13 3.66 23.88
H9Z 9F0 C . -18.48 15.89 10.80
H90 9F0 C . -18.62 19.32 14.17
H45 9F0 C . -20.29 19.04 10.90
H46 9F0 C . -0.51 16.18 21.32
H47 9F0 C . -2.63 15.53 17.89
H92 9F0 C . -3.84 16.26 22.76
H49 9F0 C . -16.07 0.19 21.93
C2 9F0 D . -5.97 4.21 5.29
C3 9F0 D . -8.20 3.11 5.11
C4 9F0 D . -6.34 1.97 6.32
C5 9F0 D . -8.79 1.97 4.57
C7 9F0 D . -10.86 3.18 4.25
C8 9F0 D . -10.27 4.33 4.79
C10 9F0 D . -5.07 1.44 6.06
C12 9F0 D . -5.41 -0.21 7.79
C14 9F0 D . -7.14 1.40 7.31
C21 9F0 D . -3.43 7.56 4.52
C22 9F0 D . -4.92 -1.38 8.59
C23 9F0 D . -12.64 3.96 2.68
C24 9F0 D . -13.96 3.98 2.26
C27 9F0 D . -13.24 2.48 4.47
C28 9F0 D . -3.73 -1.30 9.28
N30 9F0 D . -4.04 -3.53 10.07
C32 9F0 D . -5.67 -2.55 8.64
C34 9F0 D . -1.33 8.71 4.79
N41 9F0 D . 0.88 10.10 2.93
C50 9F0 D . 2.02 11.04 2.45
C51 9F0 D . 1.47 12.46 2.15
N49 9F0 D . 0.60 12.91 3.28
C52 9F0 D . -0.36 14.05 3.04
C53 9F0 D . -1.46 14.04 4.13
N42 9F0 D . -2.03 12.62 4.35
PT2 9F0 D . -0.58 11.35 3.65
N35 9F0 D . -1.79 9.74 4.02
C36 9F0 D . -3.05 9.71 3.49
C37 9F0 D . -3.88 8.62 3.73
C33 9F0 D . -2.15 7.61 5.05
C17 9F0 D . -4.31 6.39 4.79
C18 9F0 D . -4.41 5.88 6.08
C19 9F0 D . -5.24 4.79 6.33
C16 9F0 D . -5.03 5.82 3.75
C15 9F0 D . -5.87 4.73 4.00
N1 9F0 D . -6.83 3.09 5.56
C13 9F0 D . -6.68 0.31 8.05
C11 9F0 D . -4.60 0.35 6.80
C31 9F0 D . -5.21 -3.62 9.38
C29 9F0 D . -3.29 -2.38 10.03
PT1 9F0 D . -3.38 -5.13 11.17
N47 9F0 D . -4.92 -4.87 12.50
C60 9F0 D . -4.75 -6.00 13.55
C61 9F0 D . -3.97 -7.19 12.95
N46 9F0 D . -2.74 -6.69 12.24
C59 9F0 D . -2.08 -7.58 11.23
C58 9F0 D . -1.15 -6.74 10.31
N48 9F0 D . -1.82 -5.42 9.86
C9 9F0 D . -8.95 4.30 5.21
C6 9F0 D . -10.12 2.00 4.14
C20 9F0 D . -12.27 3.21 3.79
C26 9F0 D . -14.56 2.51 4.03
N25 9F0 D . -14.91 3.26 2.94
PT3 9F0 D . -16.86 3.29 2.31
N43 9F0 D . -16.25 3.24 0.36
C57 9F0 D . -17.55 3.23 -0.47
C56 9F0 D . -18.73 2.66 0.36
N45 9F0 D . -18.77 3.33 1.72
C55 9F0 D . -19.52 2.65 2.84
C54 9F0 D . -19.04 3.37 4.13
N44 9F0 D . -17.50 3.33 4.24
H5 9F0 D . -8.21 1.05 4.49
H8 9F0 D . -10.86 5.24 4.87
H10 9F0 D . -4.45 1.87 5.28
H14 9F0 D . -8.13 1.81 7.51
H23 9F0 D . -11.88 4.53 2.14
H24 9F0 D . -14.25 4.57 1.40
H27 9F0 D . -12.97 1.88 5.34
H28 9F0 D . -3.13 -0.39 9.24
H32 9F0 D . -6.61 -2.62 8.10
H34 9F0 D . -0.33 8.75 5.21
H9X 9F0 D . 0.53 9.56 2.16
H50 9F0 D . 2.47 10.62 1.56
H9L 9F0 D . 2.78 11.10 3.23
H51 9F0 D . 0.90 12.44 1.23
H9M 9F0 D . 2.32 13.15 2.04
H9N 9F0 D . 0.18 14.99 3.09
H52 9F0 D . -0.82 13.93 2.07
H9O 9F0 D . -1.04 14.41 5.07
H53 9F0 D . -2.28 14.70 3.82
H9Y 9F0 D . -2.19 12.46 5.33
H36 9F0 D . -3.40 10.54 2.88
H37 9F0 D . -4.88 8.59 3.31
H33 9F0 D . -1.79 6.79 5.67
H18 9F0 D . -3.84 6.32 6.90
H19 9F0 D . -5.32 4.39 7.35
H16 9F0 D . -4.95 6.22 2.73
H15 9F0 D . -6.43 4.27 3.18
H13 9F0 D . -7.30 -0.12 8.83
H11 9F0 D . -3.62 -0.07 6.61
H31 9F0 D . -5.79 -4.54 9.43
H29 9F0 D . -2.35 -2.33 10.58
H91 9F0 D . -4.85 -3.97 12.93
H9V 9F0 D . -4.19 -5.60 14.40
H60 9F0 D . -5.73 -6.32 13.88
H9W 9F0 D . -3.69 -7.87 13.75
H61 9F0 D . -4.61 -7.72 12.23
H59 9F0 D . -2.84 -8.06 10.62
H9U 9F0 D . -1.49 -8.35 11.74
H58 9F0 D . -0.90 -7.33 9.43
H9T 9F0 D . -0.24 -6.50 10.85
H48 9F0 D . -2.19 -5.52 8.93
H9 9F0 D . -8.50 5.20 5.64
H6 9F0 D . -10.57 1.11 3.72
H26 9F0 D . -15.33 1.94 4.57
H43 9F0 D . -15.72 2.42 0.18
H9S 9F0 D . -17.79 4.24 -0.78
H57 9F0 D . -17.41 2.61 -1.35
H9R 9F0 D . -19.67 2.86 -0.16
H56 9F0 D . -18.60 1.59 0.49
H9Q 9F0 D . -20.59 2.79 2.71
H55 9F0 D . -19.27 1.59 2.88
H54 9F0 D . -19.48 2.87 5.00
H9P 9F0 D . -19.37 4.41 4.12
H44 9F0 D . -17.21 2.51 4.74
H41 9F0 D . 1.21 9.50 3.65
H42 9F0 D . -2.87 12.50 3.84
H9Z 9F0 D . -15.71 4.06 0.15
H90 9F0 D . -17.17 4.15 4.71
H45 9F0 D . -19.08 4.28 1.62
H46 9F0 D . -2.06 -6.39 12.92
H47 9F0 D . -5.80 -4.97 12.04
H92 9F0 D . -1.18 -4.67 9.91
H49 9F0 D . 1.16 13.11 4.09
C2 9F0 E . 12.75 -11.04 -18.72
C3 9F0 E . 14.68 -9.48 -18.63
C4 9F0 E . 12.58 -8.80 -19.81
C5 9F0 E . 14.99 -8.22 -18.11
C7 9F0 E . 17.30 -8.92 -17.77
C8 9F0 E . 16.99 -10.18 -18.30
C10 9F0 E . 11.27 -8.49 -19.43
C12 9F0 E . 11.11 -6.89 -21.24
C14 9F0 E . 13.17 -8.14 -20.90
C21 9F0 E . 11.04 -14.83 -17.65
C22 9F0 E . 10.32 -5.89 -22.00
C23 9F0 E . 19.47 -9.62 -16.75
C24 9F0 E . 20.76 -9.32 -16.32
C27 9F0 E . 19.19 -7.32 -17.41
C28 9F0 E . 9.06 -6.20 -22.48
N30 9F0 E . 8.87 -4.00 -23.40
C32 9F0 E . 10.85 -4.61 -22.23
C34 9F0 E . 9.15 -16.30 -17.44
N41 9F0 E . 8.47 -18.29 -14.66
C50 9F0 E . 7.71 -19.45 -13.97
C51 9F0 E . 7.26 -20.52 -14.99
N49 9F0 E . 8.42 -20.86 -15.89
C52 9F0 E . 8.14 -21.54 -17.20
C53 9F0 E . 9.37 -21.37 -18.15
N42 9F0 E . 9.88 -19.92 -18.16
PT2 9F0 E . 9.19 -19.09 -16.41
N35 9F0 E . 9.97 -17.27 -16.93
C36 9F0 E . 11.31 -17.05 -16.78
C37 9F0 E . 11.85 -15.82 -17.14
C33 9F0 E . 9.68 -15.06 -17.80
C17 9F0 E . 11.63 -13.51 -18.02
C18 9F0 E . 11.37 -12.96 -19.29
C19 9F0 E . 11.93 -11.72 -19.63
C16 9F0 E . 12.44 -12.83 -17.12
C15 9F0 E . 13.00 -11.60 -17.46
N1 9F0 E . 13.34 -9.77 -19.06
C13 9F0 E . 12.43 -7.18 -21.62
C11 9F0 E . 10.54 -7.55 -20.15
C31 9F0 E . 10.11 -3.68 -22.94
C29 9F0 E . 8.34 -5.24 -23.19
PT1 9F0 E . 7.78 -2.61 -24.44
N47 9F0 E . 6.88 -1.99 -22.71
C60 9F0 E . 5.97 -0.81 -23.11
C61 9F0 E . 6.44 -0.17 -24.45
N46 9F0 E . 6.71 -1.25 -25.46
C59 9F0 E . 7.57 -0.94 -26.65
C58 9F0 E . 8.12 -2.24 -27.28
N48 9F0 E . 8.67 -3.20 -26.20
C9 9F0 E . 15.68 -10.46 -18.72
C6 9F0 E . 16.29 -7.94 -17.68
C20 9F0 E . 18.68 -8.61 -17.30
C26 9F0 E . 20.48 -7.04 -16.96
N25 9F0 E . 21.25 -8.04 -16.43
PT3 9F0 E . 23.15 -7.62 -15.77
N43 9F0 E . 22.49 -7.65 -13.82
C57 9F0 E . 23.76 -7.45 -12.96
C56 9F0 E . 25.04 -7.83 -13.75
N45 9F0 E . 24.99 -7.21 -15.13
C55 9F0 E . 25.91 -7.77 -16.21
C54 9F0 E . 25.32 -7.22 -17.53
N44 9F0 E . 23.84 -7.61 -17.68
H5 9F0 E . 14.22 -7.46 -18.03
H8 9F0 E . 17.76 -10.94 -18.38
H10 9F0 E . 10.81 -9.00 -18.58
H14 9F0 E . 14.19 -8.36 -21.19
H23 9F0 E . 19.09 -10.64 -16.66
H24 9F0 E . 21.38 -10.11 -15.90
H27 9F0 E . 18.58 -6.52 -17.83
H28 9F0 E . 8.64 -7.18 -22.30
H32 9F0 E . 11.84 -4.36 -21.86
H34 9F0 E . 8.08 -16.49 -17.56
H9X 9F0 E . 7.85 -17.54 -14.85
H50 9F0 E . 6.83 -19.04 -13.47
H9L 9F0 E . 8.36 -19.91 -13.23
H51 9F0 E . 6.45 -20.12 -15.60
H9M 9F0 E . 6.92 -21.41 -14.47
H9N 9F0 E . 7.96 -22.60 -17.04
H52 9F0 E . 7.27 -21.08 -17.68
H9O 9F0 E . 10.16 -22.04 -17.82
H53 9F0 E . 9.07 -21.65 -19.16
H9Y 9F0 E . 10.88 -19.91 -18.17
H36 9F0 E . 11.96 -17.83 -16.38
H37 9F0 E . 12.91 -15.63 -17.00
H33 9F0 E . 9.03 -14.28 -18.21
H18 9F0 E . 10.73 -13.48 -20.00
H19 9F0 E . 11.73 -11.29 -20.61
H16 9F0 E . 12.64 -13.27 -16.13
H15 9F0 E . 13.64 -11.08 -16.75
H13 9F0 E . 12.88 -6.68 -22.46
H11 9F0 E . 9.51 -7.32 -19.87
H31 9F0 E . 10.51 -2.68 -23.12
H29 9F0 E . 7.34 -5.49 -23.56
H91 9F0 E . 6.33 -2.74 -22.33
H9V 9F0 E . 4.95 -1.15 -23.22
H60 9F0 E . 6.02 -0.05 -22.33
H9W 9F0 E . 5.66 0.48 -24.83
H61 9F0 E . 7.35 0.41 -24.28
H59 9F0 E . 8.41 -0.31 -26.33
H9U 9F0 E . 6.98 -0.39 -27.39
H58 9F0 E . 8.91 -2.00 -27.98
H9T 9F0 E . 7.30 -2.75 -27.82
H48 9F0 E . 9.66 -3.10 -26.13
H9 9F0 E . 15.45 -11.44 -19.14
H6 9F0 E . 16.53 -6.96 -17.27
H26 9F0 E . 20.88 -6.04 -17.03
H43 9F0 E . 22.06 -8.52 -13.60
H9S 9F0 E . 23.83 -6.41 -12.65
H57 9F0 E . 23.69 -8.09 -12.07
H9R 9F0 E . 25.92 -7.47 -13.22
H56 9F0 E . 25.10 -8.92 -13.84
H9Q 9F0 E . 26.92 -7.42 -16.06
H55 9F0 E . 25.87 -8.86 -16.20
H54 9F0 E . 25.88 -7.63 -18.38
H9P 9F0 E . 25.41 -6.13 -17.54
H44 9F0 E . 23.75 -8.52 -18.10
H41 9F0 E . 9.23 -17.99 -14.08
H42 9F0 E . 9.52 -19.42 -18.94
H9Z 9F0 E . 21.85 -6.90 -13.67
H90 9F0 E . 23.35 -6.92 -18.22
H45 9F0 E . 25.12 -6.23 -15.05
H46 9F0 E . 5.85 -1.66 -25.77
H47 9F0 E . 7.56 -1.70 -22.05
H92 9F0 E . 8.42 -4.15 -26.41
H49 9F0 E . 9.09 -21.39 -15.38
C2 9F0 F . 5.81 -4.10 -5.47
C3 9F0 F . 7.18 -5.75 -4.19
C4 9F0 F . 4.88 -6.36 -4.96
C5 9F0 F . 7.14 -6.45 -2.99
C7 9F0 F . 9.56 -6.41 -2.89
C8 9F0 F . 9.59 -5.70 -4.09
C10 9F0 F . 3.56 -5.95 -4.76
C12 9F0 F . 2.81 -8.21 -5.15
C14 9F0 F . 5.16 -7.69 -5.27
C21 9F0 F . 5.40 -0.26 -7.29
C22 9F0 F . 1.71 -9.21 -5.26
C23 9F0 F . 11.46 -5.84 -1.37
C24 9F0 F . 12.64 -6.18 -0.73
C27 9F0 F . 11.39 -8.02 -2.38
C28 9F0 F . 0.62 -8.96 -6.09
N30 9F0 F . -0.35 -11.06 -5.45
C32 9F0 F . 1.76 -10.39 -4.53
C34 9F0 F . 4.12 1.30 -8.58
N41 9F0 F . 3.08 4.30 -8.49
C50 9F0 F . 2.62 5.72 -8.88
C51 9F0 F . 3.83 6.61 -9.27
N49 9F0 F . 4.72 5.85 -10.22
C52 9F0 F . 6.14 6.33 -10.40
C53 9F0 F . 7.01 5.19 -10.98
N42 9F0 F . 6.76 3.86 -10.25
PT2 9F0 F . 4.93 4.06 -9.36
N35 9F0 F . 5.13 2.22 -8.48
C36 9F0 F . 6.27 1.93 -7.79
C37 9F0 F . 6.42 0.68 -7.18
C33 9F0 F . 4.25 0.06 -7.99
C17 9F0 F . 5.55 -1.59 -6.65
C18 9F0 F . 5.35 -2.75 -7.42
C19 9F0 F . 5.49 -4.01 -6.83
C16 9F0 F . 5.87 -1.70 -5.30
C15 9F0 F . 6.01 -2.95 -4.71
N1 9F0 F . 5.95 -5.40 -4.87
C13 9F0 F . 4.12 -8.62 -5.36
C11 9F0 F . 2.52 -6.88 -4.86
C31 9F0 F . 0.72 -11.31 -4.63
C29 9F0 F . -0.41 -9.89 -6.17
PT1 9F0 F . -1.87 -12.42 -5.59
N47 9F0 F . -0.59 -13.77 -6.47
C60 9F0 F . -1.43 -15.05 -6.69
C61 9F0 F . -2.64 -15.10 -5.71
N46 9F0 F . -3.34 -13.77 -5.72
C59 9F0 F . -4.25 -13.41 -4.57
C58 9F0 F . -4.49 -11.89 -4.53
N48 9F0 F . -3.16 -11.11 -4.70
C9 9F0 F . 8.41 -5.37 -4.75
C6 9F0 F . 8.33 -6.79 -2.34
C20 9F0 F . 10.83 -6.76 -2.20
C26 9F0 F . 12.59 -8.34 -1.74
N25 9F0 F . 13.19 -7.42 -0.92
PT3 9F0 F . 14.94 -7.91 0.03
N43 9F0 F . 16.01 -6.90 -1.39
C57 9F0 F . 17.49 -7.04 -0.97
C56 9F0 F . 17.59 -7.29 0.56
N45 9F0 F . 16.64 -8.39 0.95
C55 9F0 F . 16.25 -8.51 2.42
C54 9F0 F . 15.01 -9.45 2.41
N44 9F0 F . 13.91 -8.91 1.47
H5 9F0 F . 6.18 -6.76 -2.56
H8 9F0 F . 10.55 -5.41 -4.52
H10 9F0 F . 3.34 -4.91 -4.52
H14 9F0 F . 6.19 -8.01 -5.43
H23 9F0 F . 11.01 -4.86 -1.22
H24 9F0 F . 13.12 -5.46 -0.08
H27 9F0 F . 10.92 -8.75 -3.04
H28 9F0 F . 0.56 -8.04 -6.66
H32 9F0 F . 2.60 -10.59 -3.87
H34 9F0 F . 3.22 1.55 -9.14
H9X 9F0 F . 3.17 4.23 -7.49
H50 9F0 F . 2.09 6.17 -8.04
H9L 9F0 F . 1.94 5.64 -9.73
H51 9F0 F . 4.38 6.89 -8.38
H9M 9F0 F . 3.46 7.52 -9.76
H9N 9F0 F . 6.15 7.18 -11.08
H52 9F0 F . 6.54 6.64 -9.43
H9O 9F0 F . 6.76 5.06 -12.04
H53 9F0 F . 8.06 5.46 -10.90
H9Y 9F0 F . 6.75 3.10 -10.88
H36 9F0 F . 7.06 2.67 -7.71
H37 9F0 F . 7.33 0.45 -6.64
H33 9F0 F . 3.44 -0.68 -8.06
H18 9F0 F . 5.10 -2.67 -8.47
H19 9F0 F . 5.34 -4.90 -7.43
H16 9F0 F . 6.01 -0.79 -4.70
H15 9F0 F . 6.25 -3.03 -3.65
H13 9F0 F . 4.34 -9.66 -5.60
H11 9F0 F . 1.49 -6.56 -4.69
H31 9F0 F . 0.76 -12.23 -4.06
H29 9F0 F . -1.27 -9.71 -6.82
H91 9F0 F . -0.27 -13.42 -7.34
H9V 9F0 F . -1.80 -15.07 -7.71
H60 9F0 F . -0.80 -15.93 -6.51
H9W 9F0 F . -3.32 -15.88 -6.02
H61 9F0 F . -2.28 -15.31 -4.70
H59 9F0 F . -3.79 -13.74 -3.64
H9U 9F0 F . -5.21 -13.93 -4.70
H58 9F0 F . -4.93 -11.62 -3.57
H9T 9F0 F . -5.17 -11.60 -5.33
H48 9F0 F . -2.80 -10.82 -3.81
H9 9F0 F . 8.44 -4.82 -5.69
H6 9F0 F . 8.30 -7.34 -1.40
H26 9F0 F . 13.04 -9.32 -1.88
H43 9F0 F . 15.75 -5.93 -1.42
H9S 9F0 F . 17.94 -7.87 -1.51
H57 9F0 F . 18.02 -6.12 -1.22
H9R 9F0 F . 18.62 -7.59 0.80
H56 9F0 F . 17.35 -6.38 1.09
H9Q 9F0 F . 17.06 -8.95 2.99
H55 9F0 F . 16.00 -7.53 2.82
H54 9F0 F . 14.61 -9.51 3.43
H9P 9F0 F . 15.30 -10.44 2.09
H44 9F0 F . 13.30 -8.29 1.96
H41 9F0 F . 2.44 3.61 -8.83
H42 9F0 F . 7.47 3.72 -9.55
H9Z 9F0 F . 15.88 -7.32 -2.30
H90 9F0 F . 13.40 -9.67 1.08
H45 9F0 F . 16.98 -9.26 0.61
H46 9F0 F . -3.83 -13.64 -6.59
H47 9F0 F . 0.18 -13.97 -5.86
H92 9F0 F . -3.30 -10.32 -5.29
H49 9F0 F . 4.28 5.75 -11.11
C2 9F0 C . -12.71 10.68 18.72
C3 9F0 C . -13.35 12.74 17.47
C4 9F0 C . -11.10 12.57 18.53
C5 9F0 C . -12.93 13.39 16.30
C7 9F0 C . -15.19 14.16 15.91
C8 9F0 C . -15.62 13.52 17.09
C10 9F0 C . -9.94 11.84 18.22
C12 9F0 C . -8.57 13.66 19.05
C14 9F0 C . -10.99 13.84 19.11
C21 9F0 C . -13.64 6.72 20.07
C22 9F0 C . -7.22 14.23 19.32
C23 9F0 C . -17.53 14.54 15.04
C24 9F0 C . -18.42 15.24 14.25
C27 9F0 C . -15.76 16.00 14.31
C28 9F0 C . -6.25 13.46 19.96
N30 9F0 C . -4.72 15.29 19.82
C32 9F0 C . -6.93 15.53 18.93
C34 9F0 C . -13.03 4.71 21.24
N41 9F0 C . -13.58 1.47 20.01
C50 9F0 C . -13.62 -0.06 20.22
C51 9F0 C . -13.93 -0.42 21.69
N49 9F0 C . -15.10 0.40 22.17
C52 9F0 C . -15.32 0.55 23.65
C53 9F0 C . -16.24 1.78 23.92
N42 9F0 C . -15.78 3.01 23.11
PT2 9F0 C . -14.68 2.25 21.55
N35 9F0 C . -14.23 4.15 20.92
C36 9F0 C . -15.15 4.86 20.19
C37 9F0 C . -14.86 6.14 19.76
C33 9F0 C . -12.71 5.99 20.82
C17 9F0 C . -13.32 8.09 19.60
C18 9F0 C . -12.59 8.96 20.43
C19 9F0 C . -12.28 10.25 19.99
C16 9F0 C . -13.74 8.53 18.35
C15 9F0 C . -13.45 9.81 17.91
N1 9F0 C . -12.39 12.00 18.25
C13 9F0 C . -9.72 14.39 19.36
C11 9F0 C . -8.68 12.38 18.48
C31 9F0 C . -5.66 16.05 19.18
C29 9F0 C . -5.00 14.01 20.21
PT1 9F0 C . -2.86 16.09 20.19
N47 9F0 C . -2.18 15.37 18.40
C60 9F0 C . -0.72 15.86 18.28
C61 9F0 C . -0.49 17.11 19.17
N46 9F0 C . -1.06 16.86 20.54
C59 9F0 C . -1.34 18.04 21.44
C58 9F0 C . -2.33 17.64 22.55
N48 9F0 C . -3.52 16.84 21.97
C9 9F0 C . -14.69 12.80 17.87
C6 9F0 C . -13.85 14.09 15.53
C20 9F0 C . -16.18 14.92 15.08
C26 9F0 C . -16.69 16.69 13.53
N25 9F0 C . -17.99 16.30 13.50
PT3 9F0 C . -19.34 17.33 12.34
N43 9F0 C . -19.28 15.84 10.94
C57 9F0 C . -20.29 16.26 9.84
C56 9F0 C . -21.35 17.26 10.42
N45 9F0 C . -20.65 18.33 11.20
C55 9F0 C . -21.45 19.15 12.18
C54 9F0 C . -20.39 19.87 13.07
N44 9F0 C . -19.44 18.84 13.70
H5 9F0 C . -11.89 13.35 16.00
H8 9F0 C . -16.66 13.56 17.39
H10 9F0 C . -10.02 10.85 17.77
H14 9F0 C . -11.88 14.41 19.35
H23 9F0 C . -17.86 13.68 15.63
H24 9F0 C . -19.48 14.95 14.23
H27 9F0 C . -14.73 16.31 14.33
H28 9F0 C . -6.47 12.44 20.27
H32 9F0 C . -7.68 16.13 18.42
H34 9F0 C . -12.31 4.13 21.82
H9X 9F0 C . -12.63 1.80 20.06
H50 9F0 C . -12.65 -0.49 19.94
H9L 9F0 C . -14.39 -0.49 19.57
H51 9F0 C . -13.06 -0.21 22.31
H9M 9F0 C . -14.18 -1.48 21.76
H9N 9F0 C . -15.80 -0.35 24.04
H52 9F0 C . -14.37 0.69 24.14
H9O 9F0 C . -17.26 1.53 23.65
H53 9F0 C . -16.20 2.01 24.99
H9Y 9F0 C . -16.57 3.50 22.77
H36 9F0 C . -16.11 4.41 19.94
H37 9F0 C . -15.60 6.70 19.17
H33 9F0 C . -11.75 6.43 21.07
H18 9F0 C . -12.25 8.63 21.41
H19 9F0 C . -11.70 10.93 20.62
H16 9F0 C . -14.32 7.85 17.71
H15 9F0 C . -13.78 10.14 16.93
H13 9F0 C . -9.64 15.37 19.81
H11 9F0 C . -7.78 11.82 18.24
H31 9F0 C . -5.43 17.07 18.88
H29 9F0 C . -4.24 13.42 20.72
H91 9F0 C . -2.20 14.36 18.40
H9V 9F0 C . -0.04 15.06 18.60
H60 9F0 C . -0.52 16.12 17.24
H9W 9F0 C . 0.58 17.30 19.25
H61 9F0 C . -0.99 17.97 18.72
H59 9F0 C . -1.77 18.86 20.84
H9U 9F0 C . -0.40 18.38 21.89
H58 9F0 C . -2.70 18.54 23.04
H9T 9F0 C . -1.81 17.02 23.29
H48 9F0 C . -4.31 17.44 21.84
H9 9F0 C . -15.01 12.30 18.77
H6 9F0 C . -13.53 14.59 14.62
H26 9F0 C . -16.36 17.54 12.93
H43 9F0 C . -19.56 14.97 11.34
H9S 9F0 C . -19.76 16.75 9.03
H57 9F0 C . -20.80 15.38 9.46
H9R 9F0 C . -21.91 17.70 9.60
H56 9F0 C . -22.03 16.72 11.07
H9Q 9F0 C . -22.05 19.89 11.66
H55 9F0 C . -22.08 18.51 12.80
H54 9F0 C . -20.89 20.42 13.86
H9P 9F0 C . -19.81 20.55 12.46
H44 9F0 C . -19.81 18.50 14.58
H41 9F0 C . -14.00 1.71 19.14
H42 9F0 C . -15.21 3.60 23.68
H9Z 9F0 C . -18.36 15.77 10.54
H90 9F0 C . -18.54 19.24 13.85
H45 9F0 C . -20.15 18.94 10.57
H46 9F0 C . -0.49 16.20 21.03
H47 9F0 C . -2.72 15.72 17.65
H92 9F0 C . -3.77 16.10 22.60
H49 9F0 C . -15.94 0.08 21.74
C2 9F0 D . -5.91 4.26 5.28
C3 9F0 D . -8.14 3.19 5.21
C4 9F0 D . -6.23 2.00 6.28
C5 9F0 D . -8.75 2.08 4.62
C7 9F0 D . -10.85 3.26 4.49
C8 9F0 D . -10.25 4.37 5.08
C10 9F0 D . -4.98 1.48 5.95
C12 9F0 D . -5.26 -0.23 7.64
C14 9F0 D . -7.00 1.42 7.29
C21 9F0 D . -3.38 7.61 4.40
C22 9F0 D . -4.75 -1.42 8.38
C23 9F0 D . -12.66 3.65 2.82
C24 9F0 D . -14.01 3.68 2.49
C27 9F0 D . -13.26 2.97 5.05
C28 9F0 D . -3.52 -1.38 9.02
N30 9F0 D . -3.82 -3.64 9.72
C32 9F0 D . -5.50 -2.58 8.42
C34 9F0 D . -1.29 8.76 4.62
N41 9F0 D . 0.80 10.15 2.52
C50 9F0 D . 1.90 11.08 1.98
C51 9F0 D . 1.36 12.52 1.79
N49 9F0 D . 0.61 12.95 3.01
C52 9F0 D . -0.35 14.10 2.92
C53 9F0 D . -1.35 14.07 4.11
N42 9F0 D . -1.91 12.64 4.32
PT2 9F0 D . -0.56 11.39 3.43
N35 9F0 D . -1.76 9.78 3.85
C36 9F0 D . -3.03 9.74 3.35
C37 9F0 D . -3.86 8.66 3.63
C33 9F0 D . -2.10 7.66 4.92
C17 9F0 D . -4.25 6.45 4.71
C18 9F0 D . -4.33 5.94 6.02
C19 9F0 D . -5.15 4.85 6.30
C16 9F0 D . -5.02 5.86 3.69
C15 9F0 D . -5.84 4.77 3.98
N1 9F0 D . -6.75 3.15 5.58
C13 9F0 D . -6.51 0.30 7.98
C11 9F0 D . -4.49 0.36 6.63
C31 9F0 D . -5.03 -3.69 9.09
C29 9F0 D . -3.06 -2.50 9.69
PT1 9F0 D . -3.14 -5.30 10.71
N47 9F0 D . -4.88 -5.39 11.80
C60 9F0 D . -4.74 -6.64 12.70
C61 9F0 D . -3.73 -7.64 12.09
N46 9F0 D . -2.47 -6.92 11.69
C59 9F0 D . -1.55 -7.57 10.70
C58 9F0 D . -0.61 -6.52 10.07
N48 9F0 D . -1.39 -5.25 9.65
C9 9F0 D . -8.90 4.35 5.44
C6 9F0 D . -10.09 2.11 4.26
C20 9F0 D . -12.28 3.29 4.12
C26 9F0 D . -14.60 3.00 4.68
N25 9F0 D . -14.96 3.35 3.41
PT3 9F0 D . -16.94 3.39 2.91
N43 9F0 D . -17.02 5.41 3.27
C57 9F0 D . -18.46 5.84 2.93
C56 9F0 D . -19.11 4.84 1.93
N45 9F0 D . -18.88 3.43 2.40
C55 9F0 D . -19.02 2.30 1.39
C54 9F0 D . -18.36 1.07 2.08
N44 9F0 D . -16.91 1.39 2.52
H5 9F0 D . -8.16 1.17 4.45
H8 9F0 D . -10.83 5.28 5.26
H10 9F0 D . -4.38 1.94 5.16
H14 9F0 D . -7.97 1.82 7.56
H23 9F0 D . -11.90 3.91 2.09
H24 9F0 D . -14.31 3.95 1.47
H27 9F0 D . -12.98 2.69 6.06
H28 9F0 D . -2.91 -0.47 8.99
H32 9F0 D . -6.48 -2.62 7.91
H34 9F0 D . -0.27 8.80 5.01
H9X 9F0 D . 0.37 9.65 1.77
H50 9F0 D . 2.26 10.71 1.02
H9L 9F0 D . 2.73 11.10 2.69
H51 9F0 D . 0.70 12.56 0.92
H9M 9F0 D . 2.20 13.21 1.62
H9N 9F0 D . 0.21 15.04 2.94
H52 9F0 D . -0.90 14.04 1.98
H9O 9F0 D . -0.84 14.40 5.02
H53 9F0 D . -2.17 14.76 3.90
H9Y 9F0 D . -1.98 12.45 5.29
H36 9F0 D . -3.40 10.56 2.73
H37 9F0 D . -4.87 8.63 3.22
H33 9F0 D . -1.72 6.85 5.52
H18 9F0 D . -3.72 6.39 6.81
H19 9F0 D . -5.20 4.46 7.32
H16 9F0 D . -4.97 6.25 2.68
H15 9F0 D . -6.42 4.31 3.19
H13 9F0 D . -7.09 -0.15 8.76
H11 9F0 D . -3.51 -0.05 6.39
H31 9F0 D . -5.62 -4.60 9.11
H29 9F0 D . -2.10 -2.47 10.21
H91 9F0 D . -4.98 -4.56 12.36
H9V 9F0 D . -4.39 -6.33 13.68
H60 9F0 D . -5.71 -7.11 12.79
H9W 9F0 D . -3.49 -8.41 12.83
H61 9F0 D . -4.18 -8.12 11.21
H59 9F0 D . -2.13 -8.05 9.92
H9U 9F0 D . -0.95 -8.33 11.22
H58 9F0 D . -0.12 -6.94 9.19
H9T 9F0 D . 0.15 -6.24 10.80
H48 9F0 D . -1.58 -5.28 8.66
H9 9F0 D . -8.44 5.22 5.90
H6 9F0 D . -10.56 1.23 3.80
H26 9F0 D . -15.36 2.75 5.42
H43 9F0 D . -16.37 5.89 2.68
H9S 9F0 D . -19.05 5.85 3.85
H57 9F0 D . -18.45 6.83 2.50
H9R 9F0 D . -20.18 5.04 1.87
H56 9F0 D . -18.66 4.98 0.95
H9Q 9F0 D . -20.07 2.10 1.20
H55 9F0 D . -18.50 2.55 0.47
H54 9F0 D . -18.34 0.24 1.37
H9P 9F0 D . -18.94 0.79 2.95
H44 9F0 D . -16.27 1.19 1.78
H41 9F0 D . 1.19 9.51 3.19
H42 9F0 D . -2.80 12.56 3.88
H9Z 9F0 D . -16.81 5.60 4.22
H90 9F0 D . -16.68 0.89 3.35
H45 9F0 D . -19.44 3.24 3.20
H46 9F0 D . -1.96 -6.64 12.50
H47 9F0 D . -5.66 -5.48 11.18
H92 9F0 D . -0.86 -4.43 9.87
H49 9F0 D . 1.25 13.10 3.77
C2 9F0 E . 12.81 -11.01 -18.54
C3 9F0 E . 14.75 -9.44 -18.40
C4 9F0 E . 12.66 -8.76 -19.59
C5 9F0 E . 15.04 -8.19 -17.86
C7 9F0 E . 17.33 -8.88 -17.50
C8 9F0 E . 17.05 -10.14 -18.04
C10 9F0 E . 11.35 -8.45 -19.21
C12 9F0 E . 11.18 -6.85 -21.02
C14 9F0 E . 13.23 -8.10 -20.68
C21 9F0 E . 11.05 -14.79 -17.56
C22 9F0 E . 10.39 -5.83 -21.77
C23 9F0 E . 19.50 -9.60 -16.46
C24 9F0 E . 20.77 -9.29 -15.99
C27 9F0 E . 19.22 -7.29 -17.08
C28 9F0 E . 9.11 -6.12 -22.22
N30 9F0 E . 8.92 -3.95 -23.17
C32 9F0 E . 10.93 -4.57 -22.03
C34 9F0 E . 9.16 -16.28 -17.46
N41 9F0 E . 8.27 -18.26 -14.75
C50 9F0 E . 7.46 -19.41 -14.11
C51 9F0 E . 7.11 -20.49 -15.17
N49 9F0 E . 8.34 -20.83 -15.95
C52 9F0 E . 8.18 -21.53 -17.28
C53 9F0 E . 9.48 -21.37 -18.12
N42 9F0 E . 9.98 -19.91 -18.09
PT2 9F0 E . 9.14 -19.07 -16.42
N35 9F0 E . 9.95 -17.25 -16.90
C36 9F0 E . 11.28 -17.01 -16.68
C37 9F0 E . 11.84 -15.79 -16.99
C33 9F0 E . 9.70 -15.04 -17.80
C17 9F0 E . 11.66 -13.48 -17.90
C18 9F0 E . 11.49 -12.93 -19.18
C19 9F0 E . 12.05 -11.70 -19.50
C16 9F0 E . 12.41 -12.79 -16.95
C15 9F0 E . 12.98 -11.56 -17.26
N1 9F0 E . 13.40 -9.73 -18.86
C13 9F0 E . 12.50 -7.14 -21.40
C11 9F0 E . 10.61 -7.49 -19.92
C31 9F0 E . 10.18 -3.63 -22.73
C29 9F0 E . 8.39 -5.18 -22.92
PT1 9F0 E . 7.82 -2.57 -24.21
N47 9F0 E . 6.95 -1.92 -22.47
C60 9F0 E . 6.04 -0.75 -22.88
C61 9F0 E . 6.51 -0.12 -24.23
N46 9F0 E . 6.75 -1.22 -25.23
C59 9F0 E . 7.60 -0.91 -26.43
C58 9F0 E . 8.12 -2.23 -27.06
N48 9F0 E . 8.69 -3.18 -25.96
C9 9F0 E . 15.74 -10.42 -18.49
C6 9F0 E . 16.33 -7.91 -17.41
C20 9F0 E . 18.71 -8.58 -17.01
C26 9F0 E . 20.50 -7.02 -16.61
N25 9F0 E . 21.27 -8.02 -16.07
PT3 9F0 E . 23.15 -7.60 -15.38
N43 9F0 E . 22.47 -7.63 -13.45
C57 9F0 E . 23.72 -7.43 -12.56
C56 9F0 E . 25.02 -7.82 -13.33
N45 9F0 E . 24.99 -7.20 -14.70
C55 9F0 E . 25.91 -7.75 -15.77
C54 9F0 E . 25.36 -7.19 -17.11
N44 9F0 E . 23.88 -7.56 -17.28
H5 9F0 E . 14.26 -7.43 -17.79
H8 9F0 E . 17.82 -10.90 -18.12
H10 9F0 E . 10.89 -8.95 -18.35
H14 9F0 E . 14.25 -8.33 -20.99
H23 9F0 E . 19.12 -10.61 -16.38
H24 9F0 E . 21.40 -10.09 -15.57
H27 9F0 E . 18.61 -6.49 -17.51
H28 9F0 E . 8.68 -7.11 -22.01
H32 9F0 E . 11.93 -4.32 -21.67
H34 9F0 E . 8.10 -16.47 -17.64
H9X 9F0 E . 7.67 -17.51 -15.01
H50 9F0 E . 6.54 -19.00 -13.69
H9L 9F0 E . 8.05 -19.85 -13.31
H51 9F0 E . 6.35 -20.10 -15.84
H9M 9F0 E . 6.74 -21.38 -14.66
H9N 9F0 E . 7.99 -22.59 -17.12
H52 9F0 E . 7.34 -21.09 -17.82
H9O 9F0 E . 10.25 -22.02 -17.71
H53 9F0 E . 9.27 -21.66 -19.15
H9Y 9F0 E . 10.97 -19.88 -18.02
H36 9F0 E . 11.90 -17.80 -16.24
H37 9F0 E . 12.88 -15.60 -16.80
H33 9F0 E . 9.07 -14.26 -18.23
H18 9F0 E . 10.89 -13.47 -19.93
H19 9F0 E . 11.93 -11.27 -20.49
H16 9F0 E . 12.55 -13.22 -15.96
H15 9F0 E . 13.57 -11.03 -16.52
H13 9F0 E . 12.94 -6.64 -22.25
H11 9F0 E . 9.59 -7.26 -19.63
H31 9F0 E . 10.60 -2.65 -22.94
H29 9F0 E . 7.39 -5.42 -23.28
H91 9F0 E . 6.41 -2.66 -22.06
H9V 9F0 E . 5.02 -1.11 -22.99
H60 9F0 E . 6.07 0.01 -22.11
H9W 9F0 E . 5.72 0.54 -24.61
H61 9F0 E . 7.42 0.44 -24.06
H59 9F0 E . 8.44 -0.29 -26.14
H9U 9F0 E . 6.99 -0.39 -27.17
H58 9F0 E . 8.92 -2.00 -27.77
H9T 9F0 E . 7.31 -2.74 -27.58
H48 9F0 E . 9.68 -3.09 -25.91
H9 9F0 E . 15.52 -11.39 -18.91
H6 9F0 E . 16.56 -6.93 -16.99
H26 9F0 E . 20.90 -6.00 -16.66
H43 9F0 E . 22.04 -8.52 -13.25
H9S 9F0 E . 23.78 -6.39 -12.26
H57 9F0 E . 23.64 -8.05 -11.67
H9R 9F0 E . 25.88 -7.45 -12.78
H56 9F0 E . 25.07 -8.90 -13.42
H9Q 9F0 E . 26.94 -7.40 -15.61
H55 9F0 E . 25.88 -8.84 -15.78
H54 9F0 E . 25.94 -7.61 -17.94
H9P 9F0 E . 25.45 -6.11 -17.12
H44 9F0 E . 23.79 -8.46 -17.71
H41 9F0 E . 8.97 -17.94 -14.11
H42 9F0 E . 9.68 -19.43 -18.91
H9Z 9F0 E . 21.81 -6.89 -13.30
H90 9F0 E . 23.41 -6.87 -17.83
H45 9F0 E . 25.11 -6.21 -14.63
H46 9F0 E . 5.88 -1.63 -25.52
H47 9F0 E . 7.65 -1.61 -21.83
H92 9F0 E . 8.44 -4.12 -26.17
H49 9F0 E . 8.98 -21.35 -15.37
C2 9F0 F . 5.69 -4.07 -5.44
C3 9F0 F . 7.10 -5.68 -4.19
C4 9F0 F . 4.79 -6.32 -4.90
C5 9F0 F . 7.09 -6.42 -2.99
C7 9F0 F . 9.51 -6.33 -2.93
C8 9F0 F . 9.52 -5.59 -4.11
C10 9F0 F . 3.47 -5.94 -4.67
C12 9F0 F . 2.73 -8.21 -5.05
C14 9F0 F . 5.08 -7.65 -5.21
C21 9F0 F . 5.19 -0.24 -7.28
C22 9F0 F . 1.64 -9.21 -5.13
C23 9F0 F . 11.33 -5.82 -1.29
C24 9F0 F . 12.53 -6.15 -0.69
C27 9F0 F . 11.47 -7.83 -2.60
C28 9F0 F . 0.53 -8.98 -5.93
N30 9F0 F . -0.38 -11.09 -5.28
C32 9F0 F . 1.73 -10.40 -4.40
C34 9F0 F . 3.85 1.30 -8.54
N41 9F0 F . 2.88 4.36 -8.32
C50 9F0 F . 2.41 5.78 -8.70
C51 9F0 F . 3.59 6.64 -9.24
N49 9F0 F . 4.37 5.84 -10.25
C52 9F0 F . 5.77 6.27 -10.59
C53 9F0 F . 6.55 5.10 -11.24
N42 9F0 F . 6.35 3.79 -10.43
PT2 9F0 F . 4.62 4.05 -9.37
N35 9F0 F . 4.86 2.23 -8.48
C36 9F0 F . 6.02 1.94 -7.83
C37 9F0 F . 6.20 0.71 -7.23
C33 9F0 F . 4.01 0.06 -7.93
C17 9F0 F . 5.36 -1.56 -6.63
C18 9F0 F . 5.08 -2.73 -7.36
C19 9F0 F . 5.24 -3.98 -6.76
C16 9F0 F . 5.80 -1.65 -5.31
C15 9F0 F . 5.96 -2.91 -4.71
N1 9F0 F . 5.85 -5.36 -4.84
C13 9F0 F . 4.05 -8.60 -5.28
C11 9F0 F . 2.44 -6.87 -4.75
C31 9F0 F . 0.70 -11.32 -4.48
C29 9F0 F . -0.48 -9.92 -5.99
PT1 9F0 F . -1.89 -12.48 -5.38
N47 9F0 F . -0.54 -13.93 -5.88
C60 9F0 F . -1.36 -15.23 -5.99
C61 9F0 F . -2.68 -15.13 -5.18
N46 9F0 F . -3.36 -13.83 -5.49
C59 9F0 F . -4.40 -13.30 -4.54
C58 9F0 F . -4.62 -11.79 -4.77
N48 9F0 F . -3.27 -11.04 -4.88
C9 9F0 F . 8.32 -5.27 -4.74
C6 9F0 F . 8.30 -6.74 -2.36
C20 9F0 F . 10.80 -6.67 -2.25
C26 9F0 F . 12.68 -8.14 -1.97
N25 9F0 F . 13.19 -7.29 -1.03
PT3 9F0 F . 14.96 -7.77 -0.11
N43 9F0 F . 15.99 -7.22 -1.80
C57 9F0 F . 17.49 -7.43 -1.45
C56 9F0 F . 17.71 -7.36 0.08
N45 9F0 F . 16.70 -8.22 0.79
C55 9F0 F . 16.43 -7.98 2.25
C54 9F0 F . 15.09 -8.74 2.56
N44 9F0 F . 13.98 -8.30 1.59
H5 9F0 F . 6.15 -6.74 -2.56
H8 9F0 F . 10.47 -5.26 -4.54
H10 9F0 F . 3.25 -4.89 -4.44
H14 9F0 F . 6.11 -7.97 -5.39
H23 9F0 F . 10.81 -4.90 -1.02
H24 9F0 F . 12.96 -5.49 0.07
H27 9F0 F . 11.06 -8.50 -3.35
H28 9F0 F . 0.45 -8.05 -6.49
H32 9F0 F . 2.59 -10.59 -3.78
H34 9F0 F . 2.92 1.53 -9.07
H9X 9F0 F . 3.06 4.31 -7.34
H50 9F0 F . 1.99 6.27 -7.82
H9L 9F0 F . 1.65 5.71 -9.47
H51 9F0 F . 4.25 6.91 -8.41
H9M 9F0 F . 3.21 7.54 -9.70
H9N 9F0 F . 5.74 7.11 -11.28
H52 9F0 F . 6.29 6.58 -9.67
H9O 9F0 F . 6.18 4.95 -12.25
H53 9F0 F . 7.61 5.34 -11.25
H9Y 9F0 F . 6.25 3.01 -11.06
H36 9F0 F . 6.82 2.69 -7.79
H37 9F0 F . 7.14 0.48 -6.71
H33 9F0 F . 3.21 -0.68 -7.97
H18 9F0 F . 4.73 -2.66 -8.39
H19 9F0 F . 5.02 -4.89 -7.33
H16 9F0 F . 6.02 -0.75 -4.74
H15 9F0 F . 6.30 -2.98 -3.68
H13 9F0 F . 4.29 -9.64 -5.53
H11 9F0 F . 1.42 -6.57 -4.58
H31 9F0 F . 0.76 -12.25 -3.92
H29 9F0 F . -1.36 -9.74 -6.62
H91 9F0 F . -0.11 -13.71 -6.76
H9V 9F0 F . -1.60 -15.41 -7.04
H60 9F0 F . -0.76 -16.06 -5.61
H9W 9F0 F . -3.34 -15.95 -5.45
H61 9F0 F . -2.45 -15.17 -4.11
H59 9F0 F . -4.06 -13.48 -3.51
H9U 9F0 F . -5.34 -13.84 -4.71
H58 9F0 F . -5.19 -11.38 -3.93
H9T 9F0 F . -5.19 -11.64 -5.69
H48 9F0 F . -3.04 -10.63 -4.01
H9 9F0 F . 8.32 -4.70 -5.67
H6 9F0 F . 8.30 -7.31 -1.44
H26 9F0 F . 13.20 -9.05 -2.24
H43 9F0 F . 15.82 -6.27 -2.02
H9S 9F0 F . 17.81 -8.40 -1.81
H57 9F0 F . 18.08 -6.66 -1.94
H9R 9F0 F . 18.71 -7.71 0.32
H56 9F0 F . 17.60 -6.32 0.42
H9Q 9F0 F . 17.24 -8.39 2.86
H55 9F0 F . 16.30 -6.92 2.45
H54 9F0 F . 14.79 -8.54 3.58
H9P 9F0 F . 15.27 -9.82 2.44
H44 9F0 F . 13.48 -7.52 1.97
H41 9F0 F . 2.19 3.69 -8.59
H42 9F0 F . 7.11 3.64 -9.81
H9Z 9F0 F . 15.74 -7.81 -2.57
H90 9F0 F . 13.36 -9.06 1.41
H45 9F0 F . 16.91 -9.19 0.63
H46 9F0 F . -3.74 -13.85 -6.42
H47 9F0 F . 0.15 -14.01 -5.16
H92 9F0 F . -3.33 -10.35 -5.59
H49 9F0 F . 3.83 5.74 -11.08
C2 9F0 C . -12.63 10.67 18.79
C3 9F0 C . -13.23 12.73 17.52
C4 9F0 C . -11.01 12.55 18.63
C5 9F0 C . -12.78 13.38 16.36
C7 9F0 C . -15.03 14.16 15.90
C8 9F0 C . -15.49 13.51 17.07
C10 9F0 C . -9.85 11.83 18.33
C12 9F0 C . -8.49 13.62 19.21
C14 9F0 C . -10.91 13.82 19.23
C21 9F0 C . -13.63 6.73 20.14
C22 9F0 C . -7.14 14.19 19.51
C23 9F0 C . -17.32 14.52 14.96
C24 9F0 C . -18.20 15.23 14.14
C27 9F0 C . -15.55 15.99 14.29
C28 9F0 C . -6.18 13.41 20.17
N30 9F0 C . -4.64 15.24 20.08
C32 9F0 C . -6.83 15.50 19.16
C34 9F0 C . -13.06 4.72 21.32
N41 9F0 C . -13.57 1.48 20.15
C50 9F0 C . -13.62 -0.05 20.36
C51 9F0 C . -14.02 -0.39 21.83
N49 9F0 C . -15.22 0.43 22.23
C52 9F0 C . -15.52 0.60 23.69
C53 9F0 C . -16.44 1.83 23.90
N42 9F0 C . -15.94 3.05 23.11
PT2 9F0 C . -14.75 2.29 21.62
N35 9F0 C . -14.28 4.18 20.99
C36 9F0 C . -15.18 4.89 20.24
C37 9F0 C . -14.86 6.17 19.80
C33 9F0 C . -12.74 5.99 20.90
C17 9F0 C . -13.29 8.11 19.68
C18 9F0 C . -12.55 8.96 20.50
C19 9F0 C . -12.22 10.24 20.06
C16 9F0 C . -13.71 8.54 18.42
C15 9F0 C . -13.38 9.82 17.98
N1 9F0 C . -12.30 12.00 18.33
C13 9F0 C . -9.64 14.36 19.51
C11 9F0 C . -8.59 12.36 18.63
C31 9F0 C . -5.57 16.02 19.45
C29 9F0 C . -4.93 13.95 20.44
PT1 9F0 C . -2.79 16.01 20.50
N47 9F0 C . -2.02 15.12 18.82
C60 9F0 C . -0.54 15.57 18.76
C61 9F0 C . -0.33 16.89 19.55
N46 9F0 C . -0.99 16.78 20.90
C59 9F0 C . -1.29 18.04 21.66
C58 9F0 C . -2.37 17.77 22.74
N48 9F0 C . -3.53 16.94 22.17
C9 9F0 C . -14.58 12.80 17.86
C6 9F0 C . -13.68 14.09 15.55
C20 9F0 C . -15.99 14.90 15.03
C26 9F0 C . -16.44 16.69 13.47
N25 9F0 C . -17.75 16.30 13.40
PT3 9F0 C . -19.06 17.32 12.20
N43 9F0 C . -18.96 15.83 10.79
C57 9F0 C . -19.93 16.25 9.67
C56 9F0 C . -21.00 17.24 10.21
N45 9F0 C . -20.33 18.31 11.02
C55 9F0 C . -21.17 19.14 11.98
C54 9F0 C . -20.14 19.84 12.90
N44 9F0 C . -19.20 18.82 13.56
H5 9F0 C . -11.72 13.34 16.09
H8 9F0 C . -16.53 13.56 17.34
H10 9F0 C . -9.93 10.84 17.88
H14 9F0 C . -11.80 14.39 19.45
H23 9F0 C . -17.69 13.67 15.53
H24 9F0 C . -19.25 14.93 14.08
H27 9F0 C . -14.50 16.30 14.33
H28 9F0 C . -6.41 12.39 20.43
H32 9F0 C . -7.58 16.11 18.65
H34 9F0 C . -12.36 4.14 21.91
H9X 9F0 C . -12.63 1.82 20.24
H50 9F0 C . -12.64 -0.48 20.15
H9L 9F0 C . -14.35 -0.48 19.68
H51 9F0 C . -13.18 -0.16 22.49
H9M 9F0 C . -14.26 -1.45 21.90
H9N 9F0 C . -16.01 -0.29 24.06
H52 9F0 C . -14.58 0.76 24.24
H9O 9F0 C . -17.45 1.58 23.57
H53 9F0 C . -16.46 2.09 24.96
H9Y 9F0 C . -16.71 3.55 22.70
H36 9F0 C . -16.14 4.45 19.97
H37 9F0 C . -15.58 6.73 19.21
H33 9F0 C . -11.76 6.43 21.16
H18 9F0 C . -12.22 8.62 21.49
H19 9F0 C . -11.64 10.91 20.71
H16 9F0 C . -14.29 7.88 17.78
H15 9F0 C . -13.71 10.16 17.00
H13 9F0 C . -9.56 15.35 19.97
H11 9F0 C . -7.70 11.79 18.41
H31 9F0 C . -5.33 17.04 19.17
H29 9F0 C . -4.18 13.34 20.94
H91 9F0 C . -2.07 14.12 18.90
H9V 9F0 C . 0.09 14.79 19.19
H60 9F0 C . -0.26 15.72 17.72
H9W 9F0 C . 0.73 17.06 19.68
H61 9F0 C . -0.77 17.71 19.00
H59 9F0 C . -1.66 18.80 20.97
H9U 9F0 C . -0.37 18.40 22.13
H58 9F0 C . -2.74 18.71 23.12
H9T 9F0 C . -1.91 17.21 23.56
H48 9F0 C . -4.29 17.54 21.92
H9 9F0 C . -14.94 12.29 18.77
H6 9F0 C . -13.32 14.59 14.66
H26 9F0 C . -16.10 17.53 12.88
H43 9F0 C . -19.25 14.95 11.18
H9S 9F0 C . -19.37 16.74 8.87
H57 9F0 C . -20.42 15.37 9.27
H9R 9F0 C . -21.54 17.69 9.38
H56 9F0 C . -21.70 16.69 10.84
H9Q 9F0 C . -21.76 19.87 11.43
H55 9F0 C . -21.82 18.49 12.56
H54 9F0 C . -20.67 20.40 13.67
H9P 9F0 C . -19.55 20.54 12.30
H44 9F0 C . -19.60 18.49 14.41
H41 9F0 C . -13.93 1.72 19.25
H42 9F0 C . -15.40 3.66 23.69
H9Z 9F0 C . -18.02 15.75 10.43
H90 9F0 C . -18.31 19.23 13.74
H45 9F0 C . -19.82 18.93 10.41
H46 9F0 C . -0.48 16.14 21.48
H47 9F0 C . -2.51 15.42 18.01
H92 9F0 C . -3.84 16.26 22.83
H49 9F0 C . -16.03 0.12 21.75
C2 9F0 D . -6.00 4.37 5.21
C3 9F0 D . -8.25 3.32 5.11
C4 9F0 D . -6.36 2.10 6.16
C5 9F0 D . -8.86 2.21 4.51
C7 9F0 D . -10.95 3.43 4.38
C8 9F0 D . -10.35 4.53 4.98
C10 9F0 D . -5.12 1.55 5.80
C12 9F0 D . -5.37 -0.16 7.48
C14 9F0 D . -7.10 1.51 7.19
C21 9F0 D . -3.44 7.69 4.39
C22 9F0 D . -4.87 -1.36 8.18
C23 9F0 D . -12.75 3.54 2.66
C24 9F0 D . -14.10 3.58 2.32
C27 9F0 D . -13.37 3.47 4.98
C28 9F0 D . -3.62 -1.35 8.79
N30 9F0 D . -3.92 -3.61 9.49
C32 9F0 D . -5.64 -2.52 8.24
C34 9F0 D . -1.34 8.83 4.66
N41 9F0 D . -1.87 12.71 4.44
C50 9F0 D . -1.20 14.10 4.41
C51 9F0 D . 0.33 13.97 4.22
N49 9F0 D . 0.63 13.01 3.11
C52 9F0 D . 2.00 12.40 3.01
C53 9F0 D . 1.96 11.13 2.13
N42 9F0 D . 0.76 10.22 2.52
PT2 9F0 D . -0.56 11.45 3.48
N35 9F0 D . -1.79 9.85 3.87
C36 9F0 D . -3.05 9.83 3.35
C37 9F0 D . -3.89 8.75 3.60
C33 9F0 D . -2.16 7.74 4.92
C17 9F0 D . -4.32 6.54 4.67
C18 9F0 D . -4.40 6.00 5.97
C19 9F0 D . -5.24 4.93 6.24
C16 9F0 D . -5.09 5.98 3.65
C15 9F0 D . -5.94 4.90 3.92
N1 9F0 D . -6.87 3.26 5.48
C13 9F0 D . -6.62 0.39 7.85
C11 9F0 D . -4.63 0.43 6.46
C31 9F0 D . -5.15 -3.64 8.90
C29 9F0 D . -3.15 -2.48 9.44
PT1 9F0 D . -3.21 -5.27 10.46
N47 9F0 D . -4.98 -5.45 11.47
C60 9F0 D . -4.82 -6.71 12.34
C61 9F0 D . -3.77 -7.68 11.74
N46 9F0 D . -2.52 -6.90 11.39
C59 9F0 D . -1.55 -7.49 10.41
C58 9F0 D . -0.63 -6.39 9.84
N48 9F0 D . -1.44 -5.14 9.44
C9 9F0 D . -8.99 4.48 5.34
C6 9F0 D . -10.21 2.27 4.15
C20 9F0 D . -12.39 3.48 4.00
C26 9F0 D . -14.71 3.53 4.61
N25 9F0 D . -15.06 3.58 3.30
PT3 9F0 D . -17.04 3.66 2.78
N43 9F0 D . -16.94 5.69 2.59
C57 9F0 D . -18.35 6.14 2.15
C56 9F0 D . -19.09 4.98 1.44
N45 9F0 D . -18.98 3.72 2.27
C55 9F0 D . -19.23 2.38 1.60
C54 9F0 D . -18.66 1.32 2.59
N44 9F0 D . -17.19 1.63 2.94
H5 9F0 D . -8.28 1.31 4.33
H8 9F0 D . -10.92 5.44 5.17
H10 9F0 D . -4.54 2.01 4.99
H14 9F0 D . -8.07 1.93 7.47
H23 9F0 D . -11.99 3.54 1.89
H24 9F0 D . -14.39 3.63 1.27
H27 9F0 D . -13.09 3.43 6.04
H28 9F0 D . -3.01 -0.44 8.74
H32 9F0 D . -6.62 -2.55 7.78
H34 9F0 D . -0.33 8.87 5.07
H9X 9F0 D . -2.00 12.41 5.39
H50 9F0 D . -1.40 14.61 5.35
H9L 9F0 D . -1.62 14.67 3.58
H51 9F0 D . 0.79 13.60 5.14
H9M 9F0 D . 0.76 14.95 3.98
H9N 9F0 D . 2.68 13.12 2.56
H52 9F0 D . 2.34 12.14 4.01
H9O 9F0 D . 1.85 11.41 1.08
H53 9F0 D . 2.88 10.57 2.25
H9Y 9F0 D . 0.34 9.83 1.70
H36 9F0 D . -3.40 10.65 2.73
H37 9F0 D . -4.89 8.72 3.18
H33 9F0 D . -1.81 6.92 5.55
H18 9F0 D . -3.79 6.43 6.78
H19 9F0 D . -5.29 4.51 7.24
H16 9F0 D . -5.04 6.39 2.64
H15 9F0 D . -6.52 4.45 3.11
H13 9F0 D . -7.19 -0.07 8.65
H11 9F0 D . -3.66 0.00 6.18
H31 9F0 D . -5.75 -4.55 8.94
H29 9F0 D . -2.18 -2.47 9.92
H91 9F0 D . -5.12 -4.65 12.06
H9V 9F0 D . -4.51 -6.43 13.35
H60 9F0 D . -5.79 -7.23 12.40
H9W 9F0 D . -3.52 -8.45 12.47
H61 9F0 D . -4.17 -8.14 10.84
H59 9F0 D . -2.10 -7.96 9.60
H9U 9F0 D . -0.95 -8.24 10.92
H58 9F0 D . -0.12 -6.78 8.96
H9T 9F0 D . 0.10 -6.12 10.59
H48 9F0 D . -1.60 -5.12 8.46
H9 9F0 D . -8.53 5.34 5.81
H6 9F0 D . -10.68 1.40 3.68
H26 9F0 D . -15.48 3.52 5.38
H43 9F0 D . -16.26 5.95 1.90
H9S 9F0 D . -18.92 6.44 3.03
H57 9F0 D . -18.25 6.98 1.46
H9R 9F0 D . -20.15 5.24 1.33
H56 9F0 D . -18.66 4.81 0.46
H9Q 9F0 D . -20.30 2.23 1.46
H55 9F0 D . -18.71 2.33 0.65
H54 9F0 D . -18.72 0.34 2.13
H9P 9F0 D . -19.26 1.34 3.50
H44 9F0 D . -16.57 1.18 2.29
H41 9F0 D . -2.74 12.73 3.96
H42 9F0 D . 1.08 9.49 3.14
H9Z 9F0 D . -16.70 6.11 3.47
H90 9F0 D . -16.99 1.33 3.87
H45 9F0 D . -19.54 3.81 3.09
H46 9F0 D . -2.04 -6.63 12.22
H47 9F0 D . -5.74 -5.56 10.84
H92 9F0 D . -0.94 -4.30 9.72
H49 9F0 D . 0.38 13.43 2.23
C2 9F0 E . 12.77 -10.98 -18.69
C3 9F0 E . 14.69 -9.40 -18.58
C4 9F0 E . 12.59 -8.73 -19.77
C5 9F0 E . 14.97 -8.15 -18.03
C7 9F0 E . 17.27 -8.81 -17.70
C8 9F0 E . 16.99 -10.07 -18.25
C10 9F0 E . 11.27 -8.44 -19.41
C12 9F0 E . 11.13 -6.83 -21.22
C14 9F0 E . 13.18 -8.07 -20.86
C21 9F0 E . 11.08 -14.78 -17.66
C22 9F0 E . 10.34 -5.82 -21.98
C23 9F0 E . 19.46 -9.50 -16.67
C24 9F0 E . 20.74 -9.19 -16.22
C27 9F0 E . 19.15 -7.20 -17.31
C28 9F0 E . 9.09 -6.13 -22.48
N30 9F0 E . 8.89 -3.93 -23.39
C32 9F0 E . 10.86 -4.55 -22.20
C34 9F0 E . 9.20 -16.27 -17.50
N41 9F0 E . 8.45 -18.29 -14.76
C50 9F0 E . 7.68 -19.45 -14.09
C51 9F0 E . 7.30 -20.53 -15.13
N49 9F0 E . 8.50 -20.86 -15.98
C52 9F0 E . 8.28 -21.54 -17.30
C53 9F0 E . 9.53 -21.36 -18.21
N42 9F0 E . 10.02 -19.90 -18.19
PT2 9F0 E . 9.25 -19.08 -16.47
N35 9F0 E . 10.02 -17.24 -16.98
C36 9F0 E . 11.36 -17.01 -16.81
C37 9F0 E . 11.90 -15.77 -17.14
C33 9F0 E . 9.72 -15.04 -17.84
C17 9F0 E . 11.66 -13.46 -18.03
C18 9F0 E . 11.43 -12.91 -19.30
C19 9F0 E . 11.98 -11.67 -19.63
C16 9F0 E . 12.45 -12.78 -17.10
C15 9F0 E . 13.00 -11.54 -17.43
N1 9F0 E . 13.35 -9.71 -19.03
C13 9F0 E . 12.45 -7.12 -21.58
C11 9F0 E . 10.54 -7.49 -20.14
C31 9F0 E . 10.13 -3.61 -22.90
C29 9F0 E . 8.37 -5.18 -23.18
PT1 9F0 E . 7.81 -2.55 -24.44
N47 9F0 E . 6.97 -1.86 -22.71
C60 9F0 E . 6.11 -0.64 -23.10
C61 9F0 E . 6.54 -0.07 -24.48
N46 9F0 E . 6.75 -1.19 -25.46
C59 9F0 E . 7.58 -0.93 -26.68
C58 9F0 E . 8.07 -2.27 -27.29
N48 9F0 E . 8.63 -3.20 -26.19
C9 9F0 E . 15.70 -10.36 -18.68
C6 9F0 E . 16.26 -7.85 -17.59
C20 9F0 E . 18.65 -8.49 -17.22
C26 9F0 E . 20.43 -6.91 -16.84
N25 9F0 E . 21.21 -7.90 -16.31
PT3 9F0 E . 23.10 -7.46 -15.63
N43 9F0 E . 22.43 -7.50 -13.69
C57 9F0 E . 23.69 -7.28 -12.82
C56 9F0 E . 24.99 -7.65 -13.61
N45 9F0 E . 24.94 -7.03 -14.99
C55 9F0 E . 25.86 -7.59 -16.05
C54 9F0 E . 25.28 -7.04 -17.40
N44 9F0 E . 23.81 -7.43 -17.54
H5 9F0 E . 14.18 -7.39 -17.95
H8 9F0 E . 17.78 -10.83 -18.33
H10 9F0 E . 10.81 -8.95 -18.56
H14 9F0 E . 14.21 -8.29 -21.14
H23 9F0 E . 19.08 -10.51 -16.59
H24 9F0 E . 21.36 -9.97 -15.80
H27 9F0 E . 18.53 -6.40 -17.73
H28 9F0 E . 8.66 -7.13 -22.31
H32 9F0 E . 11.85 -4.29 -21.80
H34 9F0 E . 8.14 -16.48 -17.63
H9X 9F0 E . 7.83 -17.53 -14.98
H50 9F0 E . 6.78 -19.06 -13.63
H9L 9F0 E . 8.31 -19.89 -13.32
H51 9F0 E . 6.50 -20.15 -15.77
H9M 9F0 E . 6.95 -21.42 -14.62
H9N 9F0 E . 8.10 -22.61 -17.14
H52 9F0 E . 7.41 -21.11 -17.80
H9O 9F0 E . 10.33 -22.02 -17.84
H53 9F0 E . 9.28 -21.65 -19.22
H9Y 9F0 E . 11.02 -19.87 -18.16
H36 9F0 E . 12.02 -17.79 -16.40
H37 9F0 E . 12.95 -15.58 -17.00
H33 9F0 E . 9.07 -14.26 -18.26
H18 9F0 E . 10.81 -13.45 -20.02
H19 9F0 E . 11.81 -11.24 -20.61
H16 9F0 E . 12.63 -13.22 -16.12
H15 9F0 E . 13.61 -11.01 -16.71
H13 9F0 E . 12.90 -6.61 -22.43
H11 9F0 E . 9.51 -7.26 -19.86
H31 9F0 E . 10.53 -2.61 -23.07
H29 9F0 E . 7.38 -5.43 -23.57
H91 9F0 E . 6.41 -2.56 -22.29
H9V 9F0 E . 5.06 -0.95 -23.16
H60 9F0 E . 6.21 0.14 -22.35
H9W 9F0 E . 5.77 0.60 -24.85
H61 9F0 E . 7.47 0.48 -24.36
H59 9F0 E . 8.45 -0.32 -26.42
H9U 9F0 E . 6.99 -0.40 -27.42
H58 9F0 E . 8.85 -2.07 -28.03
H9T 9F0 E . 7.23 -2.77 -27.78
H48 9F0 E . 9.62 -3.13 -26.16
H9 9F0 E . 15.48 -11.34 -19.12
H6 9F0 E . 16.48 -6.87 -17.17
H26 9F0 E . 20.82 -5.89 -16.90
H43 9F0 E . 22.02 -8.38 -13.49
H9S 9F0 E . 23.75 -6.22 -12.53
H57 9F0 E . 23.63 -7.89 -11.93
H9R 9F0 E . 25.85 -7.27 -13.06
H56 9F0 E . 25.05 -8.73 -13.69
H9Q 9F0 E . 26.88 -7.22 -15.90
H55 9F0 E . 25.84 -8.67 -16.05
H54 9F0 E . 25.86 -7.45 -18.22
H9P 9F0 E . 25.37 -5.95 -17.39
H44 9F0 E . 23.73 -8.34 -17.96
H41 9F0 E . 9.19 -17.97 -14.16
H42 9F0 E . 9.68 -19.41 -18.99
H9Z 9F0 E . 21.77 -6.76 -13.54
H90 9F0 E . 23.33 -6.75 -18.09
H45 9F0 E . 25.05 -6.04 -14.91
H46 9F0 E . 5.87 -1.58 -25.73
H47 9F0 E . 7.69 -1.57 -22.06
H92 9F0 E . 8.36 -4.14 -26.37
H49 9F0 E . 9.16 -21.38 -15.44
C2 9F0 F . 5.66 -4.11 -5.53
C3 9F0 F . 7.10 -5.67 -4.24
C4 9F0 F . 4.82 -6.37 -4.95
C5 9F0 F . 7.13 -6.39 -3.04
C7 9F0 F . 9.54 -6.22 -2.98
C8 9F0 F . 9.52 -5.51 -4.18
C10 9F0 F . 3.49 -6.01 -4.72
C12 9F0 F . 2.80 -8.31 -5.04
C14 9F0 F . 5.13 -7.71 -5.23
C21 9F0 F . 5.07 -0.34 -7.46
C22 9F0 F . 1.72 -9.33 -5.10
C23 9F0 F . 11.40 -5.59 -1.45
C24 9F0 F . 12.61 -5.88 -0.84
C27 9F0 F . 11.48 -7.72 -2.56
C28 9F0 F . 0.59 -9.13 -5.89
N30 9F0 F . -0.27 -11.24 -5.19
C32 9F0 F . 1.84 -10.50 -4.37
C34 9F0 F . 3.67 1.17 -8.69
N41 9F0 F . 2.77 4.28 -8.45
C50 9F0 F . 2.30 5.69 -8.84
C51 9F0 F . 3.44 6.50 -9.51
N49 9F0 F . 4.10 5.65 -10.56
C52 9F0 F . 5.47 6.03 -11.05
C53 9F0 F . 6.15 4.81 -11.73
N42 9F0 F . 6.00 3.54 -10.87
PT2 9F0 F . 4.39 3.89 -9.65
N35 9F0 F . 4.67 2.09 -8.71
C36 9F0 F . 5.88 1.82 -8.12
C37 9F0 F . 6.09 0.61 -7.49
C33 9F0 F . 3.86 -0.05 -8.06
C17 9F0 F . 5.27 -1.65 -6.79
C18 9F0 F . 5.02 -2.83 -7.48
C19 9F0 F . 5.22 -4.06 -6.86
C16 9F0 F . 5.70 -1.69 -5.45
C15 9F0 F . 5.90 -2.93 -4.83
N1 9F0 F . 5.85 -5.38 -4.90
C13 9F0 F . 4.13 -8.67 -5.28
C11 9F0 F . 2.48 -6.97 -4.77
C31 9F0 F . 0.84 -11.46 -4.42
C29 9F0 F . -0.40 -10.10 -5.93
PT1 9F0 F . -1.74 -12.67 -5.26
N47 9F0 F . -0.34 -14.13 -5.61
C60 9F0 F . -1.14 -15.45 -5.67
C61 9F0 F . -2.49 -15.33 -4.91
N46 9F0 F . -3.18 -14.06 -5.33
C59 9F0 F . -4.27 -13.50 -4.45
C58 9F0 F . -4.51 -12.00 -4.78
N48 9F0 F . -3.17 -11.24 -4.91
C9 9F0 F . 8.31 -5.22 -4.81
C6 9F0 F . 8.34 -6.67 -2.41
C20 9F0 F . 10.83 -6.52 -2.31
C26 9F0 F . 12.69 -7.99 -1.93
N25 9F0 F . 13.24 -7.07 -1.08
PT3 9F0 F . 15.03 -7.49 -0.16
N43 9F0 F . 15.95 -6.01 -1.25
C57 9F0 F . 17.42 -6.01 -0.77
C56 9F0 F . 17.53 -6.58 0.66
N45 9F0 F . 16.77 -7.89 0.74
C55 9F0 F . 16.37 -8.42 2.11
C54 9F0 F . 15.30 -9.51 1.82
N44 9F0 F . 14.16 -8.95 0.95
H5 9F0 F . 6.19 -6.74 -2.61
H8 9F0 F . 10.45 -5.16 -4.62
H10 9F0 F . 3.24 -4.97 -4.50
H14 9F0 F . 6.17 -7.99 -5.40
H23 9F0 F . 10.89 -4.65 -1.25
H24 9F0 F . 13.05 -5.16 -0.15
H27 9F0 F . 11.05 -8.45 -3.23
H28 9F0 F . 0.49 -8.21 -6.46
H32 9F0 F . 2.73 -10.67 -3.75
H34 9F0 F . 2.71 1.39 -9.18
H9X 9F0 F . 3.04 4.25 -7.49
H50 9F0 F . 1.97 6.22 -7.94
H9L 9F0 F . 1.46 5.61 -9.53
H51 9F0 F . 4.17 6.79 -8.77
H9M 9F0 F . 3.03 7.39 -9.98
H9N 9F0 F . 5.39 6.84 -11.77
H52 9F0 F . 6.08 6.36 -10.20
H9O 9F0 F . 5.70 4.65 -12.70
H53 9F0 F . 7.22 5.03 -11.85
H9Y 9F0 F . 5.83 2.75 -11.45
H36 9F0 F . 6.67 2.56 -8.14
H37 9F0 F . 7.05 0.39 -7.01
H33 9F0 F . 3.05 -0.79 -8.03
H18 9F0 F . 4.68 -2.79 -8.52
H19 9F0 F . 5.02 -4.98 -7.41
H16 9F0 F . 5.90 -0.76 -4.91
H15 9F0 F . 6.23 -2.96 -3.80
H13 9F0 F . 4.37 -9.71 -5.49
H11 9F0 F . 1.44 -6.68 -4.60
H31 9F0 F . 0.93 -12.37 -3.84
H29 9F0 F . -1.28 -9.95 -6.54
H91 9F0 F . 0.11 -13.97 -6.49
H9V 9F0 F . -1.34 -15.70 -6.70
H60 9F0 F . -0.55 -16.25 -5.21
H9W 9F0 F . -3.13 -16.18 -5.15
H61 9F0 F . -2.30 -15.30 -3.84
H59 9F0 F . -3.97 -13.59 -3.40
H9U 9F0 F . -5.19 -14.06 -4.61
H58 9F0 F . -5.10 -11.55 -3.99
H9T 9F0 F . -5.05 -11.93 -5.72
H48 9F0 F . -2.97 -10.75 -4.05
H9 9F0 F . 8.30 -4.66 -5.75
H6 9F0 F . 8.35 -7.23 -1.48
H26 9F0 F . 13.20 -8.93 -2.12
H43 9F0 F . 15.52 -5.12 -1.06
H9S 9F0 F . 18.02 -6.60 -1.45
H57 9F0 F . 17.79 -4.98 -0.78
H9R 9F0 F . 18.58 -6.77 0.89
H56 9F0 F . 17.11 -5.88 1.38
H9Q 9F0 F . 17.24 -8.85 2.61
H55 9F0 F . 15.94 -7.62 2.71
H54 9F0 F . 14.90 -9.87 2.76
H9P 9F0 F . 15.78 -10.34 1.29
H44 9F0 F . 13.44 -8.56 1.54
H41 9F0 F . 2.04 3.62 -8.62
H42 9F0 F . 6.82 3.39 -10.31
H9Z 9F0 F . 15.90 -6.22 -2.23
H90 9F0 F . 13.78 -9.66 0.36
H45 9F0 F . 17.26 -8.59 0.23
H46 9F0 F . -3.53 -14.15 -6.26
H47 9F0 F . 0.31 -14.16 -4.86
H92 9F0 F . -3.21 -10.59 -5.67
H49 9F0 F . 3.49 5.53 -11.34
#